data_5UEZ
# 
_entry.id   5UEZ 
# 
_audit_conform.dict_name       mmcif_pdbx.dic 
_audit_conform.dict_version    5.389 
_audit_conform.dict_location   http://mmcif.pdb.org/dictionaries/ascii/mmcif_pdbx.dic 
# 
loop_
_database_2.database_id 
_database_2.database_code 
_database_2.pdbx_database_accession 
_database_2.pdbx_DOI 
PDB   5UEZ         pdb_00005uez 10.2210/pdb5uez/pdb 
WWPDB D_1000224189 ?            ?                   
# 
loop_
_pdbx_audit_revision_history.ordinal 
_pdbx_audit_revision_history.data_content_type 
_pdbx_audit_revision_history.major_revision 
_pdbx_audit_revision_history.minor_revision 
_pdbx_audit_revision_history.revision_date 
1 'Structure model' 1 0 2017-05-10 
2 'Structure model' 1 1 2017-05-24 
3 'Structure model' 1 2 2024-03-06 
4 'Structure model' 1 3 2024-04-03 
# 
_pdbx_audit_revision_details.ordinal             1 
_pdbx_audit_revision_details.revision_ordinal    1 
_pdbx_audit_revision_details.data_content_type   'Structure model' 
_pdbx_audit_revision_details.provider            repository 
_pdbx_audit_revision_details.type                'Initial release' 
_pdbx_audit_revision_details.description         ? 
_pdbx_audit_revision_details.details             ? 
# 
loop_
_pdbx_audit_revision_group.ordinal 
_pdbx_audit_revision_group.revision_ordinal 
_pdbx_audit_revision_group.data_content_type 
_pdbx_audit_revision_group.group 
1 2 'Structure model' 'Database references'    
2 3 'Structure model' 'Data collection'        
3 3 'Structure model' 'Database references'    
4 4 'Structure model' 'Refinement description' 
# 
loop_
_pdbx_audit_revision_category.ordinal 
_pdbx_audit_revision_category.revision_ordinal 
_pdbx_audit_revision_category.data_content_type 
_pdbx_audit_revision_category.category 
1 3 'Structure model' chem_comp_atom                
2 3 'Structure model' chem_comp_bond                
3 3 'Structure model' database_2                    
4 4 'Structure model' pdbx_initial_refinement_model 
# 
loop_
_pdbx_audit_revision_item.ordinal 
_pdbx_audit_revision_item.revision_ordinal 
_pdbx_audit_revision_item.data_content_type 
_pdbx_audit_revision_item.item 
1 3 'Structure model' '_database_2.pdbx_DOI'                
2 3 'Structure model' '_database_2.pdbx_database_accession' 
# 
_pdbx_database_status.status_code                     REL 
_pdbx_database_status.status_code_sf                  REL 
_pdbx_database_status.status_code_mr                  ? 
_pdbx_database_status.entry_id                        5UEZ 
_pdbx_database_status.recvd_initial_deposition_date   2017-01-03 
_pdbx_database_status.SG_entry                        N 
_pdbx_database_status.deposit_site                    RCSB 
_pdbx_database_status.process_site                    RCSB 
_pdbx_database_status.status_code_cs                  ? 
_pdbx_database_status.methods_development_category    ? 
_pdbx_database_status.pdb_format_compatible           Y 
_pdbx_database_status.status_code_nmr_data            ? 
# 
loop_
_pdbx_database_related.content_type 
_pdbx_database_related.db_id 
_pdbx_database_related.db_name 
_pdbx_database_related.details 
unspecified 5UF0 PDB . 
unspecified 5UEY PDB . 
unspecified 5UEX PDB . 
unspecified 5UEV PDB . 
unspecified 5UEP PDB . 
unspecified 5UET PDB . 
unspecified 5UES PDB . 
unspecified 5UER PDB . 
unspecified 5UEQ PDB . 
unspecified 5UEU PDB . 
unspecified 5UEO PDB . 
unspecified 5UEW PDB . 
# 
_audit_author.name               'Park, C.H.' 
_audit_author.pdbx_ordinal       1 
_audit_author.identifier_ORCID   ? 
# 
_citation.abstract                  ? 
_citation.abstract_id_CAS           ? 
_citation.book_id_ISBN              ? 
_citation.book_publisher            ? 
_citation.book_publisher_city       ? 
_citation.book_title                ? 
_citation.coordinate_linkage        ? 
_citation.country                   US 
_citation.database_id_Medline       ? 
_citation.details                   ? 
_citation.id                        primary 
_citation.journal_abbrev            'J. Med. Chem.' 
_citation.journal_id_ASTM           JMCMAR 
_citation.journal_id_CSD            0151 
_citation.journal_id_ISSN           1520-4804 
_citation.journal_full              ? 
_citation.journal_issue             ? 
_citation.journal_volume            60 
_citation.language                  ? 
_citation.page_first                3828 
_citation.page_last                 3850 
_citation.title                     
;Fragment-Based, Structure-Enabled Discovery of Novel Pyridones and Pyridone Macrocycles as Potent Bromodomain and Extra-Terminal Domain (BET) Family Bromodomain Inhibitors.
;
_citation.year                      2017 
_citation.database_id_CSD           ? 
_citation.pdbx_database_id_DOI      10.1021/acs.jmedchem.7b00017 
_citation.pdbx_database_id_PubMed   28368119 
_citation.unpublished_flag          ? 
# 
loop_
_citation_author.citation_id 
_citation_author.name 
_citation_author.ordinal 
_citation_author.identifier_ORCID 
primary 'Wang, L.'        1  ? 
primary 'Pratt, J.K.'     2  ? 
primary 'Soltwedel, T.'   3  ? 
primary 'Sheppard, G.S.'  4  ? 
primary 'Fidanze, S.D.'   5  ? 
primary 'Liu, D.'         6  ? 
primary 'Hasvold, L.A.'   7  ? 
primary 'Mantei, R.A.'    8  ? 
primary 'Holms, J.H.'     9  ? 
primary 'McClellan, W.J.' 10 ? 
primary 'Wendt, M.D.'     11 ? 
primary 'Wada, C.'        12 ? 
primary 'Frey, R.'        13 ? 
primary 'Hansen, T.M.'    14 ? 
primary 'Hubbard, R.'     15 ? 
primary 'Park, C.H.'      16 ? 
primary 'Li, L.'          17 ? 
primary 'Magoc, T.J.'     18 ? 
primary 'Albert, D.H.'    19 ? 
primary 'Lin, X.'         20 ? 
primary 'Warder, S.E.'    21 ? 
primary 'Kovar, P.'       22 ? 
primary 'Huang, X.'       23 ? 
primary 'Wilcox, D.'      24 ? 
primary 'Wang, R.'        25 ? 
primary 'Rajaraman, G.'   26 ? 
primary 'Petros, A.M.'    27 ? 
primary 'Hutchins, C.W.'  28 ? 
primary 'Panchal, S.C.'   29 ? 
primary 'Sun, C.'         30 ? 
primary 'Elmore, S.W.'    31 ? 
primary 'Shen, Y.'        32 ? 
primary 'Kati, W.M.'      33 ? 
primary 'McDaniel, K.F.'  34 ? 
# 
loop_
_entity.id 
_entity.type 
_entity.src_method 
_entity.pdbx_description 
_entity.formula_weight 
_entity.pdbx_number_of_molecules 
_entity.pdbx_ec 
_entity.pdbx_mutation 
_entity.pdbx_fragment 
_entity.details 
1 polymer     man 'Bromodomain-containing protein 4'                          12806.933 1   ? ? 'residues 352-457' ? 
2 non-polymer syn '5-methoxy-2-methyl-6-(2-phenoxyphenyl)pyridazin-3(2H)-one' 308.331   1   ? ? ?                  ? 
3 water       nat water                                                       18.015    183 ? ? ?                  ? 
# 
_entity_name_com.entity_id   1 
_entity_name_com.name        'Protein HUNK1' 
# 
_entity_poly.entity_id                      1 
_entity_poly.type                           'polypeptide(L)' 
_entity_poly.nstd_linkage                   no 
_entity_poly.nstd_monomer                   no 
_entity_poly.pdbx_seq_one_letter_code       
;SHMEQLKCCSGILKEMFAKKHAAYAWPFYKPVDVEALGLHDYCDIIKHPMDMSTIKSKLEAREYRDAQEFGADVRLMFSN
CYKYNPPDHEVVAMARKLQDVFEMRFAKM
;
_entity_poly.pdbx_seq_one_letter_code_can   
;SHMEQLKCCSGILKEMFAKKHAAYAWPFYKPVDVEALGLHDYCDIIKHPMDMSTIKSKLEAREYRDAQEFGADVRLMFSN
CYKYNPPDHEVVAMARKLQDVFEMRFAKM
;
_entity_poly.pdbx_strand_id                 A 
_entity_poly.pdbx_target_identifier         ? 
# 
loop_
_pdbx_entity_nonpoly.entity_id 
_pdbx_entity_nonpoly.name 
_pdbx_entity_nonpoly.comp_id 
2 '5-methoxy-2-methyl-6-(2-phenoxyphenyl)pyridazin-3(2H)-one' 89G 
3 water                                                       HOH 
# 
loop_
_entity_poly_seq.entity_id 
_entity_poly_seq.num 
_entity_poly_seq.mon_id 
_entity_poly_seq.hetero 
1 1   SER n 
1 2   HIS n 
1 3   MET n 
1 4   GLU n 
1 5   GLN n 
1 6   LEU n 
1 7   LYS n 
1 8   CYS n 
1 9   CYS n 
1 10  SER n 
1 11  GLY n 
1 12  ILE n 
1 13  LEU n 
1 14  LYS n 
1 15  GLU n 
1 16  MET n 
1 17  PHE n 
1 18  ALA n 
1 19  LYS n 
1 20  LYS n 
1 21  HIS n 
1 22  ALA n 
1 23  ALA n 
1 24  TYR n 
1 25  ALA n 
1 26  TRP n 
1 27  PRO n 
1 28  PHE n 
1 29  TYR n 
1 30  LYS n 
1 31  PRO n 
1 32  VAL n 
1 33  ASP n 
1 34  VAL n 
1 35  GLU n 
1 36  ALA n 
1 37  LEU n 
1 38  GLY n 
1 39  LEU n 
1 40  HIS n 
1 41  ASP n 
1 42  TYR n 
1 43  CYS n 
1 44  ASP n 
1 45  ILE n 
1 46  ILE n 
1 47  LYS n 
1 48  HIS n 
1 49  PRO n 
1 50  MET n 
1 51  ASP n 
1 52  MET n 
1 53  SER n 
1 54  THR n 
1 55  ILE n 
1 56  LYS n 
1 57  SER n 
1 58  LYS n 
1 59  LEU n 
1 60  GLU n 
1 61  ALA n 
1 62  ARG n 
1 63  GLU n 
1 64  TYR n 
1 65  ARG n 
1 66  ASP n 
1 67  ALA n 
1 68  GLN n 
1 69  GLU n 
1 70  PHE n 
1 71  GLY n 
1 72  ALA n 
1 73  ASP n 
1 74  VAL n 
1 75  ARG n 
1 76  LEU n 
1 77  MET n 
1 78  PHE n 
1 79  SER n 
1 80  ASN n 
1 81  CYS n 
1 82  TYR n 
1 83  LYS n 
1 84  TYR n 
1 85  ASN n 
1 86  PRO n 
1 87  PRO n 
1 88  ASP n 
1 89  HIS n 
1 90  GLU n 
1 91  VAL n 
1 92  VAL n 
1 93  ALA n 
1 94  MET n 
1 95  ALA n 
1 96  ARG n 
1 97  LYS n 
1 98  LEU n 
1 99  GLN n 
1 100 ASP n 
1 101 VAL n 
1 102 PHE n 
1 103 GLU n 
1 104 MET n 
1 105 ARG n 
1 106 PHE n 
1 107 ALA n 
1 108 LYS n 
1 109 MET n 
# 
_entity_src_gen.entity_id                          1 
_entity_src_gen.pdbx_src_id                        1 
_entity_src_gen.pdbx_alt_source_flag               sample 
_entity_src_gen.pdbx_seq_type                      'Biological sequence' 
_entity_src_gen.pdbx_beg_seq_num                   1 
_entity_src_gen.pdbx_end_seq_num                   109 
_entity_src_gen.gene_src_common_name               Human 
_entity_src_gen.gene_src_genus                     ? 
_entity_src_gen.pdbx_gene_src_gene                 'BRD4, HUNK1' 
_entity_src_gen.gene_src_species                   ? 
_entity_src_gen.gene_src_strain                    ? 
_entity_src_gen.gene_src_tissue                    ? 
_entity_src_gen.gene_src_tissue_fraction           ? 
_entity_src_gen.gene_src_details                   ? 
_entity_src_gen.pdbx_gene_src_fragment             ? 
_entity_src_gen.pdbx_gene_src_scientific_name      'Homo sapiens' 
_entity_src_gen.pdbx_gene_src_ncbi_taxonomy_id     9606 
_entity_src_gen.pdbx_gene_src_variant              ? 
_entity_src_gen.pdbx_gene_src_cell_line            ? 
_entity_src_gen.pdbx_gene_src_atcc                 ? 
_entity_src_gen.pdbx_gene_src_organ                ? 
_entity_src_gen.pdbx_gene_src_organelle            ? 
_entity_src_gen.pdbx_gene_src_cell                 ? 
_entity_src_gen.pdbx_gene_src_cellular_location    ? 
_entity_src_gen.host_org_common_name               ? 
_entity_src_gen.pdbx_host_org_scientific_name      'Escherichia coli-Pichia pastoris shuttle vector pPpARG4' 
_entity_src_gen.pdbx_host_org_ncbi_taxonomy_id     1182032 
_entity_src_gen.host_org_genus                     ? 
_entity_src_gen.pdbx_host_org_gene                 ? 
_entity_src_gen.pdbx_host_org_organ                ? 
_entity_src_gen.host_org_species                   ? 
_entity_src_gen.pdbx_host_org_tissue               ? 
_entity_src_gen.pdbx_host_org_tissue_fraction      ? 
_entity_src_gen.pdbx_host_org_strain               ? 
_entity_src_gen.pdbx_host_org_variant              ? 
_entity_src_gen.pdbx_host_org_cell_line            ? 
_entity_src_gen.pdbx_host_org_atcc                 ? 
_entity_src_gen.pdbx_host_org_culture_collection   ? 
_entity_src_gen.pdbx_host_org_cell                 ? 
_entity_src_gen.pdbx_host_org_organelle            ? 
_entity_src_gen.pdbx_host_org_cellular_location    ? 
_entity_src_gen.pdbx_host_org_vector_type          ? 
_entity_src_gen.pdbx_host_org_vector               ? 
_entity_src_gen.host_org_details                   ? 
_entity_src_gen.expression_system_id               ? 
_entity_src_gen.plasmid_name                       ? 
_entity_src_gen.plasmid_details                    ? 
_entity_src_gen.pdbx_description                   ? 
# 
loop_
_chem_comp.id 
_chem_comp.type 
_chem_comp.mon_nstd_flag 
_chem_comp.name 
_chem_comp.pdbx_synonyms 
_chem_comp.formula 
_chem_comp.formula_weight 
89G non-polymer         . '5-methoxy-2-methyl-6-(2-phenoxyphenyl)pyridazin-3(2H)-one' ? 'C18 H16 N2 O3'  308.331 
ALA 'L-peptide linking' y ALANINE                                                     ? 'C3 H7 N O2'     89.093  
ARG 'L-peptide linking' y ARGININE                                                    ? 'C6 H15 N4 O2 1' 175.209 
ASN 'L-peptide linking' y ASPARAGINE                                                  ? 'C4 H8 N2 O3'    132.118 
ASP 'L-peptide linking' y 'ASPARTIC ACID'                                             ? 'C4 H7 N O4'     133.103 
CYS 'L-peptide linking' y CYSTEINE                                                    ? 'C3 H7 N O2 S'   121.158 
GLN 'L-peptide linking' y GLUTAMINE                                                   ? 'C5 H10 N2 O3'   146.144 
GLU 'L-peptide linking' y 'GLUTAMIC ACID'                                             ? 'C5 H9 N O4'     147.129 
GLY 'peptide linking'   y GLYCINE                                                     ? 'C2 H5 N O2'     75.067  
HIS 'L-peptide linking' y HISTIDINE                                                   ? 'C6 H10 N3 O2 1' 156.162 
HOH non-polymer         . WATER                                                       ? 'H2 O'           18.015  
ILE 'L-peptide linking' y ISOLEUCINE                                                  ? 'C6 H13 N O2'    131.173 
LEU 'L-peptide linking' y LEUCINE                                                     ? 'C6 H13 N O2'    131.173 
LYS 'L-peptide linking' y LYSINE                                                      ? 'C6 H15 N2 O2 1' 147.195 
MET 'L-peptide linking' y METHIONINE                                                  ? 'C5 H11 N O2 S'  149.211 
PHE 'L-peptide linking' y PHENYLALANINE                                               ? 'C9 H11 N O2'    165.189 
PRO 'L-peptide linking' y PROLINE                                                     ? 'C5 H9 N O2'     115.130 
SER 'L-peptide linking' y SERINE                                                      ? 'C3 H7 N O3'     105.093 
THR 'L-peptide linking' y THREONINE                                                   ? 'C4 H9 N O3'     119.119 
TRP 'L-peptide linking' y TRYPTOPHAN                                                  ? 'C11 H12 N2 O2'  204.225 
TYR 'L-peptide linking' y TYROSINE                                                    ? 'C9 H11 N O3'    181.189 
VAL 'L-peptide linking' y VALINE                                                      ? 'C5 H11 N O2'    117.146 
# 
loop_
_pdbx_poly_seq_scheme.asym_id 
_pdbx_poly_seq_scheme.entity_id 
_pdbx_poly_seq_scheme.seq_id 
_pdbx_poly_seq_scheme.mon_id 
_pdbx_poly_seq_scheme.ndb_seq_num 
_pdbx_poly_seq_scheme.pdb_seq_num 
_pdbx_poly_seq_scheme.auth_seq_num 
_pdbx_poly_seq_scheme.pdb_mon_id 
_pdbx_poly_seq_scheme.auth_mon_id 
_pdbx_poly_seq_scheme.pdb_strand_id 
_pdbx_poly_seq_scheme.pdb_ins_code 
_pdbx_poly_seq_scheme.hetero 
A 1 1   SER 1   349 349 SER SER A . n 
A 1 2   HIS 2   350 350 HIS HIS A . n 
A 1 3   MET 3   351 351 MET MET A . n 
A 1 4   GLU 4   352 352 GLU GLU A . n 
A 1 5   GLN 5   353 353 GLN GLN A . n 
A 1 6   LEU 6   354 354 LEU LEU A . n 
A 1 7   LYS 7   355 355 LYS LYS A . n 
A 1 8   CYS 8   356 356 CYS CYS A . n 
A 1 9   CYS 9   357 357 CYS CYS A . n 
A 1 10  SER 10  358 358 SER SER A . n 
A 1 11  GLY 11  359 359 GLY GLY A . n 
A 1 12  ILE 12  360 360 ILE ILE A . n 
A 1 13  LEU 13  361 361 LEU LEU A . n 
A 1 14  LYS 14  362 362 LYS LYS A . n 
A 1 15  GLU 15  363 363 GLU GLU A . n 
A 1 16  MET 16  364 364 MET MET A . n 
A 1 17  PHE 17  365 365 PHE PHE A . n 
A 1 18  ALA 18  366 366 ALA ALA A . n 
A 1 19  LYS 19  367 367 LYS LYS A . n 
A 1 20  LYS 20  368 368 LYS LYS A . n 
A 1 21  HIS 21  369 369 HIS HIS A . n 
A 1 22  ALA 22  370 370 ALA ALA A . n 
A 1 23  ALA 23  371 371 ALA ALA A . n 
A 1 24  TYR 24  372 372 TYR TYR A . n 
A 1 25  ALA 25  373 373 ALA ALA A . n 
A 1 26  TRP 26  374 374 TRP TRP A . n 
A 1 27  PRO 27  375 375 PRO PRO A . n 
A 1 28  PHE 28  376 376 PHE PHE A . n 
A 1 29  TYR 29  377 377 TYR TYR A . n 
A 1 30  LYS 30  378 378 LYS LYS A . n 
A 1 31  PRO 31  379 379 PRO PRO A . n 
A 1 32  VAL 32  380 380 VAL VAL A . n 
A 1 33  ASP 33  381 381 ASP ASP A . n 
A 1 34  VAL 34  382 382 VAL VAL A . n 
A 1 35  GLU 35  383 383 GLU GLU A . n 
A 1 36  ALA 36  384 384 ALA ALA A . n 
A 1 37  LEU 37  385 385 LEU LEU A . n 
A 1 38  GLY 38  386 386 GLY GLY A . n 
A 1 39  LEU 39  387 387 LEU LEU A . n 
A 1 40  HIS 40  388 388 HIS HIS A . n 
A 1 41  ASP 41  389 389 ASP ASP A . n 
A 1 42  TYR 42  390 390 TYR TYR A . n 
A 1 43  CYS 43  391 391 CYS CYS A . n 
A 1 44  ASP 44  392 392 ASP ASP A . n 
A 1 45  ILE 45  393 393 ILE ILE A . n 
A 1 46  ILE 46  394 394 ILE ILE A . n 
A 1 47  LYS 47  395 395 LYS LYS A . n 
A 1 48  HIS 48  396 396 HIS HIS A . n 
A 1 49  PRO 49  397 397 PRO PRO A . n 
A 1 50  MET 50  398 398 MET MET A . n 
A 1 51  ASP 51  399 399 ASP ASP A . n 
A 1 52  MET 52  400 400 MET MET A . n 
A 1 53  SER 53  401 401 SER SER A . n 
A 1 54  THR 54  402 402 THR THR A . n 
A 1 55  ILE 55  403 403 ILE ILE A . n 
A 1 56  LYS 56  404 404 LYS LYS A . n 
A 1 57  SER 57  405 405 SER SER A . n 
A 1 58  LYS 58  406 406 LYS LYS A . n 
A 1 59  LEU 59  407 407 LEU LEU A . n 
A 1 60  GLU 60  408 408 GLU GLU A . n 
A 1 61  ALA 61  409 409 ALA ALA A . n 
A 1 62  ARG 62  410 410 ARG ARG A . n 
A 1 63  GLU 63  411 411 GLU GLU A . n 
A 1 64  TYR 64  412 412 TYR TYR A . n 
A 1 65  ARG 65  413 413 ARG ARG A . n 
A 1 66  ASP 66  414 414 ASP ASP A . n 
A 1 67  ALA 67  415 415 ALA ALA A . n 
A 1 68  GLN 68  416 416 GLN GLN A . n 
A 1 69  GLU 69  417 417 GLU GLU A . n 
A 1 70  PHE 70  418 418 PHE PHE A . n 
A 1 71  GLY 71  419 419 GLY GLY A . n 
A 1 72  ALA 72  420 420 ALA ALA A . n 
A 1 73  ASP 73  421 421 ASP ASP A . n 
A 1 74  VAL 74  422 422 VAL VAL A . n 
A 1 75  ARG 75  423 423 ARG ARG A . n 
A 1 76  LEU 76  424 424 LEU LEU A . n 
A 1 77  MET 77  425 425 MET MET A . n 
A 1 78  PHE 78  426 426 PHE PHE A . n 
A 1 79  SER 79  427 427 SER SER A . n 
A 1 80  ASN 80  428 428 ASN ASN A . n 
A 1 81  CYS 81  429 429 CYS CYS A . n 
A 1 82  TYR 82  430 430 TYR TYR A . n 
A 1 83  LYS 83  431 431 LYS LYS A . n 
A 1 84  TYR 84  432 432 TYR TYR A . n 
A 1 85  ASN 85  433 433 ASN ASN A . n 
A 1 86  PRO 86  434 434 PRO PRO A . n 
A 1 87  PRO 87  435 435 PRO PRO A . n 
A 1 88  ASP 88  436 436 ASP ASP A . n 
A 1 89  HIS 89  437 437 HIS HIS A . n 
A 1 90  GLU 90  438 438 GLU GLU A . n 
A 1 91  VAL 91  439 439 VAL VAL A . n 
A 1 92  VAL 92  440 440 VAL VAL A . n 
A 1 93  ALA 93  441 441 ALA ALA A . n 
A 1 94  MET 94  442 442 MET MET A . n 
A 1 95  ALA 95  443 443 ALA ALA A . n 
A 1 96  ARG 96  444 444 ARG ARG A . n 
A 1 97  LYS 97  445 445 LYS LYS A . n 
A 1 98  LEU 98  446 446 LEU LEU A . n 
A 1 99  GLN 99  447 447 GLN GLN A . n 
A 1 100 ASP 100 448 448 ASP ASP A . n 
A 1 101 VAL 101 449 449 VAL VAL A . n 
A 1 102 PHE 102 450 450 PHE PHE A . n 
A 1 103 GLU 103 451 451 GLU GLU A . n 
A 1 104 MET 104 452 452 MET MET A . n 
A 1 105 ARG 105 453 453 ARG ARG A . n 
A 1 106 PHE 106 454 454 PHE PHE A . n 
A 1 107 ALA 107 455 455 ALA ALA A . n 
A 1 108 LYS 108 456 456 LYS LYS A . n 
A 1 109 MET 109 457 457 MET MET A . n 
# 
loop_
_pdbx_nonpoly_scheme.asym_id 
_pdbx_nonpoly_scheme.entity_id 
_pdbx_nonpoly_scheme.mon_id 
_pdbx_nonpoly_scheme.ndb_seq_num 
_pdbx_nonpoly_scheme.pdb_seq_num 
_pdbx_nonpoly_scheme.auth_seq_num 
_pdbx_nonpoly_scheme.pdb_mon_id 
_pdbx_nonpoly_scheme.auth_mon_id 
_pdbx_nonpoly_scheme.pdb_strand_id 
_pdbx_nonpoly_scheme.pdb_ins_code 
B 2 89G 1   501 1   89G LIG A . 
C 3 HOH 1   601 10  HOH HOH A . 
C 3 HOH 2   602 1   HOH HOH A . 
C 3 HOH 3   603 179 HOH HOH A . 
C 3 HOH 4   604 144 HOH HOH A . 
C 3 HOH 5   605 12  HOH HOH A . 
C 3 HOH 6   606 15  HOH HOH A . 
C 3 HOH 7   607 9   HOH HOH A . 
C 3 HOH 8   608 86  HOH HOH A . 
C 3 HOH 9   609 45  HOH HOH A . 
C 3 HOH 10  610 27  HOH HOH A . 
C 3 HOH 11  611 57  HOH HOH A . 
C 3 HOH 12  612 62  HOH HOH A . 
C 3 HOH 13  613 55  HOH HOH A . 
C 3 HOH 14  614 147 HOH HOH A . 
C 3 HOH 15  615 126 HOH HOH A . 
C 3 HOH 16  616 35  HOH HOH A . 
C 3 HOH 17  617 2   HOH HOH A . 
C 3 HOH 18  618 56  HOH HOH A . 
C 3 HOH 19  619 47  HOH HOH A . 
C 3 HOH 20  620 11  HOH HOH A . 
C 3 HOH 21  621 121 HOH HOH A . 
C 3 HOH 22  622 133 HOH HOH A . 
C 3 HOH 23  623 68  HOH HOH A . 
C 3 HOH 24  624 29  HOH HOH A . 
C 3 HOH 25  625 122 HOH HOH A . 
C 3 HOH 26  626 37  HOH HOH A . 
C 3 HOH 27  627 173 HOH HOH A . 
C 3 HOH 28  628 169 HOH HOH A . 
C 3 HOH 29  629 33  HOH HOH A . 
C 3 HOH 30  630 14  HOH HOH A . 
C 3 HOH 31  631 23  HOH HOH A . 
C 3 HOH 32  632 139 HOH HOH A . 
C 3 HOH 33  633 48  HOH HOH A . 
C 3 HOH 34  634 61  HOH HOH A . 
C 3 HOH 35  635 44  HOH HOH A . 
C 3 HOH 36  636 175 HOH HOH A . 
C 3 HOH 37  637 112 HOH HOH A . 
C 3 HOH 38  638 80  HOH HOH A . 
C 3 HOH 39  639 176 HOH HOH A . 
C 3 HOH 40  640 182 HOH HOH A . 
C 3 HOH 41  641 63  HOH HOH A . 
C 3 HOH 42  642 118 HOH HOH A . 
C 3 HOH 43  643 16  HOH HOH A . 
C 3 HOH 44  644 88  HOH HOH A . 
C 3 HOH 45  645 98  HOH HOH A . 
C 3 HOH 46  646 24  HOH HOH A . 
C 3 HOH 47  647 105 HOH HOH A . 
C 3 HOH 48  648 8   HOH HOH A . 
C 3 HOH 49  649 4   HOH HOH A . 
C 3 HOH 50  650 69  HOH HOH A . 
C 3 HOH 51  651 17  HOH HOH A . 
C 3 HOH 52  652 43  HOH HOH A . 
C 3 HOH 53  653 20  HOH HOH A . 
C 3 HOH 54  654 13  HOH HOH A . 
C 3 HOH 55  655 51  HOH HOH A . 
C 3 HOH 56  656 30  HOH HOH A . 
C 3 HOH 57  657 39  HOH HOH A . 
C 3 HOH 58  658 149 HOH HOH A . 
C 3 HOH 59  659 131 HOH HOH A . 
C 3 HOH 60  660 104 HOH HOH A . 
C 3 HOH 61  661 170 HOH HOH A . 
C 3 HOH 62  662 54  HOH HOH A . 
C 3 HOH 63  663 49  HOH HOH A . 
C 3 HOH 64  664 31  HOH HOH A . 
C 3 HOH 65  665 77  HOH HOH A . 
C 3 HOH 66  666 172 HOH HOH A . 
C 3 HOH 67  667 159 HOH HOH A . 
C 3 HOH 68  668 156 HOH HOH A . 
C 3 HOH 69  669 151 HOH HOH A . 
C 3 HOH 70  670 46  HOH HOH A . 
C 3 HOH 71  671 76  HOH HOH A . 
C 3 HOH 72  672 70  HOH HOH A . 
C 3 HOH 73  673 5   HOH HOH A . 
C 3 HOH 74  674 138 HOH HOH A . 
C 3 HOH 75  675 152 HOH HOH A . 
C 3 HOH 76  676 42  HOH HOH A . 
C 3 HOH 77  677 82  HOH HOH A . 
C 3 HOH 78  678 32  HOH HOH A . 
C 3 HOH 79  679 166 HOH HOH A . 
C 3 HOH 80  680 96  HOH HOH A . 
C 3 HOH 81  681 92  HOH HOH A . 
C 3 HOH 82  682 58  HOH HOH A . 
C 3 HOH 83  683 116 HOH HOH A . 
C 3 HOH 84  684 142 HOH HOH A . 
C 3 HOH 85  685 91  HOH HOH A . 
C 3 HOH 86  686 64  HOH HOH A . 
C 3 HOH 87  687 178 HOH HOH A . 
C 3 HOH 88  688 111 HOH HOH A . 
C 3 HOH 89  689 6   HOH HOH A . 
C 3 HOH 90  690 79  HOH HOH A . 
C 3 HOH 91  691 78  HOH HOH A . 
C 3 HOH 92  692 124 HOH HOH A . 
C 3 HOH 93  693 21  HOH HOH A . 
C 3 HOH 94  694 26  HOH HOH A . 
C 3 HOH 95  695 74  HOH HOH A . 
C 3 HOH 96  696 67  HOH HOH A . 
C 3 HOH 97  697 50  HOH HOH A . 
C 3 HOH 98  698 7   HOH HOH A . 
C 3 HOH 99  699 65  HOH HOH A . 
C 3 HOH 100 700 3   HOH HOH A . 
C 3 HOH 101 701 18  HOH HOH A . 
C 3 HOH 102 702 19  HOH HOH A . 
C 3 HOH 103 703 38  HOH HOH A . 
C 3 HOH 104 704 28  HOH HOH A . 
C 3 HOH 105 705 117 HOH HOH A . 
C 3 HOH 106 706 141 HOH HOH A . 
C 3 HOH 107 707 87  HOH HOH A . 
C 3 HOH 108 708 127 HOH HOH A . 
C 3 HOH 109 709 160 HOH HOH A . 
C 3 HOH 110 710 41  HOH HOH A . 
C 3 HOH 111 711 53  HOH HOH A . 
C 3 HOH 112 712 25  HOH HOH A . 
C 3 HOH 113 713 183 HOH HOH A . 
C 3 HOH 114 714 101 HOH HOH A . 
C 3 HOH 115 715 72  HOH HOH A . 
C 3 HOH 116 716 73  HOH HOH A . 
C 3 HOH 117 717 52  HOH HOH A . 
C 3 HOH 118 718 90  HOH HOH A . 
C 3 HOH 119 719 100 HOH HOH A . 
C 3 HOH 120 720 40  HOH HOH A . 
C 3 HOH 121 721 140 HOH HOH A . 
C 3 HOH 122 722 59  HOH HOH A . 
C 3 HOH 123 723 99  HOH HOH A . 
C 3 HOH 124 724 177 HOH HOH A . 
C 3 HOH 125 725 71  HOH HOH A . 
C 3 HOH 126 726 123 HOH HOH A . 
C 3 HOH 127 727 154 HOH HOH A . 
C 3 HOH 128 728 180 HOH HOH A . 
C 3 HOH 129 729 157 HOH HOH A . 
C 3 HOH 130 730 150 HOH HOH A . 
C 3 HOH 131 731 81  HOH HOH A . 
C 3 HOH 132 732 165 HOH HOH A . 
C 3 HOH 133 733 181 HOH HOH A . 
C 3 HOH 134 734 22  HOH HOH A . 
C 3 HOH 135 735 119 HOH HOH A . 
C 3 HOH 136 736 95  HOH HOH A . 
C 3 HOH 137 737 93  HOH HOH A . 
C 3 HOH 138 738 36  HOH HOH A . 
C 3 HOH 139 739 174 HOH HOH A . 
C 3 HOH 140 740 83  HOH HOH A . 
C 3 HOH 141 741 148 HOH HOH A . 
C 3 HOH 142 742 171 HOH HOH A . 
C 3 HOH 143 743 158 HOH HOH A . 
C 3 HOH 144 744 161 HOH HOH A . 
C 3 HOH 145 745 129 HOH HOH A . 
C 3 HOH 146 746 113 HOH HOH A . 
C 3 HOH 147 747 163 HOH HOH A . 
C 3 HOH 148 748 107 HOH HOH A . 
C 3 HOH 149 749 164 HOH HOH A . 
C 3 HOH 150 750 114 HOH HOH A . 
C 3 HOH 151 751 102 HOH HOH A . 
C 3 HOH 152 752 34  HOH HOH A . 
C 3 HOH 153 753 128 HOH HOH A . 
C 3 HOH 154 754 106 HOH HOH A . 
C 3 HOH 155 755 85  HOH HOH A . 
C 3 HOH 156 756 84  HOH HOH A . 
C 3 HOH 157 757 155 HOH HOH A . 
C 3 HOH 158 758 145 HOH HOH A . 
C 3 HOH 159 759 66  HOH HOH A . 
C 3 HOH 160 760 103 HOH HOH A . 
C 3 HOH 161 761 137 HOH HOH A . 
C 3 HOH 162 762 60  HOH HOH A . 
C 3 HOH 163 763 134 HOH HOH A . 
C 3 HOH 164 764 132 HOH HOH A . 
C 3 HOH 165 765 125 HOH HOH A . 
C 3 HOH 166 766 115 HOH HOH A . 
C 3 HOH 167 767 130 HOH HOH A . 
C 3 HOH 168 768 89  HOH HOH A . 
C 3 HOH 169 769 168 HOH HOH A . 
C 3 HOH 170 770 75  HOH HOH A . 
C 3 HOH 171 771 109 HOH HOH A . 
C 3 HOH 172 772 153 HOH HOH A . 
C 3 HOH 173 773 167 HOH HOH A . 
C 3 HOH 174 774 162 HOH HOH A . 
C 3 HOH 175 775 120 HOH HOH A . 
C 3 HOH 176 776 136 HOH HOH A . 
C 3 HOH 177 777 94  HOH HOH A . 
C 3 HOH 178 778 110 HOH HOH A . 
C 3 HOH 179 779 146 HOH HOH A . 
C 3 HOH 180 780 97  HOH HOH A . 
C 3 HOH 181 781 135 HOH HOH A . 
C 3 HOH 182 782 143 HOH HOH A . 
C 3 HOH 183 783 108 HOH HOH A . 
# 
loop_
_software.citation_id 
_software.classification 
_software.compiler_name 
_software.compiler_version 
_software.contact_author 
_software.contact_author_email 
_software.date 
_software.description 
_software.dependencies 
_software.hardware 
_software.language 
_software.location 
_software.mods 
_software.name 
_software.os 
_software.os_version 
_software.type 
_software.version 
_software.pdbx_ordinal 
? 'data scaling'   ? ? ? ? ? ? ? ? ? ? ? SCALA  ? ? ? .      1 
? 'data reduction' ? ? ? ? ? ? ? ? ? ? ? XDS    ? ? ? .      2 
? 'model building' ? ? ? ? ? ? ? ? ? ? ? Coot   ? ? ? .      3 
? refinement       ? ? ? ? ? ? ? ? ? ? ? BUSTER ? ? ? 2.11.7 4 
# 
_cell.angle_alpha                  90.00 
_cell.angle_alpha_esd              ? 
_cell.angle_beta                   90.00 
_cell.angle_beta_esd               ? 
_cell.angle_gamma                  90.00 
_cell.angle_gamma_esd              ? 
_cell.entry_id                     5UEZ 
_cell.details                      ? 
_cell.formula_units_Z              ? 
_cell.length_a                     57.982 
_cell.length_a_esd                 ? 
_cell.length_b                     72.782 
_cell.length_b_esd                 ? 
_cell.length_c                     33.654 
_cell.length_c_esd                 ? 
_cell.volume                       ? 
_cell.volume_esd                   ? 
_cell.Z_PDB                        4 
_cell.reciprocal_angle_alpha       ? 
_cell.reciprocal_angle_beta        ? 
_cell.reciprocal_angle_gamma       ? 
_cell.reciprocal_angle_alpha_esd   ? 
_cell.reciprocal_angle_beta_esd    ? 
_cell.reciprocal_angle_gamma_esd   ? 
_cell.reciprocal_length_a          ? 
_cell.reciprocal_length_b          ? 
_cell.reciprocal_length_c          ? 
_cell.reciprocal_length_a_esd      ? 
_cell.reciprocal_length_b_esd      ? 
_cell.reciprocal_length_c_esd      ? 
_cell.pdbx_unique_axis             ? 
# 
_symmetry.entry_id                         5UEZ 
_symmetry.cell_setting                     ? 
_symmetry.Int_Tables_number                18 
_symmetry.space_group_name_Hall            ? 
_symmetry.space_group_name_H-M             'P 21 21 2' 
_symmetry.pdbx_full_space_group_name_H-M   ? 
# 
_exptl.absorpt_coefficient_mu     ? 
_exptl.absorpt_correction_T_max   ? 
_exptl.absorpt_correction_T_min   ? 
_exptl.absorpt_correction_type    ? 
_exptl.absorpt_process_details    ? 
_exptl.entry_id                   5UEZ 
_exptl.crystals_number            1 
_exptl.details                    ? 
_exptl.method                     'X-RAY DIFFRACTION' 
_exptl.method_details             ? 
# 
_exptl_crystal.colour                      ? 
_exptl_crystal.density_diffrn              ? 
_exptl_crystal.density_Matthews            2.77 
_exptl_crystal.density_method              ? 
_exptl_crystal.density_percent_sol         55.63 
_exptl_crystal.description                 ? 
_exptl_crystal.F_000                       ? 
_exptl_crystal.id                          1 
_exptl_crystal.preparation                 ? 
_exptl_crystal.size_max                    ? 
_exptl_crystal.size_mid                    ? 
_exptl_crystal.size_min                    ? 
_exptl_crystal.size_rad                    ? 
_exptl_crystal.colour_lustre               ? 
_exptl_crystal.colour_modifier             ? 
_exptl_crystal.colour_primary              ? 
_exptl_crystal.density_meas                ? 
_exptl_crystal.density_meas_esd            ? 
_exptl_crystal.density_meas_gt             ? 
_exptl_crystal.density_meas_lt             ? 
_exptl_crystal.density_meas_temp           ? 
_exptl_crystal.density_meas_temp_esd       ? 
_exptl_crystal.density_meas_temp_gt        ? 
_exptl_crystal.density_meas_temp_lt        ? 
_exptl_crystal.pdbx_crystal_image_url      ? 
_exptl_crystal.pdbx_crystal_image_format   ? 
_exptl_crystal.pdbx_mosaicity              ? 
_exptl_crystal.pdbx_mosaicity_esd          ? 
# 
_exptl_crystal_grow.apparatus       ? 
_exptl_crystal_grow.atmosphere      ? 
_exptl_crystal_grow.crystal_id      1 
_exptl_crystal_grow.details         ? 
_exptl_crystal_grow.method          'VAPOR DIFFUSION' 
_exptl_crystal_grow.method_ref      ? 
_exptl_crystal_grow.pH              ? 
_exptl_crystal_grow.pressure        ? 
_exptl_crystal_grow.pressure_esd    ? 
_exptl_crystal_grow.seeding         ? 
_exptl_crystal_grow.seeding_ref     ? 
_exptl_crystal_grow.temp            277 
_exptl_crystal_grow.temp_details    ? 
_exptl_crystal_grow.temp_esd        ? 
_exptl_crystal_grow.time            ? 
_exptl_crystal_grow.pdbx_details    
;Protein Buffer :
10 mM HEPES PH 7.5
100 mM NaCl  5mM DTT
Crystallization :
15 %(v/v) Ethanol Tris PH 7.0
;
_exptl_crystal_grow.pdbx_pH_range   ? 
# 
_diffrn.ambient_environment    ? 
_diffrn.ambient_temp           100 
_diffrn.ambient_temp_details   ? 
_diffrn.ambient_temp_esd       ? 
_diffrn.crystal_id             1 
_diffrn.crystal_support        ? 
_diffrn.crystal_treatment      ? 
_diffrn.details                ? 
_diffrn.id                     1 
_diffrn.ambient_pressure       ? 
_diffrn.ambient_pressure_esd   ? 
_diffrn.ambient_pressure_gt    ? 
_diffrn.ambient_pressure_lt    ? 
_diffrn.ambient_temp_gt        ? 
_diffrn.ambient_temp_lt        ? 
# 
_diffrn_detector.details                      ? 
_diffrn_detector.detector                     PIXEL 
_diffrn_detector.diffrn_id                    1 
_diffrn_detector.type                         'DECTRIS PILATUS 300K' 
_diffrn_detector.area_resol_mean              ? 
_diffrn_detector.dtime                        ? 
_diffrn_detector.pdbx_frames_total            ? 
_diffrn_detector.pdbx_collection_time_total   ? 
_diffrn_detector.pdbx_collection_date         2011-06-22 
# 
_diffrn_radiation.collimation                      ? 
_diffrn_radiation.diffrn_id                        1 
_diffrn_radiation.filter_edge                      ? 
_diffrn_radiation.inhomogeneity                    ? 
_diffrn_radiation.monochromator                    ? 
_diffrn_radiation.polarisn_norm                    ? 
_diffrn_radiation.polarisn_ratio                   ? 
_diffrn_radiation.probe                            ? 
_diffrn_radiation.type                             ? 
_diffrn_radiation.xray_symbol                      ? 
_diffrn_radiation.wavelength_id                    1 
_diffrn_radiation.pdbx_monochromatic_or_laue_m_l   M 
_diffrn_radiation.pdbx_wavelength_list             ? 
_diffrn_radiation.pdbx_wavelength                  ? 
_diffrn_radiation.pdbx_diffrn_protocol             'SINGLE WAVELENGTH' 
_diffrn_radiation.pdbx_analyzer                    ? 
_diffrn_radiation.pdbx_scattering_type             x-ray 
# 
_diffrn_radiation_wavelength.id           1 
_diffrn_radiation_wavelength.wavelength   1.0 
_diffrn_radiation_wavelength.wt           1.0 
# 
_diffrn_source.current                     ? 
_diffrn_source.details                     ? 
_diffrn_source.diffrn_id                   1 
_diffrn_source.power                       ? 
_diffrn_source.size                        ? 
_diffrn_source.source                      SYNCHROTRON 
_diffrn_source.target                      ? 
_diffrn_source.type                        'APS BEAMLINE 17-ID' 
_diffrn_source.voltage                     ? 
_diffrn_source.take-off_angle              ? 
_diffrn_source.pdbx_wavelength_list        1.0 
_diffrn_source.pdbx_wavelength             ? 
_diffrn_source.pdbx_synchrotron_beamline   17-ID 
_diffrn_source.pdbx_synchrotron_site       APS 
# 
_reflns.B_iso_Wilson_estimate            21.48 
_reflns.entry_id                         5UEZ 
_reflns.data_reduction_details           ? 
_reflns.data_reduction_method            ? 
_reflns.d_resolution_high                1.51 
_reflns.d_resolution_low                 33.65 
_reflns.details                          ? 
_reflns.limit_h_max                      ? 
_reflns.limit_h_min                      ? 
_reflns.limit_k_max                      ? 
_reflns.limit_k_min                      ? 
_reflns.limit_l_max                      ? 
_reflns.limit_l_min                      ? 
_reflns.number_all                       ? 
_reflns.number_obs                       22278 
_reflns.observed_criterion               ? 
_reflns.observed_criterion_F_max         ? 
_reflns.observed_criterion_F_min         ? 
_reflns.observed_criterion_I_max         ? 
_reflns.observed_criterion_I_min         ? 
_reflns.observed_criterion_sigma_F       ? 
_reflns.observed_criterion_sigma_I       ? 
_reflns.percent_possible_obs             96.6 
_reflns.R_free_details                   ? 
_reflns.Rmerge_F_all                     ? 
_reflns.Rmerge_F_obs                     ? 
_reflns.Friedel_coverage                 ? 
_reflns.number_gt                        ? 
_reflns.threshold_expression             ? 
_reflns.pdbx_redundancy                  5.6 
_reflns.pdbx_Rmerge_I_obs                ? 
_reflns.pdbx_Rmerge_I_all                ? 
_reflns.pdbx_Rsym_value                  ? 
_reflns.pdbx_netI_over_av_sigmaI         ? 
_reflns.pdbx_netI_over_sigmaI            20.0 
_reflns.pdbx_res_netI_over_av_sigmaI_2   ? 
_reflns.pdbx_res_netI_over_sigmaI_2      ? 
_reflns.pdbx_chi_squared                 ? 
_reflns.pdbx_scaling_rejects             ? 
_reflns.pdbx_d_res_high_opt              ? 
_reflns.pdbx_d_res_low_opt               ? 
_reflns.pdbx_d_res_opt_method            ? 
_reflns.phase_calculation_details        ? 
_reflns.pdbx_Rrim_I_all                  ? 
_reflns.pdbx_Rpim_I_all                  ? 
_reflns.pdbx_d_opt                       ? 
_reflns.pdbx_number_measured_all         ? 
_reflns.pdbx_diffrn_id                   1 
_reflns.pdbx_ordinal                     1 
_reflns.pdbx_CC_half                     ? 
_reflns.pdbx_R_split                     ? 
# 
_reflns_shell.d_res_high                  . 
_reflns_shell.d_res_low                   ? 
_reflns_shell.meanI_over_sigI_all         ? 
_reflns_shell.meanI_over_sigI_obs         ? 
_reflns_shell.number_measured_all         ? 
_reflns_shell.number_measured_obs         ? 
_reflns_shell.number_possible             ? 
_reflns_shell.number_unique_all           ? 
_reflns_shell.number_unique_obs           ? 
_reflns_shell.percent_possible_all        ? 
_reflns_shell.percent_possible_obs        ? 
_reflns_shell.Rmerge_F_all                ? 
_reflns_shell.Rmerge_F_obs                ? 
_reflns_shell.Rmerge_I_all                ? 
_reflns_shell.Rmerge_I_obs                ? 
_reflns_shell.meanI_over_sigI_gt          ? 
_reflns_shell.meanI_over_uI_all           ? 
_reflns_shell.meanI_over_uI_gt            ? 
_reflns_shell.number_measured_gt          ? 
_reflns_shell.number_unique_gt            ? 
_reflns_shell.percent_possible_gt         ? 
_reflns_shell.Rmerge_F_gt                 ? 
_reflns_shell.Rmerge_I_gt                 ? 
_reflns_shell.pdbx_redundancy             ? 
_reflns_shell.pdbx_Rsym_value             ? 
_reflns_shell.pdbx_chi_squared            ? 
_reflns_shell.pdbx_netI_over_sigmaI_all   ? 
_reflns_shell.pdbx_netI_over_sigmaI_obs   ? 
_reflns_shell.pdbx_Rrim_I_all             ? 
_reflns_shell.pdbx_Rpim_I_all             ? 
_reflns_shell.pdbx_rejects                ? 
_reflns_shell.pdbx_ordinal                1 
_reflns_shell.pdbx_diffrn_id              1 
_reflns_shell.pdbx_CC_half                ? 
_reflns_shell.pdbx_R_split                ? 
# 
_refine.aniso_B[1][1]                            -6.82350 
_refine.aniso_B[1][2]                            0.00000 
_refine.aniso_B[1][3]                            0.00000 
_refine.aniso_B[2][2]                            5.15590 
_refine.aniso_B[2][3]                            0.00000 
_refine.aniso_B[3][3]                            1.66760 
_refine.B_iso_max                                ? 
_refine.B_iso_mean                               27.71 
_refine.B_iso_min                                ? 
_refine.correlation_coeff_Fo_to_Fc               0.955 
_refine.correlation_coeff_Fo_to_Fc_free          0.940 
_refine.details                                  ? 
_refine.diff_density_max                         ? 
_refine.diff_density_max_esd                     ? 
_refine.diff_density_min                         ? 
_refine.diff_density_min_esd                     ? 
_refine.diff_density_rms                         ? 
_refine.diff_density_rms_esd                     ? 
_refine.entry_id                                 5UEZ 
_refine.pdbx_refine_id                           'X-RAY DIFFRACTION' 
_refine.ls_abs_structure_details                 ? 
_refine.ls_abs_structure_Flack                   ? 
_refine.ls_abs_structure_Flack_esd               ? 
_refine.ls_abs_structure_Rogers                  ? 
_refine.ls_abs_structure_Rogers_esd              ? 
_refine.ls_d_res_high                            1.51 
_refine.ls_d_res_low                             33.65 
_refine.ls_extinction_coef                       ? 
_refine.ls_extinction_coef_esd                   ? 
_refine.ls_extinction_expression                 ? 
_refine.ls_extinction_method                     ? 
_refine.ls_goodness_of_fit_all                   ? 
_refine.ls_goodness_of_fit_all_esd               ? 
_refine.ls_goodness_of_fit_obs                   ? 
_refine.ls_goodness_of_fit_obs_esd               ? 
_refine.ls_hydrogen_treatment                    ? 
_refine.ls_matrix_type                           ? 
_refine.ls_number_constraints                    ? 
_refine.ls_number_parameters                     ? 
_refine.ls_number_reflns_all                     ? 
_refine.ls_number_reflns_obs                     22278 
_refine.ls_number_reflns_R_free                  1156 
_refine.ls_number_reflns_R_work                  ? 
_refine.ls_number_restraints                     ? 
_refine.ls_percent_reflns_obs                    96.6 
_refine.ls_percent_reflns_R_free                 5.190 
_refine.ls_R_factor_all                          ? 
_refine.ls_R_factor_obs                          0.183 
_refine.ls_R_factor_R_free                       0.204 
_refine.ls_R_factor_R_free_error                 0.02 
_refine.ls_R_factor_R_free_error_details         ? 
_refine.ls_R_factor_R_work                       0.182 
_refine.ls_R_Fsqd_factor_obs                     ? 
_refine.ls_R_I_factor_obs                        ? 
_refine.ls_redundancy_reflns_all                 ? 
_refine.ls_redundancy_reflns_obs                 ? 
_refine.ls_restrained_S_all                      ? 
_refine.ls_restrained_S_obs                      ? 
_refine.ls_shift_over_esd_max                    ? 
_refine.ls_shift_over_esd_mean                   ? 
_refine.ls_structure_factor_coef                 ? 
_refine.ls_weighting_details                     ? 
_refine.ls_weighting_scheme                      ? 
_refine.ls_wR_factor_all                         ? 
_refine.ls_wR_factor_obs                         ? 
_refine.ls_wR_factor_R_free                      ? 
_refine.ls_wR_factor_R_work                      ? 
_refine.occupancy_max                            ? 
_refine.occupancy_min                            ? 
_refine.solvent_model_details                    ? 
_refine.solvent_model_param_bsol                 ? 
_refine.solvent_model_param_ksol                 ? 
_refine.ls_R_factor_gt                           ? 
_refine.ls_goodness_of_fit_gt                    ? 
_refine.ls_goodness_of_fit_ref                   ? 
_refine.ls_shift_over_su_max                     ? 
_refine.ls_shift_over_su_max_lt                  ? 
_refine.ls_shift_over_su_mean                    ? 
_refine.ls_shift_over_su_mean_lt                 ? 
_refine.pdbx_ls_sigma_I                          ? 
_refine.pdbx_ls_sigma_F                          0.000 
_refine.pdbx_ls_sigma_Fsqd                       ? 
_refine.pdbx_data_cutoff_high_absF               ? 
_refine.pdbx_data_cutoff_high_rms_absF           ? 
_refine.pdbx_data_cutoff_low_absF                ? 
_refine.pdbx_isotropic_thermal_model             ? 
_refine.pdbx_ls_cross_valid_method               THROUGHOUT 
_refine.pdbx_method_to_determine_struct          'MOLECULAR REPLACEMENT' 
_refine.pdbx_starting_model                      Apo-BRD4_BD2 
_refine.pdbx_stereochemistry_target_values       ? 
_refine.pdbx_R_Free_selection_details            RANDOM 
_refine.pdbx_stereochem_target_val_spec_case     ? 
_refine.pdbx_overall_ESU_R                       ? 
_refine.pdbx_overall_ESU_R_Free                  ? 
_refine.pdbx_solvent_vdw_probe_radii             ? 
_refine.pdbx_solvent_ion_probe_radii             ? 
_refine.pdbx_solvent_shrinkage_radii             ? 
_refine.pdbx_real_space_R                        ? 
_refine.pdbx_density_correlation                 ? 
_refine.pdbx_pd_number_of_powder_patterns        ? 
_refine.pdbx_pd_number_of_points                 ? 
_refine.pdbx_pd_meas_number_of_points            ? 
_refine.pdbx_pd_proc_ls_prof_R_factor            ? 
_refine.pdbx_pd_proc_ls_prof_wR_factor           ? 
_refine.pdbx_pd_Marquardt_correlation_coeff      ? 
_refine.pdbx_pd_Fsqrd_R_factor                   ? 
_refine.pdbx_pd_ls_matrix_band_width             ? 
_refine.pdbx_overall_phase_error                 ? 
_refine.pdbx_overall_SU_R_free_Cruickshank_DPI   0.069 
_refine.pdbx_overall_SU_R_free_Blow_DPI          0.076 
_refine.pdbx_overall_SU_R_Blow_DPI               0.078 
_refine.pdbx_TLS_residual_ADP_flag               ? 
_refine.pdbx_diffrn_id                           1 
_refine.overall_SU_B                             ? 
_refine.overall_SU_ML                            ? 
_refine.overall_SU_R_Cruickshank_DPI             0.069 
_refine.overall_SU_R_free                        ? 
_refine.overall_FOM_free_R_set                   ? 
_refine.overall_FOM_work_R_set                   ? 
_refine.pdbx_average_fsc_overall                 ? 
_refine.pdbx_average_fsc_work                    ? 
_refine.pdbx_average_fsc_free                    ? 
# 
_refine_analyze.entry_id                        5UEZ 
_refine_analyze.pdbx_refine_id                  'X-RAY DIFFRACTION' 
_refine_analyze.Luzzati_coordinate_error_free   ? 
_refine_analyze.Luzzati_coordinate_error_obs    0.20 
_refine_analyze.Luzzati_d_res_low_free          ? 
_refine_analyze.Luzzati_d_res_low_obs           ? 
_refine_analyze.Luzzati_sigma_a_free            ? 
_refine_analyze.Luzzati_sigma_a_free_details    ? 
_refine_analyze.Luzzati_sigma_a_obs             ? 
_refine_analyze.Luzzati_sigma_a_obs_details     ? 
_refine_analyze.number_disordered_residues      ? 
_refine_analyze.occupancy_sum_hydrogen          ? 
_refine_analyze.occupancy_sum_non_hydrogen      ? 
_refine_analyze.RG_d_res_high                   ? 
_refine_analyze.RG_d_res_low                    ? 
_refine_analyze.RG_free                         ? 
_refine_analyze.RG_work                         ? 
_refine_analyze.RG_free_work_ratio              ? 
_refine_analyze.pdbx_Luzzati_d_res_high_obs     ? 
# 
_refine_hist.pdbx_refine_id                   'X-RAY DIFFRACTION' 
_refine_hist.cycle_id                         1 
_refine_hist.pdbx_number_atoms_protein        892 
_refine_hist.pdbx_number_atoms_nucleic_acid   0 
_refine_hist.pdbx_number_atoms_ligand         23 
_refine_hist.number_atoms_solvent             183 
_refine_hist.number_atoms_total               1098 
_refine_hist.d_res_high                       1.51 
_refine_hist.d_res_low                        33.65 
# 
loop_
_refine_ls_restr.pdbx_refine_id 
_refine_ls_restr.criterion 
_refine_ls_restr.dev_ideal 
_refine_ls_restr.dev_ideal_target 
_refine_ls_restr.number 
_refine_ls_restr.rejects 
_refine_ls_restr.type 
_refine_ls_restr.weight 
_refine_ls_restr.pdbx_restraint_function 
'X-RAY DIFFRACTION' ? 0.010 ? 946  ? t_bond_d                  2.00  HARMONIC     
'X-RAY DIFFRACTION' ? 0.97  ? 1268 ? t_angle_deg               2.00  HARMONIC     
'X-RAY DIFFRACTION' ? ?     ? 337  ? t_dihedral_angle_d        2.00  SINUSOIDAL   
'X-RAY DIFFRACTION' ? ?     ? ?    ? t_incorr_chiral_ct        ?     ?            
'X-RAY DIFFRACTION' ? ?     ? ?    ? t_pseud_angle             ?     ?            
'X-RAY DIFFRACTION' ? ?     ? 21   ? t_trig_c_planes           2.00  HARMONIC     
'X-RAY DIFFRACTION' ? ?     ? 143  ? t_gen_planes              5.00  HARMONIC     
'X-RAY DIFFRACTION' ? ?     ? 946  ? t_it                      20.00 HARMONIC     
'X-RAY DIFFRACTION' ? ?     ? ?    ? t_nbd                     ?     ?            
'X-RAY DIFFRACTION' ? 3.11  ? ?    ? t_omega_torsion           ?     ?            
'X-RAY DIFFRACTION' ? 15.59 ? ?    ? t_other_torsion           ?     ?            
'X-RAY DIFFRACTION' ? ?     ? ?    ? t_improper_torsion        ?     ?            
'X-RAY DIFFRACTION' ? ?     ? 110  ? t_chiral_improper_torsion 5.00  SEMIHARMONIC 
'X-RAY DIFFRACTION' ? ?     ? ?    ? t_sum_occupancies         ?     ?            
'X-RAY DIFFRACTION' ? ?     ? ?    ? t_utility_distance        ?     ?            
'X-RAY DIFFRACTION' ? ?     ? ?    ? t_utility_angle           ?     ?            
'X-RAY DIFFRACTION' ? ?     ? ?    ? t_utility_torsion         ?     ?            
'X-RAY DIFFRACTION' ? ?     ? 1254 ? t_ideal_dist_contact      4.00  SEMIHARMONIC 
# 
_refine_ls_shell.pdbx_refine_id                   'X-RAY DIFFRACTION' 
_refine_ls_shell.d_res_high                       1.51 
_refine_ls_shell.d_res_low                        1.58 
_refine_ls_shell.number_reflns_all                2369 
_refine_ls_shell.number_reflns_obs                ? 
_refine_ls_shell.number_reflns_R_free             136 
_refine_ls_shell.number_reflns_R_work             2233 
_refine_ls_shell.percent_reflns_obs               78.92 
_refine_ls_shell.percent_reflns_R_free            5.74 
_refine_ls_shell.R_factor_all                     0.255 
_refine_ls_shell.R_factor_obs                     ? 
_refine_ls_shell.R_factor_R_free                  0.339 
_refine_ls_shell.R_factor_R_free_error            0.000 
_refine_ls_shell.R_factor_R_work                  0.249 
_refine_ls_shell.redundancy_reflns_all            ? 
_refine_ls_shell.redundancy_reflns_obs            ? 
_refine_ls_shell.wR_factor_all                    ? 
_refine_ls_shell.wR_factor_obs                    ? 
_refine_ls_shell.wR_factor_R_free                 ? 
_refine_ls_shell.wR_factor_R_work                 ? 
_refine_ls_shell.pdbx_total_number_of_bins_used   11 
_refine_ls_shell.pdbx_phase_error                 ? 
_refine_ls_shell.pdbx_fsc_work                    ? 
_refine_ls_shell.pdbx_fsc_free                    ? 
# 
_struct.entry_id                     5UEZ 
_struct.title                        BRD4_BD2_A-1342843 
_struct.pdbx_model_details           ? 
_struct.pdbx_formula_weight          ? 
_struct.pdbx_formula_weight_method   ? 
_struct.pdbx_model_type_details      ? 
_struct.pdbx_CASP_flag               N 
# 
_struct_keywords.entry_id        5UEZ 
_struct_keywords.text            'SIGNALING PROTEIN-INHIBITOR complex' 
_struct_keywords.pdbx_keywords   'SIGNALING PROTEIN/INHIBITOR' 
# 
loop_
_struct_asym.id 
_struct_asym.pdbx_blank_PDB_chainid_flag 
_struct_asym.pdbx_modified 
_struct_asym.entity_id 
_struct_asym.details 
A N N 1 ? 
B N N 2 ? 
C N N 3 ? 
# 
_struct_ref.id                         1 
_struct_ref.db_name                    UNP 
_struct_ref.db_code                    BRD4_HUMAN 
_struct_ref.pdbx_db_accession          O60885 
_struct_ref.pdbx_db_isoform            ? 
_struct_ref.entity_id                  1 
_struct_ref.pdbx_seq_one_letter_code   
;EQLKCCSGILKEMFAKKHAAYAWPFYKPVDVEALGLHDYCDIIKHPMDMSTIKSKLEAREYRDAQEFGADVRLMFSNCYK
YNPPDHEVVAMARKLQDVFEMRFAKM
;
_struct_ref.pdbx_align_begin           352 
# 
_struct_ref_seq.align_id                      1 
_struct_ref_seq.ref_id                        1 
_struct_ref_seq.pdbx_PDB_id_code              5UEZ 
_struct_ref_seq.pdbx_strand_id                A 
_struct_ref_seq.seq_align_beg                 4 
_struct_ref_seq.pdbx_seq_align_beg_ins_code   ? 
_struct_ref_seq.seq_align_end                 109 
_struct_ref_seq.pdbx_seq_align_end_ins_code   ? 
_struct_ref_seq.pdbx_db_accession             O60885 
_struct_ref_seq.db_align_beg                  352 
_struct_ref_seq.pdbx_db_align_beg_ins_code    ? 
_struct_ref_seq.db_align_end                  457 
_struct_ref_seq.pdbx_db_align_end_ins_code    ? 
_struct_ref_seq.pdbx_auth_seq_align_beg       352 
_struct_ref_seq.pdbx_auth_seq_align_end       457 
# 
loop_
_struct_ref_seq_dif.align_id 
_struct_ref_seq_dif.pdbx_pdb_id_code 
_struct_ref_seq_dif.mon_id 
_struct_ref_seq_dif.pdbx_pdb_strand_id 
_struct_ref_seq_dif.seq_num 
_struct_ref_seq_dif.pdbx_pdb_ins_code 
_struct_ref_seq_dif.pdbx_seq_db_name 
_struct_ref_seq_dif.pdbx_seq_db_accession_code 
_struct_ref_seq_dif.db_mon_id 
_struct_ref_seq_dif.pdbx_seq_db_seq_num 
_struct_ref_seq_dif.details 
_struct_ref_seq_dif.pdbx_auth_seq_num 
_struct_ref_seq_dif.pdbx_ordinal 
1 5UEZ SER A 1 ? UNP O60885 ? ? 'expression tag' 349 1 
1 5UEZ HIS A 2 ? UNP O60885 ? ? 'expression tag' 350 2 
1 5UEZ MET A 3 ? UNP O60885 ? ? 'expression tag' 351 3 
# 
_pdbx_struct_assembly.id                   1 
_pdbx_struct_assembly.details              author_and_software_defined_assembly 
_pdbx_struct_assembly.method_details       PISA 
_pdbx_struct_assembly.oligomeric_details   monomeric 
_pdbx_struct_assembly.oligomeric_count     1 
# 
loop_
_pdbx_struct_assembly_prop.biol_id 
_pdbx_struct_assembly_prop.type 
_pdbx_struct_assembly_prop.value 
_pdbx_struct_assembly_prop.details 
1 'ABSA (A^2)' 0    ? 
1 MORE         0    ? 
1 'SSA (A^2)'  6920 ? 
# 
_pdbx_struct_assembly_gen.assembly_id       1 
_pdbx_struct_assembly_gen.oper_expression   1 
_pdbx_struct_assembly_gen.asym_id_list      A,B,C 
# 
_pdbx_struct_oper_list.id                   1 
_pdbx_struct_oper_list.type                 'identity operation' 
_pdbx_struct_oper_list.name                 1_555 
_pdbx_struct_oper_list.symmetry_operation   x,y,z 
_pdbx_struct_oper_list.matrix[1][1]         1.0000000000 
_pdbx_struct_oper_list.matrix[1][2]         0.0000000000 
_pdbx_struct_oper_list.matrix[1][3]         0.0000000000 
_pdbx_struct_oper_list.vector[1]            0.0000000000 
_pdbx_struct_oper_list.matrix[2][1]         0.0000000000 
_pdbx_struct_oper_list.matrix[2][2]         1.0000000000 
_pdbx_struct_oper_list.matrix[2][3]         0.0000000000 
_pdbx_struct_oper_list.vector[2]            0.0000000000 
_pdbx_struct_oper_list.matrix[3][1]         0.0000000000 
_pdbx_struct_oper_list.matrix[3][2]         0.0000000000 
_pdbx_struct_oper_list.matrix[3][3]         1.0000000000 
_pdbx_struct_oper_list.vector[3]            0.0000000000 
# 
loop_
_struct_conf.conf_type_id 
_struct_conf.id 
_struct_conf.pdbx_PDB_helix_id 
_struct_conf.beg_label_comp_id 
_struct_conf.beg_label_asym_id 
_struct_conf.beg_label_seq_id 
_struct_conf.pdbx_beg_PDB_ins_code 
_struct_conf.end_label_comp_id 
_struct_conf.end_label_asym_id 
_struct_conf.end_label_seq_id 
_struct_conf.pdbx_end_PDB_ins_code 
_struct_conf.beg_auth_comp_id 
_struct_conf.beg_auth_asym_id 
_struct_conf.beg_auth_seq_id 
_struct_conf.end_auth_comp_id 
_struct_conf.end_auth_asym_id 
_struct_conf.end_auth_seq_id 
_struct_conf.pdbx_PDB_helix_class 
_struct_conf.details 
_struct_conf.pdbx_PDB_helix_length 
HELX_P HELX_P1 AA1 SER A 1  ? PHE A 17  ? SER A 349 PHE A 365 1 ? 17 
HELX_P HELX_P2 AA2 ALA A 18 ? LYS A 20  ? ALA A 366 LYS A 368 5 ? 3  
HELX_P HELX_P3 AA3 HIS A 21 ? TRP A 26  ? HIS A 369 TRP A 374 1 ? 6  
HELX_P HELX_P4 AA4 PRO A 27 ? TYR A 29  ? PRO A 375 TYR A 377 5 ? 3  
HELX_P HELX_P5 AA5 ASP A 41 ? ILE A 46  ? ASP A 389 ILE A 394 1 ? 6  
HELX_P HELX_P6 AA6 ASP A 51 ? ALA A 61  ? ASP A 399 ALA A 409 1 ? 11 
HELX_P HELX_P7 AA7 ASP A 66 ? ASN A 85  ? ASP A 414 ASN A 433 1 ? 20 
HELX_P HELX_P8 AA8 HIS A 89 ? MET A 109 ? HIS A 437 MET A 457 1 ? 21 
# 
_struct_conf_type.id          HELX_P 
_struct_conf_type.criteria    ? 
_struct_conf_type.reference   ? 
# 
_struct_site.id                   AC1 
_struct_site.pdbx_evidence_code   Software 
_struct_site.pdbx_auth_asym_id    A 
_struct_site.pdbx_auth_comp_id    89G 
_struct_site.pdbx_auth_seq_id     501 
_struct_site.pdbx_auth_ins_code   ? 
_struct_site.pdbx_num_residues    8 
_struct_site.details              'binding site for residue 89G A 501' 
# 
loop_
_struct_site_gen.id 
_struct_site_gen.site_id 
_struct_site_gen.pdbx_num_res 
_struct_site_gen.label_comp_id 
_struct_site_gen.label_asym_id 
_struct_site_gen.label_seq_id 
_struct_site_gen.pdbx_auth_ins_code 
_struct_site_gen.auth_comp_id 
_struct_site_gen.auth_asym_id 
_struct_site_gen.auth_seq_id 
_struct_site_gen.label_atom_id 
_struct_site_gen.label_alt_id 
_struct_site_gen.symmetry 
_struct_site_gen.details 
1 AC1 8 PRO A 27 ? PRO A 375 . ? 1_555 ? 
2 AC1 8 VAL A 32 ? VAL A 380 . ? 1_555 ? 
3 AC1 8 LEU A 39 ? LEU A 387 . ? 1_555 ? 
4 AC1 8 ASN A 85 ? ASN A 433 . ? 1_555 ? 
5 AC1 8 HIS A 89 ? HIS A 437 . ? 1_555 ? 
6 AC1 8 GLU A 90 ? GLU A 438 . ? 1_555 ? 
7 AC1 8 HOH C .  ? HOH A 607 . ? 1_555 ? 
8 AC1 8 HOH C .  ? HOH A 642 . ? 1_555 ? 
# 
loop_
_pdbx_distant_solvent_atoms.id 
_pdbx_distant_solvent_atoms.PDB_model_num 
_pdbx_distant_solvent_atoms.auth_atom_id 
_pdbx_distant_solvent_atoms.label_alt_id 
_pdbx_distant_solvent_atoms.auth_asym_id 
_pdbx_distant_solvent_atoms.auth_comp_id 
_pdbx_distant_solvent_atoms.auth_seq_id 
_pdbx_distant_solvent_atoms.PDB_ins_code 
_pdbx_distant_solvent_atoms.neighbor_macromolecule_distance 
_pdbx_distant_solvent_atoms.neighbor_ligand_distance 
1 1 O ? A HOH 782 ? 6.33 .    
2 1 O ? A HOH 783 ? .    6.36 
# 
loop_
_chem_comp_atom.comp_id 
_chem_comp_atom.atom_id 
_chem_comp_atom.type_symbol 
_chem_comp_atom.pdbx_aromatic_flag 
_chem_comp_atom.pdbx_stereo_config 
_chem_comp_atom.pdbx_ordinal 
89G C4   C Y N 1   
89G C5   C Y N 2   
89G C6   C Y N 3   
89G C7   C Y N 4   
89G C8   C Y N 5   
89G C10  C Y N 6   
89G C13  C N N 7   
89G C15  C N N 8   
89G C17  C N N 9   
89G C1   C Y N 10  
89G C2   C Y N 11  
89G C3   C Y N 12  
89G C9   C Y N 13  
89G C11  C Y N 14  
89G C12  C Y N 15  
89G C14  C N N 16  
89G C16  C N N 17  
89G C18  C N N 18  
89G N19  N N N 19  
89G N20  N N N 20  
89G O21  O N N 21  
89G O22  O N N 22  
89G O23  O N N 23  
89G H1   H N N 24  
89G H2   H N N 25  
89G H3   H N N 26  
89G H4   H N N 27  
89G H5   H N N 28  
89G H6   H N N 29  
89G H7   H N N 30  
89G H8   H N N 31  
89G H9   H N N 32  
89G H10  H N N 33  
89G H11  H N N 34  
89G H12  H N N 35  
89G H13  H N N 36  
89G H14  H N N 37  
89G H15  H N N 38  
89G H16  H N N 39  
ALA N    N N N 40  
ALA CA   C N S 41  
ALA C    C N N 42  
ALA O    O N N 43  
ALA CB   C N N 44  
ALA OXT  O N N 45  
ALA H    H N N 46  
ALA H2   H N N 47  
ALA HA   H N N 48  
ALA HB1  H N N 49  
ALA HB2  H N N 50  
ALA HB3  H N N 51  
ALA HXT  H N N 52  
ARG N    N N N 53  
ARG CA   C N S 54  
ARG C    C N N 55  
ARG O    O N N 56  
ARG CB   C N N 57  
ARG CG   C N N 58  
ARG CD   C N N 59  
ARG NE   N N N 60  
ARG CZ   C N N 61  
ARG NH1  N N N 62  
ARG NH2  N N N 63  
ARG OXT  O N N 64  
ARG H    H N N 65  
ARG H2   H N N 66  
ARG HA   H N N 67  
ARG HB2  H N N 68  
ARG HB3  H N N 69  
ARG HG2  H N N 70  
ARG HG3  H N N 71  
ARG HD2  H N N 72  
ARG HD3  H N N 73  
ARG HE   H N N 74  
ARG HH11 H N N 75  
ARG HH12 H N N 76  
ARG HH21 H N N 77  
ARG HH22 H N N 78  
ARG HXT  H N N 79  
ASN N    N N N 80  
ASN CA   C N S 81  
ASN C    C N N 82  
ASN O    O N N 83  
ASN CB   C N N 84  
ASN CG   C N N 85  
ASN OD1  O N N 86  
ASN ND2  N N N 87  
ASN OXT  O N N 88  
ASN H    H N N 89  
ASN H2   H N N 90  
ASN HA   H N N 91  
ASN HB2  H N N 92  
ASN HB3  H N N 93  
ASN HD21 H N N 94  
ASN HD22 H N N 95  
ASN HXT  H N N 96  
ASP N    N N N 97  
ASP CA   C N S 98  
ASP C    C N N 99  
ASP O    O N N 100 
ASP CB   C N N 101 
ASP CG   C N N 102 
ASP OD1  O N N 103 
ASP OD2  O N N 104 
ASP OXT  O N N 105 
ASP H    H N N 106 
ASP H2   H N N 107 
ASP HA   H N N 108 
ASP HB2  H N N 109 
ASP HB3  H N N 110 
ASP HD2  H N N 111 
ASP HXT  H N N 112 
CYS N    N N N 113 
CYS CA   C N R 114 
CYS C    C N N 115 
CYS O    O N N 116 
CYS CB   C N N 117 
CYS SG   S N N 118 
CYS OXT  O N N 119 
CYS H    H N N 120 
CYS H2   H N N 121 
CYS HA   H N N 122 
CYS HB2  H N N 123 
CYS HB3  H N N 124 
CYS HG   H N N 125 
CYS HXT  H N N 126 
GLN N    N N N 127 
GLN CA   C N S 128 
GLN C    C N N 129 
GLN O    O N N 130 
GLN CB   C N N 131 
GLN CG   C N N 132 
GLN CD   C N N 133 
GLN OE1  O N N 134 
GLN NE2  N N N 135 
GLN OXT  O N N 136 
GLN H    H N N 137 
GLN H2   H N N 138 
GLN HA   H N N 139 
GLN HB2  H N N 140 
GLN HB3  H N N 141 
GLN HG2  H N N 142 
GLN HG3  H N N 143 
GLN HE21 H N N 144 
GLN HE22 H N N 145 
GLN HXT  H N N 146 
GLU N    N N N 147 
GLU CA   C N S 148 
GLU C    C N N 149 
GLU O    O N N 150 
GLU CB   C N N 151 
GLU CG   C N N 152 
GLU CD   C N N 153 
GLU OE1  O N N 154 
GLU OE2  O N N 155 
GLU OXT  O N N 156 
GLU H    H N N 157 
GLU H2   H N N 158 
GLU HA   H N N 159 
GLU HB2  H N N 160 
GLU HB3  H N N 161 
GLU HG2  H N N 162 
GLU HG3  H N N 163 
GLU HE2  H N N 164 
GLU HXT  H N N 165 
GLY N    N N N 166 
GLY CA   C N N 167 
GLY C    C N N 168 
GLY O    O N N 169 
GLY OXT  O N N 170 
GLY H    H N N 171 
GLY H2   H N N 172 
GLY HA2  H N N 173 
GLY HA3  H N N 174 
GLY HXT  H N N 175 
HIS N    N N N 176 
HIS CA   C N S 177 
HIS C    C N N 178 
HIS O    O N N 179 
HIS CB   C N N 180 
HIS CG   C Y N 181 
HIS ND1  N Y N 182 
HIS CD2  C Y N 183 
HIS CE1  C Y N 184 
HIS NE2  N Y N 185 
HIS OXT  O N N 186 
HIS H    H N N 187 
HIS H2   H N N 188 
HIS HA   H N N 189 
HIS HB2  H N N 190 
HIS HB3  H N N 191 
HIS HD1  H N N 192 
HIS HD2  H N N 193 
HIS HE1  H N N 194 
HIS HE2  H N N 195 
HIS HXT  H N N 196 
HOH O    O N N 197 
HOH H1   H N N 198 
HOH H2   H N N 199 
ILE N    N N N 200 
ILE CA   C N S 201 
ILE C    C N N 202 
ILE O    O N N 203 
ILE CB   C N S 204 
ILE CG1  C N N 205 
ILE CG2  C N N 206 
ILE CD1  C N N 207 
ILE OXT  O N N 208 
ILE H    H N N 209 
ILE H2   H N N 210 
ILE HA   H N N 211 
ILE HB   H N N 212 
ILE HG12 H N N 213 
ILE HG13 H N N 214 
ILE HG21 H N N 215 
ILE HG22 H N N 216 
ILE HG23 H N N 217 
ILE HD11 H N N 218 
ILE HD12 H N N 219 
ILE HD13 H N N 220 
ILE HXT  H N N 221 
LEU N    N N N 222 
LEU CA   C N S 223 
LEU C    C N N 224 
LEU O    O N N 225 
LEU CB   C N N 226 
LEU CG   C N N 227 
LEU CD1  C N N 228 
LEU CD2  C N N 229 
LEU OXT  O N N 230 
LEU H    H N N 231 
LEU H2   H N N 232 
LEU HA   H N N 233 
LEU HB2  H N N 234 
LEU HB3  H N N 235 
LEU HG   H N N 236 
LEU HD11 H N N 237 
LEU HD12 H N N 238 
LEU HD13 H N N 239 
LEU HD21 H N N 240 
LEU HD22 H N N 241 
LEU HD23 H N N 242 
LEU HXT  H N N 243 
LYS N    N N N 244 
LYS CA   C N S 245 
LYS C    C N N 246 
LYS O    O N N 247 
LYS CB   C N N 248 
LYS CG   C N N 249 
LYS CD   C N N 250 
LYS CE   C N N 251 
LYS NZ   N N N 252 
LYS OXT  O N N 253 
LYS H    H N N 254 
LYS H2   H N N 255 
LYS HA   H N N 256 
LYS HB2  H N N 257 
LYS HB3  H N N 258 
LYS HG2  H N N 259 
LYS HG3  H N N 260 
LYS HD2  H N N 261 
LYS HD3  H N N 262 
LYS HE2  H N N 263 
LYS HE3  H N N 264 
LYS HZ1  H N N 265 
LYS HZ2  H N N 266 
LYS HZ3  H N N 267 
LYS HXT  H N N 268 
MET N    N N N 269 
MET CA   C N S 270 
MET C    C N N 271 
MET O    O N N 272 
MET CB   C N N 273 
MET CG   C N N 274 
MET SD   S N N 275 
MET CE   C N N 276 
MET OXT  O N N 277 
MET H    H N N 278 
MET H2   H N N 279 
MET HA   H N N 280 
MET HB2  H N N 281 
MET HB3  H N N 282 
MET HG2  H N N 283 
MET HG3  H N N 284 
MET HE1  H N N 285 
MET HE2  H N N 286 
MET HE3  H N N 287 
MET HXT  H N N 288 
PHE N    N N N 289 
PHE CA   C N S 290 
PHE C    C N N 291 
PHE O    O N N 292 
PHE CB   C N N 293 
PHE CG   C Y N 294 
PHE CD1  C Y N 295 
PHE CD2  C Y N 296 
PHE CE1  C Y N 297 
PHE CE2  C Y N 298 
PHE CZ   C Y N 299 
PHE OXT  O N N 300 
PHE H    H N N 301 
PHE H2   H N N 302 
PHE HA   H N N 303 
PHE HB2  H N N 304 
PHE HB3  H N N 305 
PHE HD1  H N N 306 
PHE HD2  H N N 307 
PHE HE1  H N N 308 
PHE HE2  H N N 309 
PHE HZ   H N N 310 
PHE HXT  H N N 311 
PRO N    N N N 312 
PRO CA   C N S 313 
PRO C    C N N 314 
PRO O    O N N 315 
PRO CB   C N N 316 
PRO CG   C N N 317 
PRO CD   C N N 318 
PRO OXT  O N N 319 
PRO H    H N N 320 
PRO HA   H N N 321 
PRO HB2  H N N 322 
PRO HB3  H N N 323 
PRO HG2  H N N 324 
PRO HG3  H N N 325 
PRO HD2  H N N 326 
PRO HD3  H N N 327 
PRO HXT  H N N 328 
SER N    N N N 329 
SER CA   C N S 330 
SER C    C N N 331 
SER O    O N N 332 
SER CB   C N N 333 
SER OG   O N N 334 
SER OXT  O N N 335 
SER H    H N N 336 
SER H2   H N N 337 
SER HA   H N N 338 
SER HB2  H N N 339 
SER HB3  H N N 340 
SER HG   H N N 341 
SER HXT  H N N 342 
THR N    N N N 343 
THR CA   C N S 344 
THR C    C N N 345 
THR O    O N N 346 
THR CB   C N R 347 
THR OG1  O N N 348 
THR CG2  C N N 349 
THR OXT  O N N 350 
THR H    H N N 351 
THR H2   H N N 352 
THR HA   H N N 353 
THR HB   H N N 354 
THR HG1  H N N 355 
THR HG21 H N N 356 
THR HG22 H N N 357 
THR HG23 H N N 358 
THR HXT  H N N 359 
TRP N    N N N 360 
TRP CA   C N S 361 
TRP C    C N N 362 
TRP O    O N N 363 
TRP CB   C N N 364 
TRP CG   C Y N 365 
TRP CD1  C Y N 366 
TRP CD2  C Y N 367 
TRP NE1  N Y N 368 
TRP CE2  C Y N 369 
TRP CE3  C Y N 370 
TRP CZ2  C Y N 371 
TRP CZ3  C Y N 372 
TRP CH2  C Y N 373 
TRP OXT  O N N 374 
TRP H    H N N 375 
TRP H2   H N N 376 
TRP HA   H N N 377 
TRP HB2  H N N 378 
TRP HB3  H N N 379 
TRP HD1  H N N 380 
TRP HE1  H N N 381 
TRP HE3  H N N 382 
TRP HZ2  H N N 383 
TRP HZ3  H N N 384 
TRP HH2  H N N 385 
TRP HXT  H N N 386 
TYR N    N N N 387 
TYR CA   C N S 388 
TYR C    C N N 389 
TYR O    O N N 390 
TYR CB   C N N 391 
TYR CG   C Y N 392 
TYR CD1  C Y N 393 
TYR CD2  C Y N 394 
TYR CE1  C Y N 395 
TYR CE2  C Y N 396 
TYR CZ   C Y N 397 
TYR OH   O N N 398 
TYR OXT  O N N 399 
TYR H    H N N 400 
TYR H2   H N N 401 
TYR HA   H N N 402 
TYR HB2  H N N 403 
TYR HB3  H N N 404 
TYR HD1  H N N 405 
TYR HD2  H N N 406 
TYR HE1  H N N 407 
TYR HE2  H N N 408 
TYR HH   H N N 409 
TYR HXT  H N N 410 
VAL N    N N N 411 
VAL CA   C N S 412 
VAL C    C N N 413 
VAL O    O N N 414 
VAL CB   C N N 415 
VAL CG1  C N N 416 
VAL CG2  C N N 417 
VAL OXT  O N N 418 
VAL H    H N N 419 
VAL H2   H N N 420 
VAL HA   H N N 421 
VAL HB   H N N 422 
VAL HG11 H N N 423 
VAL HG12 H N N 424 
VAL HG13 H N N 425 
VAL HG21 H N N 426 
VAL HG22 H N N 427 
VAL HG23 H N N 428 
VAL HXT  H N N 429 
# 
loop_
_chem_comp_bond.comp_id 
_chem_comp_bond.atom_id_1 
_chem_comp_bond.atom_id_2 
_chem_comp_bond.value_order 
_chem_comp_bond.pdbx_aromatic_flag 
_chem_comp_bond.pdbx_stereo_config 
_chem_comp_bond.pdbx_ordinal 
89G C1  C3   doub Y N 1   
89G C1  C4   sing Y N 2   
89G C3  C7   sing Y N 3   
89G C4  C8   doub Y N 4   
89G C7  C11  doub Y N 5   
89G C8  C11  sing Y N 6   
89G C11 O22  sing N N 7   
89G C9  C12  doub Y N 8   
89G C9  C5   sing Y N 9   
89G O22 C12  sing N N 10  
89G C12 C10  sing Y N 11  
89G C5  C2   doub Y N 12  
89G C18 O23  sing N N 13  
89G O23 C15  sing N N 14  
89G C2  C6   sing Y N 15  
89G C10 C6   doub Y N 16  
89G C10 C14  sing N N 17  
89G C15 C14  sing N N 18  
89G C15 C13  doub N N 19  
89G C14 N19  doub N N 20  
89G C13 C16  sing N N 21  
89G N19 N20  sing N N 22  
89G C16 N20  sing N N 23  
89G C16 O21  doub N N 24  
89G N20 C17  sing N N 25  
89G C4  H1   sing N N 26  
89G C5  H2   sing N N 27  
89G C6  H3   sing N N 28  
89G C7  H4   sing N N 29  
89G C8  H5   sing N N 30  
89G C13 H6   sing N N 31  
89G C17 H7   sing N N 32  
89G C17 H8   sing N N 33  
89G C17 H9   sing N N 34  
89G C1  H10  sing N N 35  
89G C2  H11  sing N N 36  
89G C3  H12  sing N N 37  
89G C9  H13  sing N N 38  
89G C18 H14  sing N N 39  
89G C18 H15  sing N N 40  
89G C18 H16  sing N N 41  
ALA N   CA   sing N N 42  
ALA N   H    sing N N 43  
ALA N   H2   sing N N 44  
ALA CA  C    sing N N 45  
ALA CA  CB   sing N N 46  
ALA CA  HA   sing N N 47  
ALA C   O    doub N N 48  
ALA C   OXT  sing N N 49  
ALA CB  HB1  sing N N 50  
ALA CB  HB2  sing N N 51  
ALA CB  HB3  sing N N 52  
ALA OXT HXT  sing N N 53  
ARG N   CA   sing N N 54  
ARG N   H    sing N N 55  
ARG N   H2   sing N N 56  
ARG CA  C    sing N N 57  
ARG CA  CB   sing N N 58  
ARG CA  HA   sing N N 59  
ARG C   O    doub N N 60  
ARG C   OXT  sing N N 61  
ARG CB  CG   sing N N 62  
ARG CB  HB2  sing N N 63  
ARG CB  HB3  sing N N 64  
ARG CG  CD   sing N N 65  
ARG CG  HG2  sing N N 66  
ARG CG  HG3  sing N N 67  
ARG CD  NE   sing N N 68  
ARG CD  HD2  sing N N 69  
ARG CD  HD3  sing N N 70  
ARG NE  CZ   sing N N 71  
ARG NE  HE   sing N N 72  
ARG CZ  NH1  sing N N 73  
ARG CZ  NH2  doub N N 74  
ARG NH1 HH11 sing N N 75  
ARG NH1 HH12 sing N N 76  
ARG NH2 HH21 sing N N 77  
ARG NH2 HH22 sing N N 78  
ARG OXT HXT  sing N N 79  
ASN N   CA   sing N N 80  
ASN N   H    sing N N 81  
ASN N   H2   sing N N 82  
ASN CA  C    sing N N 83  
ASN CA  CB   sing N N 84  
ASN CA  HA   sing N N 85  
ASN C   O    doub N N 86  
ASN C   OXT  sing N N 87  
ASN CB  CG   sing N N 88  
ASN CB  HB2  sing N N 89  
ASN CB  HB3  sing N N 90  
ASN CG  OD1  doub N N 91  
ASN CG  ND2  sing N N 92  
ASN ND2 HD21 sing N N 93  
ASN ND2 HD22 sing N N 94  
ASN OXT HXT  sing N N 95  
ASP N   CA   sing N N 96  
ASP N   H    sing N N 97  
ASP N   H2   sing N N 98  
ASP CA  C    sing N N 99  
ASP CA  CB   sing N N 100 
ASP CA  HA   sing N N 101 
ASP C   O    doub N N 102 
ASP C   OXT  sing N N 103 
ASP CB  CG   sing N N 104 
ASP CB  HB2  sing N N 105 
ASP CB  HB3  sing N N 106 
ASP CG  OD1  doub N N 107 
ASP CG  OD2  sing N N 108 
ASP OD2 HD2  sing N N 109 
ASP OXT HXT  sing N N 110 
CYS N   CA   sing N N 111 
CYS N   H    sing N N 112 
CYS N   H2   sing N N 113 
CYS CA  C    sing N N 114 
CYS CA  CB   sing N N 115 
CYS CA  HA   sing N N 116 
CYS C   O    doub N N 117 
CYS C   OXT  sing N N 118 
CYS CB  SG   sing N N 119 
CYS CB  HB2  sing N N 120 
CYS CB  HB3  sing N N 121 
CYS SG  HG   sing N N 122 
CYS OXT HXT  sing N N 123 
GLN N   CA   sing N N 124 
GLN N   H    sing N N 125 
GLN N   H2   sing N N 126 
GLN CA  C    sing N N 127 
GLN CA  CB   sing N N 128 
GLN CA  HA   sing N N 129 
GLN C   O    doub N N 130 
GLN C   OXT  sing N N 131 
GLN CB  CG   sing N N 132 
GLN CB  HB2  sing N N 133 
GLN CB  HB3  sing N N 134 
GLN CG  CD   sing N N 135 
GLN CG  HG2  sing N N 136 
GLN CG  HG3  sing N N 137 
GLN CD  OE1  doub N N 138 
GLN CD  NE2  sing N N 139 
GLN NE2 HE21 sing N N 140 
GLN NE2 HE22 sing N N 141 
GLN OXT HXT  sing N N 142 
GLU N   CA   sing N N 143 
GLU N   H    sing N N 144 
GLU N   H2   sing N N 145 
GLU CA  C    sing N N 146 
GLU CA  CB   sing N N 147 
GLU CA  HA   sing N N 148 
GLU C   O    doub N N 149 
GLU C   OXT  sing N N 150 
GLU CB  CG   sing N N 151 
GLU CB  HB2  sing N N 152 
GLU CB  HB3  sing N N 153 
GLU CG  CD   sing N N 154 
GLU CG  HG2  sing N N 155 
GLU CG  HG3  sing N N 156 
GLU CD  OE1  doub N N 157 
GLU CD  OE2  sing N N 158 
GLU OE2 HE2  sing N N 159 
GLU OXT HXT  sing N N 160 
GLY N   CA   sing N N 161 
GLY N   H    sing N N 162 
GLY N   H2   sing N N 163 
GLY CA  C    sing N N 164 
GLY CA  HA2  sing N N 165 
GLY CA  HA3  sing N N 166 
GLY C   O    doub N N 167 
GLY C   OXT  sing N N 168 
GLY OXT HXT  sing N N 169 
HIS N   CA   sing N N 170 
HIS N   H    sing N N 171 
HIS N   H2   sing N N 172 
HIS CA  C    sing N N 173 
HIS CA  CB   sing N N 174 
HIS CA  HA   sing N N 175 
HIS C   O    doub N N 176 
HIS C   OXT  sing N N 177 
HIS CB  CG   sing N N 178 
HIS CB  HB2  sing N N 179 
HIS CB  HB3  sing N N 180 
HIS CG  ND1  sing Y N 181 
HIS CG  CD2  doub Y N 182 
HIS ND1 CE1  doub Y N 183 
HIS ND1 HD1  sing N N 184 
HIS CD2 NE2  sing Y N 185 
HIS CD2 HD2  sing N N 186 
HIS CE1 NE2  sing Y N 187 
HIS CE1 HE1  sing N N 188 
HIS NE2 HE2  sing N N 189 
HIS OXT HXT  sing N N 190 
HOH O   H1   sing N N 191 
HOH O   H2   sing N N 192 
ILE N   CA   sing N N 193 
ILE N   H    sing N N 194 
ILE N   H2   sing N N 195 
ILE CA  C    sing N N 196 
ILE CA  CB   sing N N 197 
ILE CA  HA   sing N N 198 
ILE C   O    doub N N 199 
ILE C   OXT  sing N N 200 
ILE CB  CG1  sing N N 201 
ILE CB  CG2  sing N N 202 
ILE CB  HB   sing N N 203 
ILE CG1 CD1  sing N N 204 
ILE CG1 HG12 sing N N 205 
ILE CG1 HG13 sing N N 206 
ILE CG2 HG21 sing N N 207 
ILE CG2 HG22 sing N N 208 
ILE CG2 HG23 sing N N 209 
ILE CD1 HD11 sing N N 210 
ILE CD1 HD12 sing N N 211 
ILE CD1 HD13 sing N N 212 
ILE OXT HXT  sing N N 213 
LEU N   CA   sing N N 214 
LEU N   H    sing N N 215 
LEU N   H2   sing N N 216 
LEU CA  C    sing N N 217 
LEU CA  CB   sing N N 218 
LEU CA  HA   sing N N 219 
LEU C   O    doub N N 220 
LEU C   OXT  sing N N 221 
LEU CB  CG   sing N N 222 
LEU CB  HB2  sing N N 223 
LEU CB  HB3  sing N N 224 
LEU CG  CD1  sing N N 225 
LEU CG  CD2  sing N N 226 
LEU CG  HG   sing N N 227 
LEU CD1 HD11 sing N N 228 
LEU CD1 HD12 sing N N 229 
LEU CD1 HD13 sing N N 230 
LEU CD2 HD21 sing N N 231 
LEU CD2 HD22 sing N N 232 
LEU CD2 HD23 sing N N 233 
LEU OXT HXT  sing N N 234 
LYS N   CA   sing N N 235 
LYS N   H    sing N N 236 
LYS N   H2   sing N N 237 
LYS CA  C    sing N N 238 
LYS CA  CB   sing N N 239 
LYS CA  HA   sing N N 240 
LYS C   O    doub N N 241 
LYS C   OXT  sing N N 242 
LYS CB  CG   sing N N 243 
LYS CB  HB2  sing N N 244 
LYS CB  HB3  sing N N 245 
LYS CG  CD   sing N N 246 
LYS CG  HG2  sing N N 247 
LYS CG  HG3  sing N N 248 
LYS CD  CE   sing N N 249 
LYS CD  HD2  sing N N 250 
LYS CD  HD3  sing N N 251 
LYS CE  NZ   sing N N 252 
LYS CE  HE2  sing N N 253 
LYS CE  HE3  sing N N 254 
LYS NZ  HZ1  sing N N 255 
LYS NZ  HZ2  sing N N 256 
LYS NZ  HZ3  sing N N 257 
LYS OXT HXT  sing N N 258 
MET N   CA   sing N N 259 
MET N   H    sing N N 260 
MET N   H2   sing N N 261 
MET CA  C    sing N N 262 
MET CA  CB   sing N N 263 
MET CA  HA   sing N N 264 
MET C   O    doub N N 265 
MET C   OXT  sing N N 266 
MET CB  CG   sing N N 267 
MET CB  HB2  sing N N 268 
MET CB  HB3  sing N N 269 
MET CG  SD   sing N N 270 
MET CG  HG2  sing N N 271 
MET CG  HG3  sing N N 272 
MET SD  CE   sing N N 273 
MET CE  HE1  sing N N 274 
MET CE  HE2  sing N N 275 
MET CE  HE3  sing N N 276 
MET OXT HXT  sing N N 277 
PHE N   CA   sing N N 278 
PHE N   H    sing N N 279 
PHE N   H2   sing N N 280 
PHE CA  C    sing N N 281 
PHE CA  CB   sing N N 282 
PHE CA  HA   sing N N 283 
PHE C   O    doub N N 284 
PHE C   OXT  sing N N 285 
PHE CB  CG   sing N N 286 
PHE CB  HB2  sing N N 287 
PHE CB  HB3  sing N N 288 
PHE CG  CD1  doub Y N 289 
PHE CG  CD2  sing Y N 290 
PHE CD1 CE1  sing Y N 291 
PHE CD1 HD1  sing N N 292 
PHE CD2 CE2  doub Y N 293 
PHE CD2 HD2  sing N N 294 
PHE CE1 CZ   doub Y N 295 
PHE CE1 HE1  sing N N 296 
PHE CE2 CZ   sing Y N 297 
PHE CE2 HE2  sing N N 298 
PHE CZ  HZ   sing N N 299 
PHE OXT HXT  sing N N 300 
PRO N   CA   sing N N 301 
PRO N   CD   sing N N 302 
PRO N   H    sing N N 303 
PRO CA  C    sing N N 304 
PRO CA  CB   sing N N 305 
PRO CA  HA   sing N N 306 
PRO C   O    doub N N 307 
PRO C   OXT  sing N N 308 
PRO CB  CG   sing N N 309 
PRO CB  HB2  sing N N 310 
PRO CB  HB3  sing N N 311 
PRO CG  CD   sing N N 312 
PRO CG  HG2  sing N N 313 
PRO CG  HG3  sing N N 314 
PRO CD  HD2  sing N N 315 
PRO CD  HD3  sing N N 316 
PRO OXT HXT  sing N N 317 
SER N   CA   sing N N 318 
SER N   H    sing N N 319 
SER N   H2   sing N N 320 
SER CA  C    sing N N 321 
SER CA  CB   sing N N 322 
SER CA  HA   sing N N 323 
SER C   O    doub N N 324 
SER C   OXT  sing N N 325 
SER CB  OG   sing N N 326 
SER CB  HB2  sing N N 327 
SER CB  HB3  sing N N 328 
SER OG  HG   sing N N 329 
SER OXT HXT  sing N N 330 
THR N   CA   sing N N 331 
THR N   H    sing N N 332 
THR N   H2   sing N N 333 
THR CA  C    sing N N 334 
THR CA  CB   sing N N 335 
THR CA  HA   sing N N 336 
THR C   O    doub N N 337 
THR C   OXT  sing N N 338 
THR CB  OG1  sing N N 339 
THR CB  CG2  sing N N 340 
THR CB  HB   sing N N 341 
THR OG1 HG1  sing N N 342 
THR CG2 HG21 sing N N 343 
THR CG2 HG22 sing N N 344 
THR CG2 HG23 sing N N 345 
THR OXT HXT  sing N N 346 
TRP N   CA   sing N N 347 
TRP N   H    sing N N 348 
TRP N   H2   sing N N 349 
TRP CA  C    sing N N 350 
TRP CA  CB   sing N N 351 
TRP CA  HA   sing N N 352 
TRP C   O    doub N N 353 
TRP C   OXT  sing N N 354 
TRP CB  CG   sing N N 355 
TRP CB  HB2  sing N N 356 
TRP CB  HB3  sing N N 357 
TRP CG  CD1  doub Y N 358 
TRP CG  CD2  sing Y N 359 
TRP CD1 NE1  sing Y N 360 
TRP CD1 HD1  sing N N 361 
TRP CD2 CE2  doub Y N 362 
TRP CD2 CE3  sing Y N 363 
TRP NE1 CE2  sing Y N 364 
TRP NE1 HE1  sing N N 365 
TRP CE2 CZ2  sing Y N 366 
TRP CE3 CZ3  doub Y N 367 
TRP CE3 HE3  sing N N 368 
TRP CZ2 CH2  doub Y N 369 
TRP CZ2 HZ2  sing N N 370 
TRP CZ3 CH2  sing Y N 371 
TRP CZ3 HZ3  sing N N 372 
TRP CH2 HH2  sing N N 373 
TRP OXT HXT  sing N N 374 
TYR N   CA   sing N N 375 
TYR N   H    sing N N 376 
TYR N   H2   sing N N 377 
TYR CA  C    sing N N 378 
TYR CA  CB   sing N N 379 
TYR CA  HA   sing N N 380 
TYR C   O    doub N N 381 
TYR C   OXT  sing N N 382 
TYR CB  CG   sing N N 383 
TYR CB  HB2  sing N N 384 
TYR CB  HB3  sing N N 385 
TYR CG  CD1  doub Y N 386 
TYR CG  CD2  sing Y N 387 
TYR CD1 CE1  sing Y N 388 
TYR CD1 HD1  sing N N 389 
TYR CD2 CE2  doub Y N 390 
TYR CD2 HD2  sing N N 391 
TYR CE1 CZ   doub Y N 392 
TYR CE1 HE1  sing N N 393 
TYR CE2 CZ   sing Y N 394 
TYR CE2 HE2  sing N N 395 
TYR CZ  OH   sing N N 396 
TYR OH  HH   sing N N 397 
TYR OXT HXT  sing N N 398 
VAL N   CA   sing N N 399 
VAL N   H    sing N N 400 
VAL N   H2   sing N N 401 
VAL CA  C    sing N N 402 
VAL CA  CB   sing N N 403 
VAL CA  HA   sing N N 404 
VAL C   O    doub N N 405 
VAL C   OXT  sing N N 406 
VAL CB  CG1  sing N N 407 
VAL CB  CG2  sing N N 408 
VAL CB  HB   sing N N 409 
VAL CG1 HG11 sing N N 410 
VAL CG1 HG12 sing N N 411 
VAL CG1 HG13 sing N N 412 
VAL CG2 HG21 sing N N 413 
VAL CG2 HG22 sing N N 414 
VAL CG2 HG23 sing N N 415 
VAL OXT HXT  sing N N 416 
# 
_pdbx_initial_refinement_model.accession_code   ? 
_pdbx_initial_refinement_model.id               1 
_pdbx_initial_refinement_model.entity_id_list   ? 
_pdbx_initial_refinement_model.type             'experimental model' 
_pdbx_initial_refinement_model.source_name      Other 
_pdbx_initial_refinement_model.details          Apo-BRD4_BD2 
# 
_atom_sites.entry_id                    5UEZ 
_atom_sites.fract_transf_matrix[1][1]   -0.00634355 
_atom_sites.fract_transf_matrix[1][2]   0.01514321 
_atom_sites.fract_transf_matrix[1][3]   0.00528220 
_atom_sites.fract_transf_matrix[2][1]   0.00743068 
_atom_sites.fract_transf_matrix[2][2]   -0.00090624 
_atom_sites.fract_transf_matrix[2][3]   0.01152177 
_atom_sites.fract_transf_matrix[3][1]   0.02247775 
_atom_sites.fract_transf_matrix[3][2]   0.01408616 
_atom_sites.fract_transf_matrix[3][3]   -0.01338853 
_atom_sites.fract_transf_vector[1]      0.184876 
_atom_sites.fract_transf_vector[2]      0.027995 
_atom_sites.fract_transf_vector[3]      0.169150 
# 
loop_
_atom_type.symbol 
C 
N 
O 
S 
# 
loop_
_atom_site.group_PDB 
_atom_site.id 
_atom_site.type_symbol 
_atom_site.label_atom_id 
_atom_site.label_alt_id 
_atom_site.label_comp_id 
_atom_site.label_asym_id 
_atom_site.label_entity_id 
_atom_site.label_seq_id 
_atom_site.pdbx_PDB_ins_code 
_atom_site.Cartn_x 
_atom_site.Cartn_y 
_atom_site.Cartn_z 
_atom_site.occupancy 
_atom_site.B_iso_or_equiv 
_atom_site.pdbx_formal_charge 
_atom_site.auth_seq_id 
_atom_site.auth_comp_id 
_atom_site.auth_asym_id 
_atom_site.auth_atom_id 
_atom_site.pdbx_PDB_model_num 
ATOM   1    N N   . SER A 1 1   ? 1.745   3.128   -23.076 1.00 50.48 ? 349 SER A N   1 
ATOM   2    C CA  . SER A 1 1   ? 2.618   4.256   -22.752 1.00 50.09 ? 349 SER A CA  1 
ATOM   3    C C   . SER A 1 1   ? 2.682   4.480   -21.238 1.00 54.13 ? 349 SER A C   1 
ATOM   4    O O   . SER A 1 1   ? 1.740   4.118   -20.527 1.00 53.23 ? 349 SER A O   1 
ATOM   5    C CB  . SER A 1 1   ? 2.138   5.530   -23.447 1.00 52.80 ? 349 SER A CB  1 
ATOM   6    O OG  . SER A 1 1   ? 1.081   6.170   -22.749 1.00 58.12 ? 349 SER A OG  1 
ATOM   7    N N   . HIS A 1 2   ? 3.772   5.115   -20.760 1.00 50.26 ? 350 HIS A N   1 
ATOM   8    C CA  . HIS A 1 2   ? 3.977   5.409   -19.341 1.00 49.65 ? 350 HIS A CA  1 
ATOM   9    C C   . HIS A 1 2   ? 2.927   6.353   -18.754 1.00 51.46 ? 350 HIS A C   1 
ATOM   10   O O   . HIS A 1 2   ? 2.543   6.161   -17.606 1.00 49.90 ? 350 HIS A O   1 
ATOM   11   C CB  . HIS A 1 2   ? 5.398   5.928   -19.074 1.00 50.71 ? 350 HIS A CB  1 
ATOM   12   C CG  . HIS A 1 2   ? 6.476   4.904   -19.262 1.00 54.11 ? 350 HIS A CG  1 
ATOM   13   N ND1 . HIS A 1 2   ? 7.793   5.279   -19.433 1.00 56.02 ? 350 HIS A ND1 1 
ATOM   14   C CD2 . HIS A 1 2   ? 6.402   3.551   -19.279 1.00 56.01 ? 350 HIS A CD2 1 
ATOM   15   C CE1 . HIS A 1 2   ? 8.478   4.151   -19.550 1.00 55.61 ? 350 HIS A CE1 1 
ATOM   16   N NE2 . HIS A 1 2   ? 7.682   3.085   -19.470 1.00 55.85 ? 350 HIS A NE2 1 
ATOM   17   N N   . MET A 1 3   ? 2.437   7.336   -19.544 1.00 47.69 ? 351 MET A N   1 
ATOM   18   C CA  . MET A 1 3   ? 1.419   8.303   -19.110 1.00 47.42 ? 351 MET A CA  1 
ATOM   19   C C   . MET A 1 3   ? 0.077   7.608   -18.819 1.00 47.37 ? 351 MET A C   1 
ATOM   20   O O   . MET A 1 3   ? -0.488  7.817   -17.744 1.00 46.33 ? 351 MET A O   1 
ATOM   21   C CB  . MET A 1 3   ? 1.253   9.431   -20.149 1.00 50.65 ? 351 MET A CB  1 
ATOM   22   C CG  . MET A 1 3   ? 0.527   10.656  -19.612 1.00 55.37 ? 351 MET A CG  1 
ATOM   23   S SD  . MET A 1 3   ? -0.259  11.625  -20.932 1.00 60.64 ? 351 MET A SD  1 
ATOM   24   C CE  . MET A 1 3   ? -0.981  12.957  -19.968 1.00 57.07 ? 351 MET A CE  1 
ATOM   25   N N   . GLU A 1 4   ? -0.411  6.775   -19.762 1.00 41.87 ? 352 GLU A N   1 
ATOM   26   C CA  . GLU A 1 4   ? -1.660  6.005   -19.633 1.00 40.88 ? 352 GLU A CA  1 
ATOM   27   C C   . GLU A 1 4   ? -1.534  4.990   -18.486 1.00 40.56 ? 352 GLU A C   1 
ATOM   28   O O   . GLU A 1 4   ? -2.496  4.814   -17.732 1.00 39.55 ? 352 GLU A O   1 
ATOM   29   C CB  . GLU A 1 4   ? -1.995  5.258   -20.937 1.00 42.95 ? 352 GLU A CB  1 
ATOM   30   C CG  . GLU A 1 4   ? -2.311  6.157   -22.120 1.00 58.75 ? 352 GLU A CG  1 
ATOM   31   C CD  . GLU A 1 4   ? -2.202  5.464   -23.465 1.00 85.51 ? 352 GLU A CD  1 
ATOM   32   O OE1 . GLU A 1 4   ? -1.196  5.698   -24.172 1.00 81.43 ? 352 GLU A OE1 1 
ATOM   33   O OE2 . GLU A 1 4   ? -3.116  4.679   -23.811 1.00 80.00 ? 352 GLU A OE2 1 
ATOM   34   N N   . GLN A 1 5   ? -0.342  4.330   -18.372 1.00 33.61 ? 353 GLN A N   1 
ATOM   35   C CA  . GLN A 1 5   ? 0.020   3.359   -17.328 1.00 31.71 ? 353 GLN A CA  1 
ATOM   36   C C   . GLN A 1 5   ? -0.166  4.031   -15.975 1.00 30.41 ? 353 GLN A C   1 
ATOM   37   O O   . GLN A 1 5   ? -0.805  3.460   -15.089 1.00 27.48 ? 353 GLN A O   1 
ATOM   38   C CB  . GLN A 1 5   ? 1.521   2.986   -17.435 1.00 33.52 ? 353 GLN A CB  1 
ATOM   39   C CG  . GLN A 1 5   ? 1.887   1.711   -18.183 1.00 46.34 ? 353 GLN A CG  1 
ATOM   40   C CD  . GLN A 1 5   ? 3.400   1.533   -18.204 1.00 54.34 ? 353 GLN A CD  1 
ATOM   41   O OE1 . GLN A 1 5   ? 4.110   1.732   -17.193 1.00 34.72 ? 353 GLN A OE1 1 
ATOM   42   N NE2 . GLN A 1 5   ? 3.942   1.168   -19.365 1.00 47.62 ? 353 GLN A NE2 1 
ATOM   43   N N   . LEU A 1 6   ? 0.405   5.246   -15.820 1.00 26.41 ? 354 LEU A N   1 
ATOM   44   C CA  . LEU A 1 6   ? 0.342   5.981   -14.560 1.00 25.48 ? 354 LEU A CA  1 
ATOM   45   C C   . LEU A 1 6   ? -1.066  6.466   -14.231 1.00 28.36 ? 354 LEU A C   1 
ATOM   46   O O   . LEU A 1 6   ? -1.433  6.517   -13.055 1.00 26.50 ? 354 LEU A O   1 
ATOM   47   C CB  . LEU A 1 6   ? 1.372   7.119   -14.501 1.00 25.98 ? 354 LEU A CB  1 
ATOM   48   C CG  . LEU A 1 6   ? 2.838   6.670   -14.416 1.00 30.04 ? 354 LEU A CG  1 
ATOM   49   C CD1 . LEU A 1 6   ? 3.772   7.845   -14.657 1.00 30.24 ? 354 LEU A CD1 1 
ATOM   50   C CD2 . LEU A 1 6   ? 3.150   5.988   -13.094 1.00 30.51 ? 354 LEU A CD2 1 
ATOM   51   N N   . LYS A 1 7   ? -1.873  6.780   -15.267 1.00 25.77 ? 355 LYS A N   1 
ATOM   52   C CA  . LYS A 1 7   ? -3.266  7.153   -15.059 1.00 25.80 ? 355 LYS A CA  1 
ATOM   53   C C   . LYS A 1 7   ? -4.018  5.939   -14.517 1.00 27.99 ? 355 LYS A C   1 
ATOM   54   O O   . LYS A 1 7   ? -4.847  6.084   -13.616 1.00 27.63 ? 355 LYS A O   1 
ATOM   55   C CB  . LYS A 1 7   ? -3.908  7.665   -16.360 1.00 29.97 ? 355 LYS A CB  1 
ATOM   56   C CG  . LYS A 1 7   ? -3.480  9.088   -16.710 1.00 45.63 ? 355 LYS A CG  1 
ATOM   57   C CD  . LYS A 1 7   ? -4.438  9.727   -17.714 1.00 60.49 ? 355 LYS A CD  1 
ATOM   58   C CE  . LYS A 1 7   ? -3.725  10.595  -18.724 1.00 73.96 ? 355 LYS A CE  1 
ATOM   59   N NZ  . LYS A 1 7   ? -3.109  9.790   -19.814 1.00 82.98 ? 355 LYS A NZ  1 
ATOM   60   N N   . CYS A 1 8   ? -3.700  4.743   -15.040 1.00 25.02 ? 356 CYS A N   1 
ATOM   61   C CA  . CYS A 1 8   ? -4.293  3.486   -14.576 1.00 25.61 ? 356 CYS A CA  1 
ATOM   62   C C   . CYS A 1 8   ? -3.886  3.234   -13.116 1.00 23.20 ? 356 CYS A C   1 
ATOM   63   O O   . CYS A 1 8   ? -4.733  2.829   -12.332 1.00 22.13 ? 356 CYS A O   1 
ATOM   64   C CB  . CYS A 1 8   ? -3.874  2.332   -15.474 1.00 28.18 ? 356 CYS A CB  1 
ATOM   65   S SG  A CYS A 1 8   ? -4.543  0.731   -14.975 0.50 32.37 ? 356 CYS A SG  1 
ATOM   66   S SG  B CYS A 1 8   ? -4.707  2.304   -17.079 0.50 32.83 ? 356 CYS A SG  1 
ATOM   67   N N   . CYS A 1 9   ? -2.618  3.524   -12.751 1.00 20.96 ? 357 CYS A N   1 
ATOM   68   C CA  . CYS A 1 9   ? -2.144  3.359   -11.363 1.00 19.33 ? 357 CYS A CA  1 
ATOM   69   C C   . CYS A 1 9   ? -2.933  4.228   -10.426 1.00 21.92 ? 357 CYS A C   1 
ATOM   70   O O   . CYS A 1 9   ? -3.332  3.781   -9.349  1.00 20.51 ? 357 CYS A O   1 
ATOM   71   C CB  . CYS A 1 9   ? -0.663  3.663   -11.270 1.00 20.36 ? 357 CYS A CB  1 
ATOM   72   S SG  . CYS A 1 9   ? 0.355   2.459   -12.120 1.00 24.77 ? 357 CYS A SG  1 
ATOM   73   N N   . SER A 1 10  ? -3.178  5.488   -10.841 1.00 19.41 ? 358 SER A N   1 
ATOM   74   C CA  . SER A 1 10  ? -3.966  6.400   -10.028 1.00 19.10 ? 358 SER A CA  1 
ATOM   75   C C   . SER A 1 10  ? -5.375  5.817   -9.816  1.00 20.96 ? 358 SER A C   1 
ATOM   76   O O   . SER A 1 10  ? -5.907  5.906   -8.718  1.00 21.67 ? 358 SER A O   1 
ATOM   77   C CB  A SER A 1 10  ? -4.039  7.780   -10.673 0.50 22.12 ? 358 SER A CB  1 
ATOM   78   C CB  B SER A 1 10  ? -4.052  7.766   -10.710 0.50 22.14 ? 358 SER A CB  1 
ATOM   79   O OG  A SER A 1 10  ? -2.844  8.479   -10.380 0.50 26.53 ? 358 SER A OG  1 
ATOM   80   O OG  B SER A 1 10  ? -4.964  8.615   -10.038 0.50 26.76 ? 358 SER A OG  1 
ATOM   81   N N   . GLY A 1 11  ? -5.937  5.176   -10.842 1.00 19.97 ? 359 GLY A N   1 
ATOM   82   C CA  . GLY A 1 11  ? -7.247  4.537   -10.768 1.00 19.55 ? 359 GLY A CA  1 
ATOM   83   C C   . GLY A 1 11  ? -7.272  3.330   -9.835  1.00 21.27 ? 359 GLY A C   1 
ATOM   84   O O   . GLY A 1 11  ? -8.227  3.151   -9.078  1.00 19.76 ? 359 GLY A O   1 
ATOM   85   N N   . ILE A 1 12  ? -6.178  2.545   -9.839  1.00 18.11 ? 360 ILE A N   1 
ATOM   86   C CA  . ILE A 1 12  ? -6.088  1.406   -8.911  1.00 16.70 ? 360 ILE A CA  1 
ATOM   87   C C   . ILE A 1 12  ? -6.035  1.923   -7.472  1.00 18.61 ? 360 ILE A C   1 
ATOM   88   O O   . ILE A 1 12  ? -6.751  1.414   -6.609  1.00 18.29 ? 360 ILE A O   1 
ATOM   89   C CB  . ILE A 1 12  ? -4.860  0.534   -9.235  1.00 19.44 ? 360 ILE A CB  1 
ATOM   90   C CG1 . ILE A 1 12  ? -5.037  -0.094  -10.652 1.00 19.48 ? 360 ILE A CG1 1 
ATOM   91   C CG2 . ILE A 1 12  ? -4.662  -0.560  -8.135  1.00 20.91 ? 360 ILE A CG2 1 
ATOM   92   C CD1 . ILE A 1 12  ? -3.847  -0.852  -11.178 1.00 24.97 ? 360 ILE A CD1 1 
ATOM   93   N N   . LEU A 1 13  ? -5.180  2.929   -7.219  1.00 17.32 ? 361 LEU A N   1 
ATOM   94   C CA  . LEU A 1 13  ? -5.084  3.461   -5.870  1.00 16.55 ? 361 LEU A CA  1 
ATOM   95   C C   . LEU A 1 13  ? -6.423  4.088   -5.413  1.00 18.85 ? 361 LEU A C   1 
ATOM   96   O O   . LEU A 1 13  ? -6.815  3.925   -4.254  1.00 19.27 ? 361 LEU A O   1 
ATOM   97   C CB  . LEU A 1 13  ? -3.936  4.453   -5.781  1.00 16.79 ? 361 LEU A CB  1 
ATOM   98   C CG  . LEU A 1 13  ? -3.520  4.821   -4.366  1.00 20.52 ? 361 LEU A CG  1 
ATOM   99   C CD1 . LEU A 1 13  ? -2.849  3.672   -3.653  1.00 20.09 ? 361 LEU A CD1 1 
ATOM   100  C CD2 . LEU A 1 13  ? -2.614  6.018   -4.399  1.00 21.97 ? 361 LEU A CD2 1 
ATOM   101  N N   . LYS A 1 14  ? -7.147  4.751   -6.344  1.00 16.77 ? 362 LYS A N   1 
ATOM   102  C CA  . LYS A 1 14  ? -8.456  5.315   -5.990  1.00 18.10 ? 362 LYS A CA  1 
ATOM   103  C C   . LYS A 1 14  ? -9.417  4.199   -5.553  1.00 22.05 ? 362 LYS A C   1 
ATOM   104  O O   . LYS A 1 14  ? -10.105 4.365   -4.556  1.00 21.33 ? 362 LYS A O   1 
ATOM   105  C CB  . LYS A 1 14  ? -9.047  6.120   -7.161  1.00 19.50 ? 362 LYS A CB  1 
ATOM   106  C CG  . LYS A 1 14  ? -10.367 6.778   -6.808  1.00 24.00 ? 362 LYS A CG  1 
ATOM   107  C CD  . LYS A 1 14  ? -10.882 7.615   -7.969  1.00 31.54 ? 362 LYS A CD  1 
ATOM   108  C CE  . LYS A 1 14  ? -12.232 8.205   -7.656  1.00 41.01 ? 362 LYS A CE  1 
ATOM   109  N NZ  . LYS A 1 14  ? -12.787 8.939   -8.831  1.00 52.63 ? 362 LYS A NZ  1 
ATOM   110  N N   . GLU A 1 15  ? -9.397  3.039   -6.233  1.00 19.64 ? 363 GLU A N   1 
ATOM   111  C CA  . GLU A 1 15  ? -10.239 1.928   -5.791  1.00 18.93 ? 363 GLU A CA  1 
ATOM   112  C C   . GLU A 1 15  ? -9.800  1.414   -4.428  1.00 20.51 ? 363 GLU A C   1 
ATOM   113  O O   . GLU A 1 15  ? -10.659 1.095   -3.605  1.00 20.20 ? 363 GLU A O   1 
ATOM   114  C CB  . GLU A 1 15  ? -10.257 0.767   -6.772  1.00 20.25 ? 363 GLU A CB  1 
ATOM   115  C CG  . GLU A 1 15  ? -11.201 -0.308  -6.254  1.00 23.85 ? 363 GLU A CG  1 
ATOM   116  C CD  . GLU A 1 15  ? -11.567 -1.466  -7.147  1.00 28.97 ? 363 GLU A CD  1 
ATOM   117  O OE1 . GLU A 1 15  ? -11.310 -1.376  -8.366  1.00 26.77 ? 363 GLU A OE1 1 
ATOM   118  O OE2 . GLU A 1 15  ? -12.167 -2.443  -6.637  1.00 29.28 ? 363 GLU A OE2 1 
ATOM   119  N N   . MET A 1 16  ? -8.465  1.341   -4.171  1.00 16.84 ? 364 MET A N   1 
ATOM   120  C CA  . MET A 1 16  ? -8.011  0.879   -2.862  1.00 15.77 ? 364 MET A CA  1 
ATOM   121  C C   . MET A 1 16  ? -8.498  1.792   -1.720  1.00 20.14 ? 364 MET A C   1 
ATOM   122  O O   . MET A 1 16  ? -8.645  1.318   -0.591  1.00 19.49 ? 364 MET A O   1 
ATOM   123  C CB  . MET A 1 16  ? -6.495  0.700   -2.869  1.00 16.34 ? 364 MET A CB  1 
ATOM   124  C CG  . MET A 1 16  ? -6.040  -0.409  -3.802  1.00 17.33 ? 364 MET A CG  1 
ATOM   125  S SD  . MET A 1 16  ? -4.286  -0.369  -4.158  1.00 19.38 ? 364 MET A SD  1 
ATOM   126  C CE  . MET A 1 16  ? -3.589  -0.567  -2.469  1.00 17.41 ? 364 MET A CE  1 
ATOM   127  N N   . PHE A 1 17  ? -8.748  3.112   -2.018  1.00 17.25 ? 365 PHE A N   1 
ATOM   128  C CA  . PHE A 1 17  ? -9.270  4.072   -1.039  1.00 17.71 ? 365 PHE A CA  1 
ATOM   129  C C   . PHE A 1 17  ? -10.798 4.081   -0.921  1.00 22.66 ? 365 PHE A C   1 
ATOM   130  O O   . PHE A 1 17  ? -11.328 4.751   -0.040  1.00 23.51 ? 365 PHE A O   1 
ATOM   131  C CB  . PHE A 1 17  ? -8.828  5.498   -1.422  1.00 18.94 ? 365 PHE A CB  1 
ATOM   132  C CG  . PHE A 1 17  ? -7.492  5.929   -0.863  1.00 18.44 ? 365 PHE A CG  1 
ATOM   133  C CD1 . PHE A 1 17  ? -6.425  6.219   -1.710  1.00 20.25 ? 365 PHE A CD1 1 
ATOM   134  C CD2 . PHE A 1 17  ? -7.321  6.121   0.506   1.00 19.00 ? 365 PHE A CD2 1 
ATOM   135  C CE1 . PHE A 1 17  ? -5.207  6.666   -1.196  1.00 19.26 ? 365 PHE A CE1 1 
ATOM   136  C CE2 . PHE A 1 17  ? -6.101  6.570   1.014   1.00 21.11 ? 365 PHE A CE2 1 
ATOM   137  C CZ  . PHE A 1 17  ? -5.052  6.837   0.159   1.00 18.76 ? 365 PHE A CZ  1 
ATOM   138  N N   . ALA A 1 18  ? -11.488 3.368   -1.804  1.00 21.01 ? 366 ALA A N   1 
ATOM   139  C CA  . ALA A 1 18  ? -12.948 3.378   -1.895  1.00 21.66 ? 366 ALA A CA  1 
ATOM   140  C C   . ALA A 1 18  ? -13.672 2.770   -0.718  1.00 24.40 ? 366 ALA A C   1 
ATOM   141  O O   . ALA A 1 18  ? -13.152 1.871   -0.058  1.00 20.38 ? 366 ALA A O   1 
ATOM   142  C CB  . ALA A 1 18  ? -13.388 2.699   -3.170  1.00 23.09 ? 366 ALA A CB  1 
ATOM   143  N N   . LYS A 1 19  ? -14.929 3.221   -0.487  1.00 22.78 ? 367 LYS A N   1 
ATOM   144  C CA  . LYS A 1 19  ? -15.745 2.684   0.604   1.00 23.39 ? 367 LYS A CA  1 
ATOM   145  C C   . LYS A 1 19  ? -15.895 1.168   0.538   1.00 23.65 ? 367 LYS A C   1 
ATOM   146  O O   . LYS A 1 19  ? -15.900 0.536   1.581   1.00 24.47 ? 367 LYS A O   1 
ATOM   147  C CB  . LYS A 1 19  ? -17.137 3.352   0.646   1.00 27.01 ? 367 LYS A CB  1 
ATOM   148  C CG  . LYS A 1 19  ? -17.129 4.634   1.460   1.00 43.07 ? 367 LYS A CG  1 
ATOM   149  C CD  . LYS A 1 19  ? -18.494 5.325   1.458   1.00 58.10 ? 367 LYS A CD  1 
ATOM   150  C CE  . LYS A 1 19  ? -18.470 6.664   2.169   1.00 72.61 ? 367 LYS A CE  1 
ATOM   151  N NZ  . LYS A 1 19  ? -17.726 7.705   1.400   1.00 80.97 ? 367 LYS A NZ  1 
ATOM   152  N N   . LYS A 1 20  ? -15.984 0.580   -0.677  1.00 19.91 ? 368 LYS A N   1 
ATOM   153  C CA  . LYS A 1 20  ? -16.118 -0.870  -0.836  1.00 19.76 ? 368 LYS A CA  1 
ATOM   154  C C   . LYS A 1 20  ? -15.054 -1.657  -0.047  1.00 22.48 ? 368 LYS A C   1 
ATOM   155  O O   . LYS A 1 20  ? -15.352 -2.735  0.470   1.00 22.54 ? 368 LYS A O   1 
ATOM   156  C CB  . LYS A 1 20  ? -15.987 -1.238  -2.330  1.00 22.98 ? 368 LYS A CB  1 
ATOM   157  C CG  . LYS A 1 20  ? -16.187 -2.715  -2.617  1.00 24.33 ? 368 LYS A CG  1 
ATOM   158  C CD  . LYS A 1 20  ? -16.098 -3.000  -4.100  1.00 27.74 ? 368 LYS A CD  1 
ATOM   159  C CE  . LYS A 1 20  ? -16.369 -4.454  -4.376  1.00 38.76 ? 368 LYS A CE  1 
ATOM   160  N NZ  . LYS A 1 20  ? -16.192 -4.773  -5.816  1.00 49.61 ? 368 LYS A NZ  1 
ATOM   161  N N   . HIS A 1 21  ? -13.810 -1.137  0.019   1.00 17.39 ? 369 HIS A N   1 
ATOM   162  C CA  . HIS A 1 21  ? -12.693 -1.867  0.656   1.00 15.88 ? 369 HIS A CA  1 
ATOM   163  C C   . HIS A 1 21  ? -12.289 -1.319  1.992   1.00 17.73 ? 369 HIS A C   1 
ATOM   164  O O   . HIS A 1 21  ? -11.332 -1.806  2.586   1.00 17.83 ? 369 HIS A O   1 
ATOM   165  C CB  . HIS A 1 21  ? -11.466 -1.895  -0.301  1.00 16.11 ? 369 HIS A CB  1 
ATOM   166  C CG  . HIS A 1 21  ? -11.804 -2.382  -1.682  1.00 18.32 ? 369 HIS A CG  1 
ATOM   167  N ND1 . HIS A 1 21  ? -12.204 -3.688  -1.908  1.00 19.64 ? 369 HIS A ND1 1 
ATOM   168  C CD2 . HIS A 1 21  ? -11.835 -1.711  -2.855  1.00 19.82 ? 369 HIS A CD2 1 
ATOM   169  C CE1 . HIS A 1 21  ? -12.474 -3.769  -3.196  1.00 19.66 ? 369 HIS A CE1 1 
ATOM   170  N NE2 . HIS A 1 21  ? -12.249 -2.606  -3.812  1.00 20.62 ? 369 HIS A NE2 1 
ATOM   171  N N   . ALA A 1 22  ? -13.002 -0.292  2.481   1.00 17.36 ? 370 ALA A N   1 
ATOM   172  C CA  . ALA A 1 22  ? -12.597 0.398   3.707   1.00 18.10 ? 370 ALA A CA  1 
ATOM   173  C C   . ALA A 1 22  ? -12.481 -0.487  4.946   1.00 21.49 ? 370 ALA A C   1 
ATOM   174  O O   . ALA A 1 22  ? -11.665 -0.202  5.826   1.00 22.19 ? 370 ALA A O   1 
ATOM   175  C CB  . ALA A 1 22  ? -13.530 1.572   3.977   1.00 19.21 ? 370 ALA A CB  1 
ATOM   176  N N   . ALA A 1 23  ? -13.256 -1.586  5.014   1.00 18.44 ? 371 ALA A N   1 
ATOM   177  C CA  . ALA A 1 23  ? -13.202 -2.429  6.208   1.00 19.00 ? 371 ALA A CA  1 
ATOM   178  C C   . ALA A 1 23  ? -11.865 -3.106  6.433   1.00 20.36 ? 371 ALA A C   1 
ATOM   179  O O   . ALA A 1 23  ? -11.528 -3.412  7.580   1.00 20.60 ? 371 ALA A O   1 
ATOM   180  C CB  . ALA A 1 23  ? -14.327 -3.455  6.185   1.00 19.91 ? 371 ALA A CB  1 
ATOM   181  N N   . TYR A 1 24  ? -11.068 -3.288  5.362   1.00 17.59 ? 372 TYR A N   1 
ATOM   182  C CA  . TYR A 1 24  ? -9.749  -3.898  5.502   1.00 15.96 ? 372 TYR A CA  1 
ATOM   183  C C   . TYR A 1 24  ? -8.621  -2.976  5.031   1.00 16.49 ? 372 TYR A C   1 
ATOM   184  O O   . TYR A 1 24  ? -7.455  -3.228  5.323   1.00 16.92 ? 372 TYR A O   1 
ATOM   185  C CB  . TYR A 1 24  ? -9.664  -5.249  4.791   1.00 16.98 ? 372 TYR A CB  1 
ATOM   186  C CG  . TYR A 1 24  ? -10.327 -5.323  3.434   1.00 16.53 ? 372 TYR A CG  1 
ATOM   187  C CD1 . TYR A 1 24  ? -9.607  -5.078  2.268   1.00 17.63 ? 372 TYR A CD1 1 
ATOM   188  C CD2 . TYR A 1 24  ? -11.653 -5.716  3.305   1.00 16.68 ? 372 TYR A CD2 1 
ATOM   189  C CE1 . TYR A 1 24  ? -10.213 -5.152  1.017   1.00 16.86 ? 372 TYR A CE1 1 
ATOM   190  C CE2 . TYR A 1 24  ? -12.253 -5.841  2.056   1.00 15.97 ? 372 TYR A CE2 1 
ATOM   191  C CZ  . TYR A 1 24  ? -11.528 -5.579  0.913   1.00 18.07 ? 372 TYR A CZ  1 
ATOM   192  O OH  . TYR A 1 24  ? -12.127 -5.778  -0.306  1.00 21.41 ? 372 TYR A OH  1 
ATOM   193  N N   . ALA A 1 25  ? -8.959  -1.933  4.280   1.00 15.20 ? 373 ALA A N   1 
ATOM   194  C CA  . ALA A 1 25  ? -7.927  -1.052  3.743   1.00 14.62 ? 373 ALA A CA  1 
ATOM   195  C C   . ALA A 1 25  ? -7.450  0.029   4.724   1.00 17.87 ? 373 ALA A C   1 
ATOM   196  O O   . ALA A 1 25  ? -6.333  0.545   4.597   1.00 15.39 ? 373 ALA A O   1 
ATOM   197  C CB  . ALA A 1 25  ? -8.403  -0.415  2.464   1.00 15.11 ? 373 ALA A CB  1 
ATOM   198  N N   . TRP A 1 26  ? -8.295  0.393   5.708   1.00 17.33 ? 374 TRP A N   1 
ATOM   199  C CA  . TRP A 1 26  ? -7.987  1.517   6.584   1.00 17.50 ? 374 TRP A CA  1 
ATOM   200  C C   . TRP A 1 26  ? -6.598  1.487   7.266   1.00 17.89 ? 374 TRP A C   1 
ATOM   201  O O   . TRP A 1 26  ? -6.027  2.580   7.400   1.00 18.09 ? 374 TRP A O   1 
ATOM   202  C CB  . TRP A 1 26  ? -9.093  1.767   7.618   1.00 17.38 ? 374 TRP A CB  1 
ATOM   203  C CG  . TRP A 1 26  ? -9.255  0.689   8.639   1.00 18.37 ? 374 TRP A CG  1 
ATOM   204  C CD1 . TRP A 1 26  ? -10.139 -0.350  8.607   1.00 21.52 ? 374 TRP A CD1 1 
ATOM   205  C CD2 . TRP A 1 26  ? -8.515  0.551   9.854   1.00 18.64 ? 374 TRP A CD2 1 
ATOM   206  N NE1 . TRP A 1 26  ? -9.966  -1.148  9.711   1.00 21.76 ? 374 TRP A NE1 1 
ATOM   207  C CE2 . TRP A 1 26  ? -8.965  -0.624  10.488  1.00 22.86 ? 374 TRP A CE2 1 
ATOM   208  C CE3 . TRP A 1 26  ? -7.491  1.304   10.460  1.00 20.38 ? 374 TRP A CE3 1 
ATOM   209  C CZ2 . TRP A 1 26  ? -8.466  -1.039  11.727  1.00 22.24 ? 374 TRP A CZ2 1 
ATOM   210  C CZ3 . TRP A 1 26  ? -6.967  0.866   11.667  1.00 22.11 ? 374 TRP A CZ3 1 
ATOM   211  C CH2 . TRP A 1 26  ? -7.459  -0.292  12.288  1.00 22.89 ? 374 TRP A CH2 1 
ATOM   212  N N   . PRO A 1 27  ? -5.978  0.339   7.649   1.00 15.15 ? 375 PRO A N   1 
ATOM   213  C CA  . PRO A 1 27  ? -4.652  0.415   8.294   1.00 15.05 ? 375 PRO A CA  1 
ATOM   214  C C   . PRO A 1 27  ? -3.563  0.936   7.364   1.00 17.15 ? 375 PRO A C   1 
ATOM   215  O O   . PRO A 1 27  ? -2.468  1.310   7.823   1.00 16.69 ? 375 PRO A O   1 
ATOM   216  C CB  . PRO A 1 27  ? -4.357  -1.043  8.668   1.00 17.00 ? 375 PRO A CB  1 
ATOM   217  C CG  . PRO A 1 27  ? -5.748  -1.677  8.790   1.00 19.04 ? 375 PRO A CG  1 
ATOM   218  C CD  . PRO A 1 27  ? -6.490  -1.056  7.657   1.00 15.91 ? 375 PRO A CD  1 
ATOM   219  N N   . PHE A 1 28  ? -3.866  0.925   6.055   1.00 14.47 ? 376 PHE A N   1 
ATOM   220  C CA  . PHE A 1 28  ? -2.887  1.273   5.032   1.00 13.53 ? 376 PHE A CA  1 
ATOM   221  C C   . PHE A 1 28  ? -3.063  2.655   4.475   1.00 15.36 ? 376 PHE A C   1 
ATOM   222  O O   . PHE A 1 28  ? -2.247  3.064   3.658   1.00 15.45 ? 376 PHE A O   1 
ATOM   223  C CB  . PHE A 1 28  ? -2.948  0.212   3.893   1.00 14.17 ? 376 PHE A CB  1 
ATOM   224  C CG  . PHE A 1 28  ? -2.816  -1.183  4.463   1.00 14.61 ? 376 PHE A CG  1 
ATOM   225  C CD1 . PHE A 1 28  ? -1.595  -1.640  4.932   1.00 15.21 ? 376 PHE A CD1 1 
ATOM   226  C CD2 . PHE A 1 28  ? -3.945  -1.960  4.702   1.00 15.53 ? 376 PHE A CD2 1 
ATOM   227  C CE1 . PHE A 1 28  ? -1.496  -2.890  5.573   1.00 16.29 ? 376 PHE A CE1 1 
ATOM   228  C CE2 . PHE A 1 28  ? -3.842  -3.209  5.316   1.00 17.00 ? 376 PHE A CE2 1 
ATOM   229  C CZ  . PHE A 1 28  ? -2.624  -3.644  5.785   1.00 15.56 ? 376 PHE A CZ  1 
ATOM   230  N N   . TYR A 1 29  ? -4.115  3.389   4.892   1.00 15.90 ? 377 TYR A N   1 
ATOM   231  C CA  . TYR A 1 29  ? -4.360  4.713   4.320   1.00 15.45 ? 377 TYR A CA  1 
ATOM   232  C C   . TYR A 1 29  ? -3.266  5.733   4.590   1.00 19.93 ? 377 TYR A C   1 
ATOM   233  O O   . TYR A 1 29  ? -2.975  6.533   3.701   1.00 21.38 ? 377 TYR A O   1 
ATOM   234  C CB  . TYR A 1 29  ? -5.638  5.297   4.900   1.00 15.81 ? 377 TYR A CB  1 
ATOM   235  C CG  . TYR A 1 29  ? -6.944  4.659   4.491   1.00 16.72 ? 377 TYR A CG  1 
ATOM   236  C CD1 . TYR A 1 29  ? -7.031  3.847   3.357   1.00 17.47 ? 377 TYR A CD1 1 
ATOM   237  C CD2 . TYR A 1 29  ? -8.128  4.990   5.139   1.00 18.20 ? 377 TYR A CD2 1 
ATOM   238  C CE1 . TYR A 1 29  ? -8.268  3.352   2.914   1.00 17.28 ? 377 TYR A CE1 1 
ATOM   239  C CE2 . TYR A 1 29  ? -9.354  4.463   4.737   1.00 19.12 ? 377 TYR A CE2 1 
ATOM   240  C CZ  . TYR A 1 29  ? -9.426  3.655   3.621   1.00 21.22 ? 377 TYR A CZ  1 
ATOM   241  O OH  . TYR A 1 29  ? -10.671 3.196   3.239   1.00 21.46 ? 377 TYR A OH  1 
ATOM   242  N N   . LYS A 1 30  ? -2.722  5.744   5.812   1.00 17.13 ? 378 LYS A N   1 
ATOM   243  C CA  . LYS A 1 30  ? -1.755  6.739   6.238   1.00 18.43 ? 378 LYS A CA  1 
ATOM   244  C C   . LYS A 1 30  ? -0.571  6.042   6.846   1.00 19.79 ? 378 LYS A C   1 
ATOM   245  O O   . LYS A 1 30  ? -0.665  4.852   7.194   1.00 19.15 ? 378 LYS A O   1 
ATOM   246  C CB  . LYS A 1 30  ? -2.406  7.704   7.285   1.00 21.38 ? 378 LYS A CB  1 
ATOM   247  C CG  . LYS A 1 30  ? -3.624  8.485   6.794   1.00 35.08 ? 378 LYS A CG  1 
ATOM   248  C CD  . LYS A 1 30  ? -3.244  9.787   6.128   1.00 54.52 ? 378 LYS A CD  1 
ATOM   249  C CE  . LYS A 1 30  ? -4.422  10.563  5.589   1.00 70.05 ? 378 LYS A CE  1 
ATOM   250  N NZ  . LYS A 1 30  ? -3.978  11.817  4.918   1.00 80.34 ? 378 LYS A NZ  1 
ATOM   251  N N   . PRO A 1 31  ? 0.580   6.738   7.024   1.00 18.05 ? 379 PRO A N   1 
ATOM   252  C CA  . PRO A 1 31  ? 1.742   6.073   7.648   1.00 18.15 ? 379 PRO A CA  1 
ATOM   253  C C   . PRO A 1 31  ? 1.395   5.448   8.985   1.00 21.16 ? 379 PRO A C   1 
ATOM   254  O O   . PRO A 1 31  ? 0.548   5.977   9.719   1.00 20.62 ? 379 PRO A O   1 
ATOM   255  C CB  . PRO A 1 31  ? 2.757   7.214   7.843   1.00 20.72 ? 379 PRO A CB  1 
ATOM   256  C CG  . PRO A 1 31  ? 2.378   8.239   6.828   1.00 23.39 ? 379 PRO A CG  1 
ATOM   257  C CD  . PRO A 1 31  ? 0.878   8.151   6.670   1.00 20.27 ? 379 PRO A CD  1 
ATOM   258  N N   . VAL A 1 32  ? 2.009   4.300   9.274   1.00 19.09 ? 380 VAL A N   1 
ATOM   259  C CA  . VAL A 1 32  ? 1.811   3.598   10.540  1.00 20.95 ? 380 VAL A CA  1 
ATOM   260  C C   . VAL A 1 32  ? 2.167   4.598   11.662  1.00 26.82 ? 380 VAL A C   1 
ATOM   261  O O   . VAL A 1 32  ? 3.221   5.235   11.597  1.00 26.59 ? 380 VAL A O   1 
ATOM   262  C CB  . VAL A 1 32  ? 2.680   2.326   10.616  1.00 24.53 ? 380 VAL A CB  1 
ATOM   263  C CG1 . VAL A 1 32  ? 2.699   1.728   12.035  1.00 25.26 ? 380 VAL A CG1 1 
ATOM   264  C CG2 . VAL A 1 32  ? 2.207   1.282   9.601   1.00 24.11 ? 380 VAL A CG2 1 
ATOM   265  N N   . ASP A 1 33  ? 1.261   4.738   12.641  1.00 25.89 ? 381 ASP A N   1 
ATOM   266  C CA  . ASP A 1 33  ? 1.436   5.622   13.798  1.00 25.52 ? 381 ASP A CA  1 
ATOM   267  C C   . ASP A 1 33  ? 2.420   4.921   14.751  1.00 28.56 ? 381 ASP A C   1 
ATOM   268  O O   . ASP A 1 33  ? 1.999   4.145   15.606  1.00 27.76 ? 381 ASP A O   1 
ATOM   269  C CB  . ASP A 1 33  ? 0.068   5.878   14.464  1.00 27.39 ? 381 ASP A CB  1 
ATOM   270  C CG  . ASP A 1 33  ? 0.116   6.773   15.702  1.00 35.30 ? 381 ASP A CG  1 
ATOM   271  O OD1 . ASP A 1 33  ? 1.184   7.392   15.952  1.00 34.14 ? 381 ASP A OD1 1 
ATOM   272  O OD2 . ASP A 1 33  ? -0.913  6.850   16.415  1.00 39.99 ? 381 ASP A OD2 1 
ATOM   273  N N   . VAL A 1 34  ? 3.725   5.173   14.567  1.00 27.61 ? 382 VAL A N   1 
ATOM   274  C CA  . VAL A 1 34  ? 4.827   4.535   15.310  1.00 29.11 ? 382 VAL A CA  1 
ATOM   275  C C   . VAL A 1 34  ? 4.875   4.951   16.808  1.00 33.74 ? 382 VAL A C   1 
ATOM   276  O O   . VAL A 1 34  ? 5.632   4.361   17.581  1.00 33.64 ? 382 VAL A O   1 
ATOM   277  C CB  . VAL A 1 34  ? 6.198   4.714   14.609  1.00 34.89 ? 382 VAL A CB  1 
ATOM   278  C CG1 . VAL A 1 34  ? 6.207   4.040   13.226  1.00 34.81 ? 382 VAL A CG1 1 
ATOM   279  C CG2 . VAL A 1 34  ? 6.587   6.191   14.497  1.00 35.28 ? 382 VAL A CG2 1 
ATOM   280  N N   . GLU A 1 35  ? 4.038   5.920   17.200  1.00 31.16 ? 383 GLU A N   1 
ATOM   281  C CA  . GLU A 1 35  ? 3.922   6.398   18.584  1.00 31.53 ? 383 GLU A CA  1 
ATOM   282  C C   . GLU A 1 35  ? 2.806   5.639   19.306  1.00 34.65 ? 383 GLU A C   1 
ATOM   283  O O   . GLU A 1 35  ? 2.651   5.806   20.509  1.00 34.97 ? 383 GLU A O   1 
ATOM   284  C CB  . GLU A 1 35  ? 3.630   7.919   18.609  1.00 33.49 ? 383 GLU A CB  1 
ATOM   285  C CG  . GLU A 1 35  ? 4.707   8.791   17.972  1.00 45.57 ? 383 GLU A CG  1 
ATOM   286  C CD  . GLU A 1 35  ? 6.134   8.576   18.444  1.00 68.30 ? 383 GLU A CD  1 
ATOM   287  O OE1 . GLU A 1 35  ? 6.368   8.589   19.674  1.00 70.51 ? 383 GLU A OE1 1 
ATOM   288  O OE2 . GLU A 1 35  ? 7.023   8.415   17.577  1.00 63.92 ? 383 GLU A OE2 1 
ATOM   289  N N   . ALA A 1 36  ? 2.019   4.814   18.585  1.00 30.00 ? 384 ALA A N   1 
ATOM   290  C CA  . ALA A 1 36  ? 0.919   4.058   19.185  1.00 28.57 ? 384 ALA A CA  1 
ATOM   291  C C   . ALA A 1 36  ? 1.447   2.883   20.016  1.00 28.34 ? 384 ALA A C   1 
ATOM   292  O O   . ALA A 1 36  ? 2.507   2.329   19.711  1.00 26.26 ? 384 ALA A O   1 
ATOM   293  C CB  . ALA A 1 36  ? -0.034  3.562   18.109  1.00 29.66 ? 384 ALA A CB  1 
ATOM   294  N N   . LEU A 1 37  ? 0.725   2.540   21.096  1.00 26.11 ? 385 LEU A N   1 
ATOM   295  C CA  . LEU A 1 37  ? 1.104   1.431   21.966  1.00 25.56 ? 385 LEU A CA  1 
ATOM   296  C C   . LEU A 1 37  ? 1.196   0.129   21.154  1.00 28.23 ? 385 LEU A C   1 
ATOM   297  O O   . LEU A 1 37  ? 0.295   -0.189  20.382  1.00 28.43 ? 385 LEU A O   1 
ATOM   298  C CB  . LEU A 1 37  ? 0.130   1.295   23.152  1.00 25.41 ? 385 LEU A CB  1 
ATOM   299  C CG  . LEU A 1 37  ? 0.467   0.199   24.193  1.00 28.47 ? 385 LEU A CG  1 
ATOM   300  C CD1 . LEU A 1 37  ? 1.756   0.516   24.972  1.00 26.78 ? 385 LEU A CD1 1 
ATOM   301  C CD2 . LEU A 1 37  ? -0.697  -0.016  25.153  1.00 32.47 ? 385 LEU A CD2 1 
ATOM   302  N N   . GLY A 1 38  ? 2.326   -0.544  21.299  1.00 22.70 ? 386 GLY A N   1 
ATOM   303  C CA  . GLY A 1 38  ? 2.634   -1.801  20.618  1.00 23.17 ? 386 GLY A CA  1 
ATOM   304  C C   . GLY A 1 38  ? 3.525   -1.602  19.407  1.00 25.22 ? 386 GLY A C   1 
ATOM   305  O O   . GLY A 1 38  ? 4.094   -2.573  18.907  1.00 25.99 ? 386 GLY A O   1 
ATOM   306  N N   . LEU A 1 39  ? 3.704   -0.337  18.943  1.00 21.60 ? 387 LEU A N   1 
ATOM   307  C CA  . LEU A 1 39  ? 4.484   -0.068  17.726  1.00 21.60 ? 387 LEU A CA  1 
ATOM   308  C C   . LEU A 1 39  ? 5.841   0.567   17.985  1.00 25.87 ? 387 LEU A C   1 
ATOM   309  O O   . LEU A 1 39  ? 6.462   1.096   17.066  1.00 22.96 ? 387 LEU A O   1 
ATOM   310  C CB  . LEU A 1 39  ? 3.651   0.778   16.735  1.00 21.96 ? 387 LEU A CB  1 
ATOM   311  C CG  . LEU A 1 39  ? 2.457   0.037   16.121  1.00 26.77 ? 387 LEU A CG  1 
ATOM   312  C CD1 . LEU A 1 39  ? 1.393   0.973   15.694  1.00 29.30 ? 387 LEU A CD1 1 
ATOM   313  C CD2 . LEU A 1 39  ? 2.905   -0.815  14.953  1.00 26.98 ? 387 LEU A CD2 1 
ATOM   314  N N   . HIS A 1 40  ? 6.335   0.465   19.234  1.00 24.58 ? 388 HIS A N   1 
ATOM   315  C CA  . HIS A 1 40  ? 7.635   1.041   19.629  1.00 24.28 ? 388 HIS A CA  1 
ATOM   316  C C   . HIS A 1 40  ? 8.847   0.528   18.841  1.00 28.68 ? 388 HIS A C   1 
ATOM   317  O O   . HIS A 1 40  ? 9.868   1.215   18.782  1.00 29.75 ? 388 HIS A O   1 
ATOM   318  C CB  . HIS A 1 40  ? 7.883   0.811   21.146  1.00 23.71 ? 388 HIS A CB  1 
ATOM   319  C CG  . HIS A 1 40  ? 7.833   -0.636  21.535  1.00 25.98 ? 388 HIS A CG  1 
ATOM   320  N ND1 . HIS A 1 40  ? 6.650   -1.234  21.904  1.00 27.92 ? 388 HIS A ND1 1 
ATOM   321  C CD2 . HIS A 1 40  ? 8.810   -1.569  21.535  1.00 28.04 ? 388 HIS A CD2 1 
ATOM   322  C CE1 . HIS A 1 40  ? 6.939   -2.503  22.143  1.00 27.61 ? 388 HIS A CE1 1 
ATOM   323  N NE2 . HIS A 1 40  ? 8.226   -2.753  21.934  1.00 28.01 ? 388 HIS A NE2 1 
ATOM   324  N N   . ASP A 1 41  ? 8.750   -0.697  18.279  1.00 23.17 ? 389 ASP A N   1 
ATOM   325  C CA  . ASP A 1 41  ? 9.815   -1.370  17.527  1.00 22.23 ? 389 ASP A CA  1 
ATOM   326  C C   . ASP A 1 41  ? 9.597   -1.321  16.002  1.00 25.69 ? 389 ASP A C   1 
ATOM   327  O O   . ASP A 1 41  ? 10.393  -1.905  15.266  1.00 26.83 ? 389 ASP A O   1 
ATOM   328  C CB  . ASP A 1 41  ? 9.907   -2.836  17.976  1.00 23.45 ? 389 ASP A CB  1 
ATOM   329  C CG  . ASP A 1 41  ? 8.634   -3.670  17.824  1.00 26.69 ? 389 ASP A CG  1 
ATOM   330  O OD1 . ASP A 1 41  ? 7.534   -3.073  17.667  1.00 26.72 ? 389 ASP A OD1 1 
ATOM   331  O OD2 . ASP A 1 41  ? 8.714   -4.913  17.977  1.00 32.57 ? 389 ASP A OD2 1 
ATOM   332  N N   . TYR A 1 42  ? 8.553   -0.615  15.528  1.00 21.41 ? 390 TYR A N   1 
ATOM   333  C CA  . TYR A 1 42  ? 8.272   -0.597  14.084  1.00 20.43 ? 390 TYR A CA  1 
ATOM   334  C C   . TYR A 1 42  ? 9.434   -0.113  13.229  1.00 27.53 ? 390 TYR A C   1 
ATOM   335  O O   . TYR A 1 42  ? 9.802   -0.789  12.270  1.00 25.70 ? 390 TYR A O   1 
ATOM   336  C CB  . TYR A 1 42  ? 7.006   0.202   13.789  1.00 19.56 ? 390 TYR A CB  1 
ATOM   337  C CG  . TYR A 1 42  ? 6.510   -0.038  12.384  1.00 19.12 ? 390 TYR A CG  1 
ATOM   338  C CD1 . TYR A 1 42  ? 5.701   -1.131  12.089  1.00 19.51 ? 390 TYR A CD1 1 
ATOM   339  C CD2 . TYR A 1 42  ? 6.813   0.854   11.357  1.00 20.00 ? 390 TYR A CD2 1 
ATOM   340  C CE1 . TYR A 1 42  ? 5.251   -1.362  10.788  1.00 17.43 ? 390 TYR A CE1 1 
ATOM   341  C CE2 . TYR A 1 42  ? 6.354   0.641   10.061  1.00 20.60 ? 390 TYR A CE2 1 
ATOM   342  C CZ  . TYR A 1 42  ? 5.579   -0.469  9.784   1.00 21.40 ? 390 TYR A CZ  1 
ATOM   343  O OH  . TYR A 1 42  ? 5.150   -0.667  8.496   1.00 17.42 ? 390 TYR A OH  1 
ATOM   344  N N   . CYS A 1 43  ? 10.040  1.020   13.612  1.00 29.20 ? 391 CYS A N   1 
ATOM   345  C CA  . CYS A 1 43  ? 11.171  1.622   12.906  1.00 32.19 ? 391 CYS A CA  1 
ATOM   346  C C   . CYS A 1 43  ? 12.461  0.806   12.968  1.00 35.72 ? 391 CYS A C   1 
ATOM   347  O O   . CYS A 1 43  ? 13.303  0.956   12.076  1.00 35.72 ? 391 CYS A O   1 
ATOM   348  C CB  . CYS A 1 43  ? 11.391  3.043   13.388  1.00 34.64 ? 391 CYS A CB  1 
ATOM   349  S SG  . CYS A 1 43  ? 9.986   4.130   13.067  1.00 39.94 ? 391 CYS A SG  1 
ATOM   350  N N   . ASP A 1 44  ? 12.610  -0.072  13.979  1.00 31.45 ? 392 ASP A N   1 
ATOM   351  C CA  . ASP A 1 44  ? 13.778  -0.948  14.084  1.00 31.86 ? 392 ASP A CA  1 
ATOM   352  C C   . ASP A 1 44  ? 13.673  -2.104  13.085  1.00 34.12 ? 392 ASP A C   1 
ATOM   353  O O   . ASP A 1 44  ? 14.695  -2.646  12.663  1.00 33.86 ? 392 ASP A O   1 
ATOM   354  C CB  . ASP A 1 44  ? 13.907  -1.557  15.502  1.00 34.27 ? 392 ASP A CB  1 
ATOM   355  C CG  . ASP A 1 44  ? 13.947  -0.597  16.681  1.00 46.33 ? 392 ASP A CG  1 
ATOM   356  O OD1 . ASP A 1 44  ? 14.110  0.628   16.452  1.00 47.48 ? 392 ASP A OD1 1 
ATOM   357  O OD2 . ASP A 1 44  ? 13.805  -1.072  17.836  1.00 49.84 ? 392 ASP A OD2 1 
ATOM   358  N N   . ILE A 1 45  ? 12.432  -2.534  12.765  1.00 26.80 ? 393 ILE A N   1 
ATOM   359  C CA  . ILE A 1 45  ? 12.198  -3.687  11.900  1.00 24.07 ? 393 ILE A CA  1 
ATOM   360  C C   . ILE A 1 45  ? 11.962  -3.239  10.460  1.00 24.84 ? 393 ILE A C   1 
ATOM   361  O O   . ILE A 1 45  ? 12.487  -3.861  9.542   1.00 24.76 ? 393 ILE A O   1 
ATOM   362  C CB  . ILE A 1 45  ? 10.994  -4.504  12.473  1.00 25.64 ? 393 ILE A CB  1 
ATOM   363  C CG1 . ILE A 1 45  ? 11.334  -5.028  13.911  1.00 25.88 ? 393 ILE A CG1 1 
ATOM   364  C CG2 . ILE A 1 45  ? 10.543  -5.648  11.534  1.00 25.02 ? 393 ILE A CG2 1 
ATOM   365  C CD1 . ILE A 1 45  ? 10.199  -5.472  14.745  1.00 31.44 ? 393 ILE A CD1 1 
ATOM   366  N N   . ILE A 1 46  ? 11.183  -2.169  10.278  1.00 20.30 ? 394 ILE A N   1 
ATOM   367  C CA  . ILE A 1 46  ? 10.792  -1.646  8.967   1.00 19.35 ? 394 ILE A CA  1 
ATOM   368  C C   . ILE A 1 46  ? 11.656  -0.463  8.599   1.00 22.90 ? 394 ILE A C   1 
ATOM   369  O O   . ILE A 1 46  ? 11.470  0.630   9.119   1.00 25.43 ? 394 ILE A O   1 
ATOM   370  C CB  . ILE A 1 46  ? 9.260   -1.349  8.915   1.00 20.19 ? 394 ILE A CB  1 
ATOM   371  C CG1 . ILE A 1 46  ? 8.432   -2.628  9.191   1.00 19.71 ? 394 ILE A CG1 1 
ATOM   372  C CG2 . ILE A 1 46  ? 8.820   -0.648  7.618   1.00 20.78 ? 394 ILE A CG2 1 
ATOM   373  C CD1 . ILE A 1 46  ? 8.799   -3.883  8.357   1.00 20.81 ? 394 ILE A CD1 1 
ATOM   374  N N   . LYS A 1 47  ? 12.571  -0.678  7.658   1.00 21.81 ? 395 LYS A N   1 
ATOM   375  C CA  . LYS A 1 47  ? 13.497  0.367   7.226   1.00 23.09 ? 395 LYS A CA  1 
ATOM   376  C C   . LYS A 1 47  ? 12.928  1.330   6.197   1.00 26.46 ? 395 LYS A C   1 
ATOM   377  O O   . LYS A 1 47  ? 13.381  2.468   6.092   1.00 26.00 ? 395 LYS A O   1 
ATOM   378  C CB  . LYS A 1 47  ? 14.805  -0.263  6.721   1.00 26.45 ? 395 LYS A CB  1 
ATOM   379  C CG  . LYS A 1 47  ? 15.520  -1.117  7.790   1.00 37.22 ? 395 LYS A CG  1 
ATOM   380  C CD  . LYS A 1 47  ? 15.768  -0.336  9.088   1.00 46.92 ? 395 LYS A CD  1 
ATOM   381  C CE  . LYS A 1 47  ? 16.362  -1.172  10.190  1.00 52.97 ? 395 LYS A CE  1 
ATOM   382  N NZ  . LYS A 1 47  ? 16.471  -0.389  11.448  1.00 54.74 ? 395 LYS A NZ  1 
ATOM   383  N N   . HIS A 1 48  ? 11.943  0.871   5.418   1.00 23.57 ? 396 HIS A N   1 
ATOM   384  C CA  . HIS A 1 48  ? 11.332  1.679   4.380   1.00 23.62 ? 396 HIS A CA  1 
ATOM   385  C C   . HIS A 1 48  ? 9.806   1.682   4.498   1.00 23.01 ? 396 HIS A C   1 
ATOM   386  O O   . HIS A 1 48  ? 9.138   0.950   3.763   1.00 20.50 ? 396 HIS A O   1 
ATOM   387  C CB  . HIS A 1 48  ? 11.794  1.202   2.985   1.00 26.21 ? 396 HIS A CB  1 
ATOM   388  C CG  . HIS A 1 48  ? 13.281  1.276   2.795   1.00 31.43 ? 396 HIS A CG  1 
ATOM   389  N ND1 . HIS A 1 48  ? 13.944  2.495   2.746   1.00 34.78 ? 396 HIS A ND1 1 
ATOM   390  C CD2 . HIS A 1 48  ? 14.189  0.278   2.675   1.00 34.65 ? 396 HIS A CD2 1 
ATOM   391  C CE1 . HIS A 1 48  ? 15.228  2.199   2.593   1.00 34.50 ? 396 HIS A CE1 1 
ATOM   392  N NE2 . HIS A 1 48  ? 15.426  0.880   2.538   1.00 34.71 ? 396 HIS A NE2 1 
ATOM   393  N N   . PRO A 1 49  ? 9.238   2.483   5.425   1.00 19.52 ? 397 PRO A N   1 
ATOM   394  C CA  . PRO A 1 49  ? 7.772   2.536   5.563   1.00 19.65 ? 397 PRO A CA  1 
ATOM   395  C C   . PRO A 1 49  ? 7.100   3.071   4.302   1.00 20.73 ? 397 PRO A C   1 
ATOM   396  O O   . PRO A 1 49  ? 7.662   3.883   3.557   1.00 20.75 ? 397 PRO A O   1 
ATOM   397  C CB  . PRO A 1 49  ? 7.548   3.519   6.715   1.00 21.94 ? 397 PRO A CB  1 
ATOM   398  C CG  . PRO A 1 49  ? 8.826   4.338   6.756   1.00 27.15 ? 397 PRO A CG  1 
ATOM   399  C CD  . PRO A 1 49  ? 9.901   3.380   6.400   1.00 21.49 ? 397 PRO A CD  1 
ATOM   400  N N   . MET A 1 50  ? 5.880   2.576   4.036   1.00 17.02 ? 398 MET A N   1 
ATOM   401  C CA  . MET A 1 50  ? 5.134   3.019   2.880   1.00 15.10 ? 398 MET A CA  1 
ATOM   402  C C   . MET A 1 50  ? 3.657   2.863   3.204   1.00 17.47 ? 398 MET A C   1 
ATOM   403  O O   . MET A 1 50  ? 3.283   1.916   3.893   1.00 17.72 ? 398 MET A O   1 
ATOM   404  C CB  . MET A 1 50  ? 5.502   2.156   1.649   1.00 16.89 ? 398 MET A CB  1 
ATOM   405  C CG  . MET A 1 50  ? 4.982   2.687   0.315   1.00 18.62 ? 398 MET A CG  1 
ATOM   406  S SD  . MET A 1 50  ? 5.180   4.476   0.024   1.00 21.02 ? 398 MET A SD  1 
ATOM   407  C CE  . MET A 1 50  ? 7.026   4.680   0.109   1.00 20.20 ? 398 MET A CE  1 
ATOM   408  N N   . ASP A 1 51  ? 2.833   3.752   2.666   1.00 15.75 ? 399 ASP A N   1 
ATOM   409  C CA  . ASP A 1 51  ? 1.389   3.758   2.853   1.00 16.58 ? 399 ASP A CA  1 
ATOM   410  C C   . ASP A 1 51  ? 0.717   4.364   1.634   1.00 17.17 ? 399 ASP A C   1 
ATOM   411  O O   . ASP A 1 51  ? 1.389   4.989   0.790   1.00 17.01 ? 399 ASP A O   1 
ATOM   412  C CB  . ASP A 1 51  ? 1.012   4.553   4.094   1.00 18.78 ? 399 ASP A CB  1 
ATOM   413  C CG  . ASP A 1 51  ? 1.375   6.009   3.916   1.00 21.09 ? 399 ASP A CG  1 
ATOM   414  O OD1 . ASP A 1 51  ? 2.553   6.348   4.129   1.00 24.08 ? 399 ASP A OD1 1 
ATOM   415  O OD2 . ASP A 1 51  ? 0.511   6.786   3.446   1.00 22.21 ? 399 ASP A OD2 1 
ATOM   416  N N   . MET A 1 52  ? -0.603  4.203   1.544   1.00 14.42 ? 400 MET A N   1 
ATOM   417  C CA  . MET A 1 52  ? -1.357  4.667   0.385   1.00 12.88 ? 400 MET A CA  1 
ATOM   418  C C   . MET A 1 52  ? -1.328  6.187   0.168   1.00 16.50 ? 400 MET A C   1 
ATOM   419  O O   . MET A 1 52  ? -1.313  6.634   -0.986  1.00 18.03 ? 400 MET A O   1 
ATOM   420  C CB  . MET A 1 52  ? -2.798  4.151   0.461   1.00 15.16 ? 400 MET A CB  1 
ATOM   421  C CG  . MET A 1 52  ? -2.860  2.634   0.362   1.00 16.88 ? 400 MET A CG  1 
ATOM   422  S SD  . MET A 1 52  ? -4.478  1.974   0.851   1.00 17.95 ? 400 MET A SD  1 
ATOM   423  C CE  . MET A 1 52  ? -5.562  2.929   -0.225  1.00 16.43 ? 400 MET A CE  1 
ATOM   424  N N   . SER A 1 53  ? -1.343  6.969   1.277   1.00 15.86 ? 401 SER A N   1 
ATOM   425  C CA  . SER A 1 53  ? -1.316  8.443   1.132   1.00 17.27 ? 401 SER A CA  1 
ATOM   426  C C   . SER A 1 53  ? 0.034   8.894   0.589   1.00 19.45 ? 401 SER A C   1 
ATOM   427  O O   . SER A 1 53  ? 0.061   9.819   -0.230  1.00 20.06 ? 401 SER A O   1 
ATOM   428  C CB  . SER A 1 53  ? -1.635  9.119   2.461   1.00 20.33 ? 401 SER A CB  1 
ATOM   429  O OG  . SER A 1 53  ? -3.027  8.978   2.719   1.00 23.19 ? 401 SER A OG  1 
ATOM   430  N N   . THR A 1 54  ? 1.137   8.231   0.994   1.00 17.20 ? 402 THR A N   1 
ATOM   431  C CA  . THR A 1 54  ? 2.476   8.532   0.481   1.00 16.39 ? 402 THR A CA  1 
ATOM   432  C C   . THR A 1 54  ? 2.552   8.159   -1.006  1.00 20.35 ? 402 THR A C   1 
ATOM   433  O O   . THR A 1 54  ? 3.073   8.941   -1.818  1.00 20.32 ? 402 THR A O   1 
ATOM   434  C CB  . THR A 1 54  ? 3.535   7.846   1.315   1.00 21.34 ? 402 THR A CB  1 
ATOM   435  O OG1 . THR A 1 54  ? 3.440   8.323   2.665   1.00 22.04 ? 402 THR A OG1 1 
ATOM   436  C CG2 . THR A 1 54  ? 4.949   8.061   0.774   1.00 22.65 ? 402 THR A CG2 1 
ATOM   437  N N   . ILE A 1 55  ? 1.996   6.976   -1.381  1.00 16.65 ? 403 ILE A N   1 
ATOM   438  C CA  . ILE A 1 55  ? 1.985   6.589   -2.797  1.00 15.66 ? 403 ILE A CA  1 
ATOM   439  C C   . ILE A 1 55  ? 1.187   7.612   -3.638  1.00 18.39 ? 403 ILE A C   1 
ATOM   440  O O   . ILE A 1 55  ? 1.638   7.977   -4.730  1.00 19.76 ? 403 ILE A O   1 
ATOM   441  C CB  . ILE A 1 55  ? 1.399   5.153   -2.965  1.00 16.40 ? 403 ILE A CB  1 
ATOM   442  C CG1 . ILE A 1 55  ? 2.303   4.154   -2.254  1.00 17.72 ? 403 ILE A CG1 1 
ATOM   443  C CG2 . ILE A 1 55  ? 1.258   4.795   -4.473  1.00 17.93 ? 403 ILE A CG2 1 
ATOM   444  C CD1 . ILE A 1 55  ? 1.755   2.738   -2.139  1.00 17.22 ? 403 ILE A CD1 1 
ATOM   445  N N   . LYS A 1 56  ? 0.014   8.057   -3.137  1.00 16.49 ? 404 LYS A N   1 
ATOM   446  C CA  . LYS A 1 56  ? -0.799  9.050   -3.846  1.00 16.92 ? 404 LYS A CA  1 
ATOM   447  C C   . LYS A 1 56  ? 0.038   10.333  -4.036  1.00 21.81 ? 404 LYS A C   1 
ATOM   448  O O   . LYS A 1 56  ? 0.055   10.859  -5.144  1.00 22.80 ? 404 LYS A O   1 
ATOM   449  C CB  . LYS A 1 56  ? -2.085  9.371   -3.085  1.00 19.58 ? 404 LYS A CB  1 
ATOM   450  C CG  . LYS A 1 56  ? -3.027  10.234  -3.900  1.00 24.23 ? 404 LYS A CG  1 
ATOM   451  C CD  . LYS A 1 56  ? -4.349  10.415  -3.218  1.00 30.05 ? 404 LYS A CD  1 
ATOM   452  C CE  . LYS A 1 56  ? -5.237  11.342  -4.019  1.00 38.55 ? 404 LYS A CE  1 
ATOM   453  N NZ  . LYS A 1 56  ? -6.487  11.641  -3.282  1.00 45.61 ? 404 LYS A NZ  1 
ATOM   454  N N   . SER A 1 57  ? 0.739   10.789  -2.987  1.00 19.13 ? 405 SER A N   1 
ATOM   455  C CA  . SER A 1 57  ? 1.587   11.994  -3.083  1.00 19.36 ? 405 SER A CA  1 
ATOM   456  C C   . SER A 1 57  ? 2.717   11.818  -4.087  1.00 24.51 ? 405 SER A C   1 
ATOM   457  O O   . SER A 1 57  ? 3.043   12.772  -4.826  1.00 23.28 ? 405 SER A O   1 
ATOM   458  C CB  . SER A 1 57  ? 2.147   12.349  -1.721  1.00 21.69 ? 405 SER A CB  1 
ATOM   459  O OG  . SER A 1 57  ? 1.056   12.758  -0.912  1.00 29.35 ? 405 SER A OG  1 
ATOM   460  N N   . LYS A 1 58  ? 3.323   10.610  -4.120  1.00 19.36 ? 406 LYS A N   1 
ATOM   461  C CA  . LYS A 1 58  ? 4.399   10.314  -5.072  1.00 18.39 ? 406 LYS A CA  1 
ATOM   462  C C   . LYS A 1 58  ? 3.873   10.322  -6.507  1.00 23.48 ? 406 LYS A C   1 
ATOM   463  O O   . LYS A 1 58  ? 4.574   10.828  -7.390  1.00 22.69 ? 406 LYS A O   1 
ATOM   464  C CB  . LYS A 1 58  ? 5.128   9.009   -4.731  1.00 19.49 ? 406 LYS A CB  1 
ATOM   465  C CG  . LYS A 1 58  ? 5.899   9.092   -3.414  1.00 18.22 ? 406 LYS A CG  1 
ATOM   466  C CD  . LYS A 1 58  ? 6.701   7.812   -3.058  1.00 20.44 ? 406 LYS A CD  1 
ATOM   467  C CE  . LYS A 1 58  ? 7.800   7.488   -4.057  1.00 25.76 ? 406 LYS A CE  1 
ATOM   468  N NZ  . LYS A 1 58  ? 8.644   6.329   -3.615  1.00 26.07 ? 406 LYS A NZ  1 
ATOM   469  N N   . LEU A 1 59  ? 2.631   9.813   -6.757  1.00 19.75 ? 407 LEU A N   1 
ATOM   470  C CA  . LEU A 1 59  ? 2.049   9.875   -8.106  1.00 20.74 ? 407 LEU A CA  1 
ATOM   471  C C   . LEU A 1 59  ? 1.848   11.335  -8.503  1.00 26.85 ? 407 LEU A C   1 
ATOM   472  O O   . LEU A 1 59  ? 2.188   11.711  -9.633  1.00 25.68 ? 407 LEU A O   1 
ATOM   473  C CB  . LEU A 1 59  ? 0.699   9.157   -8.166  1.00 21.44 ? 407 LEU A CB  1 
ATOM   474  C CG  . LEU A 1 59  ? 0.751   7.646   -8.288  1.00 25.13 ? 407 LEU A CG  1 
ATOM   475  C CD1 . LEU A 1 59  ? -0.589  7.045   -7.882  1.00 24.89 ? 407 LEU A CD1 1 
ATOM   476  C CD2 . LEU A 1 59  ? 1.116   7.206   -9.733  1.00 26.66 ? 407 LEU A CD2 1 
ATOM   477  N N   . GLU A 1 60  ? 1.321   12.156  -7.561  1.00 24.91 ? 408 GLU A N   1 
ATOM   478  C CA  . GLU A 1 60  ? 1.085   13.590  -7.795  1.00 25.49 ? 408 GLU A CA  1 
ATOM   479  C C   . GLU A 1 60  ? 2.369   14.363  -8.073  1.00 29.89 ? 408 GLU A C   1 
ATOM   480  O O   . GLU A 1 60  ? 2.354   15.271  -8.905  1.00 31.81 ? 408 GLU A O   1 
ATOM   481  C CB  . GLU A 1 60  ? 0.286   14.218  -6.644  1.00 27.26 ? 408 GLU A CB  1 
ATOM   482  C CG  . GLU A 1 60  ? -1.214  14.152  -6.875  1.00 40.47 ? 408 GLU A CG  1 
ATOM   483  C CD  . GLU A 1 60  ? -2.122  14.001  -5.664  1.00 63.77 ? 408 GLU A CD  1 
ATOM   484  O OE1 . GLU A 1 60  ? -1.732  14.425  -4.551  1.00 58.64 ? 408 GLU A OE1 1 
ATOM   485  O OE2 . GLU A 1 60  ? -3.248  13.481  -5.839  1.00 54.56 ? 408 GLU A OE2 1 
ATOM   486  N N   . ALA A 1 61  ? 3.481   13.977  -7.432  1.00 25.76 ? 409 ALA A N   1 
ATOM   487  C CA  . ALA A 1 61  ? 4.794   14.618  -7.607  1.00 25.43 ? 409 ALA A CA  1 
ATOM   488  C C   . ALA A 1 61  ? 5.624   13.980  -8.750  1.00 28.00 ? 409 ALA A C   1 
ATOM   489  O O   . ALA A 1 61  ? 6.817   14.289  -8.891  1.00 27.55 ? 409 ALA A O   1 
ATOM   490  C CB  . ALA A 1 61  ? 5.563   14.559  -6.303  1.00 26.55 ? 409 ALA A CB  1 
ATOM   491  N N   . ARG A 1 62  ? 5.020   13.049  -9.523  1.00 23.50 ? 410 ARG A N   1 
ATOM   492  C CA  . ARG A 1 62  ? 5.691   12.362  -10.648 1.00 23.40 ? 410 ARG A CA  1 
ATOM   493  C C   . ARG A 1 62  ? 6.969   11.666  -10.218 1.00 26.48 ? 410 ARG A C   1 
ATOM   494  O O   . ARG A 1 62  ? 8.010   11.787  -10.875 1.00 25.23 ? 410 ARG A O   1 
ATOM   495  C CB  . ARG A 1 62  ? 5.947   13.332  -11.833 1.00 25.68 ? 410 ARG A CB  1 
ATOM   496  C CG  . ARG A 1 62  ? 4.705   14.129  -12.226 1.00 26.29 ? 410 ARG A CG  1 
ATOM   497  C CD  . ARG A 1 62  ? 5.032   15.145  -13.295 1.00 32.05 ? 410 ARG A CD  1 
ATOM   498  N NE  . ARG A 1 62  ? 5.265   14.484  -14.573 1.00 33.59 ? 410 ARG A NE  1 
ATOM   499  C CZ  . ARG A 1 62  ? 5.438   15.130  -15.716 1.00 42.18 ? 410 ARG A CZ  1 
ATOM   500  N NH1 . ARG A 1 62  ? 5.417   16.457  -15.745 1.00 31.22 ? 410 ARG A NH1 1 
ATOM   501  N NH2 . ARG A 1 62  ? 5.638   14.455  -16.837 1.00 32.85 ? 410 ARG A NH2 1 
ATOM   502  N N   . GLU A 1 63  ? 6.907   10.951  -9.091  1.00 20.98 ? 411 GLU A N   1 
ATOM   503  C CA  . GLU A 1 63  ? 8.068   10.235  -8.567  1.00 21.55 ? 411 GLU A CA  1 
ATOM   504  C C   . GLU A 1 63  ? 8.156   8.818   -9.100  1.00 24.20 ? 411 GLU A C   1 
ATOM   505  O O   . GLU A 1 63  ? 9.157   8.143   -8.844  1.00 25.60 ? 411 GLU A O   1 
ATOM   506  C CB  . GLU A 1 63  ? 8.101   10.269  -7.033  1.00 22.83 ? 411 GLU A CB  1 
ATOM   507  C CG  . GLU A 1 63  ? 8.374   11.662  -6.480  1.00 29.35 ? 411 GLU A CG  1 
ATOM   508  C CD  . GLU A 1 63  ? 8.430   11.740  -4.971  1.00 49.82 ? 411 GLU A CD  1 
ATOM   509  O OE1 . GLU A 1 63  ? 9.157   10.927  -4.351  1.00 44.70 ? 411 GLU A OE1 1 
ATOM   510  O OE2 . GLU A 1 63  ? 7.766   12.637  -4.408  1.00 44.07 ? 411 GLU A OE2 1 
ATOM   511  N N   . TYR A 1 64  ? 7.139   8.375   -9.869  1.00 20.03 ? 412 TYR A N   1 
ATOM   512  C CA  . TYR A 1 64  ? 7.178   7.056   -10.503 1.00 19.19 ? 412 TYR A CA  1 
ATOM   513  C C   . TYR A 1 64  ? 7.338   7.233   -12.001 1.00 22.72 ? 412 TYR A C   1 
ATOM   514  O O   . TYR A 1 64  ? 6.529   7.921   -12.640 1.00 21.37 ? 412 TYR A O   1 
ATOM   515  C CB  . TYR A 1 64  ? 5.887   6.253   -10.248 1.00 18.91 ? 412 TYR A CB  1 
ATOM   516  C CG  . TYR A 1 64  ? 5.600   6.034   -8.783  1.00 19.06 ? 412 TYR A CG  1 
ATOM   517  C CD1 . TYR A 1 64  ? 6.515   5.381   -7.963  1.00 19.74 ? 412 TYR A CD1 1 
ATOM   518  C CD2 . TYR A 1 64  ? 4.402   6.461   -8.219  1.00 20.69 ? 412 TYR A CD2 1 
ATOM   519  C CE1 . TYR A 1 64  ? 6.246   5.170   -6.609  1.00 19.09 ? 412 TYR A CE1 1 
ATOM   520  C CE2 . TYR A 1 64  ? 4.119   6.250   -6.868  1.00 20.46 ? 412 TYR A CE2 1 
ATOM   521  C CZ  . TYR A 1 64  ? 5.043   5.605   -6.070  1.00 18.72 ? 412 TYR A CZ  1 
ATOM   522  O OH  . TYR A 1 64  ? 4.766   5.443   -4.729  1.00 19.44 ? 412 TYR A OH  1 
ATOM   523  N N   . ARG A 1 65  ? 8.378   6.596   -12.565 1.00 20.48 ? 413 ARG A N   1 
ATOM   524  C CA  . ARG A 1 65  ? 8.603   6.667   -14.016 1.00 20.24 ? 413 ARG A CA  1 
ATOM   525  C C   . ARG A 1 65  ? 7.593   5.837   -14.763 1.00 24.60 ? 413 ARG A C   1 
ATOM   526  O O   . ARG A 1 65  ? 7.278   6.138   -15.913 1.00 25.82 ? 413 ARG A O   1 
ATOM   527  C CB  . ARG A 1 65  ? 10.008  6.170   -14.377 1.00 20.09 ? 413 ARG A CB  1 
ATOM   528  C CG  . ARG A 1 65  ? 11.111  7.053   -13.815 1.00 22.45 ? 413 ARG A CG  1 
ATOM   529  C CD  . ARG A 1 65  ? 12.456  6.678   -14.408 1.00 22.88 ? 413 ARG A CD  1 
ATOM   530  N NE  . ARG A 1 65  ? 12.851  5.314   -14.054 1.00 25.32 ? 413 ARG A NE  1 
ATOM   531  C CZ  . ARG A 1 65  ? 13.885  4.674   -14.586 1.00 38.35 ? 413 ARG A CZ  1 
ATOM   532  N NH1 . ARG A 1 65  ? 14.657  5.278   -15.481 1.00 24.09 ? 413 ARG A NH1 1 
ATOM   533  N NH2 . ARG A 1 65  ? 14.172  3.434   -14.207 1.00 33.61 ? 413 ARG A NH2 1 
ATOM   534  N N   . ASP A 1 66  ? 7.107   4.740   -14.131 1.00 21.67 ? 414 ASP A N   1 
ATOM   535  C CA  . ASP A 1 66  ? 6.208   3.813   -14.789 1.00 20.53 ? 414 ASP A CA  1 
ATOM   536  C C   . ASP A 1 66  ? 5.384   3.014   -13.764 1.00 22.06 ? 414 ASP A C   1 
ATOM   537  O O   . ASP A 1 66  ? 5.578   3.175   -12.553 1.00 20.74 ? 414 ASP A O   1 
ATOM   538  C CB  . ASP A 1 66  ? 7.033   2.851   -15.677 1.00 22.32 ? 414 ASP A CB  1 
ATOM   539  C CG  . ASP A 1 66  ? 8.155   2.103   -14.968 1.00 32.28 ? 414 ASP A CG  1 
ATOM   540  O OD1 . ASP A 1 66  ? 8.001   1.792   -13.757 1.00 30.76 ? 414 ASP A OD1 1 
ATOM   541  O OD2 . ASP A 1 66  ? 9.171   1.788   -15.631 1.00 34.77 ? 414 ASP A OD2 1 
ATOM   542  N N   . ALA A 1 67  ? 4.485   2.134   -14.262 1.00 20.35 ? 415 ALA A N   1 
ATOM   543  C CA  . ALA A 1 67  ? 3.633   1.291   -13.395 1.00 20.39 ? 415 ALA A CA  1 
ATOM   544  C C   . ALA A 1 67  ? 4.440   0.347   -12.538 1.00 22.84 ? 415 ALA A C   1 
ATOM   545  O O   . ALA A 1 67  ? 4.025   0.079   -11.408 1.00 20.87 ? 415 ALA A O   1 
ATOM   546  C CB  . ALA A 1 67  ? 2.642   0.497   -14.232 1.00 21.28 ? 415 ALA A CB  1 
ATOM   547  N N   . GLN A 1 68  ? 5.575   -0.174  -13.042 1.00 19.77 ? 416 GLN A N   1 
ATOM   548  C CA  . GLN A 1 68  ? 6.393   -1.065  -12.224 1.00 21.43 ? 416 GLN A CA  1 
ATOM   549  C C   . GLN A 1 68  ? 6.930   -0.365  -10.959 1.00 22.47 ? 416 GLN A C   1 
ATOM   550  O O   . GLN A 1 68  ? 6.966   -0.976  -9.884  1.00 21.18 ? 416 GLN A O   1 
ATOM   551  C CB  . GLN A 1 68  ? 7.505   -1.759  -13.036 1.00 23.75 ? 416 GLN A CB  1 
ATOM   552  C CG  . GLN A 1 68  ? 6.958   -2.860  -13.966 1.00 35.62 ? 416 GLN A CG  1 
ATOM   553  C CD  . GLN A 1 68  ? 6.241   -4.008  -13.249 1.00 50.76 ? 416 GLN A CD  1 
ATOM   554  O OE1 . GLN A 1 68  ? 6.651   -4.477  -12.176 1.00 45.65 ? 416 GLN A OE1 1 
ATOM   555  N NE2 . GLN A 1 68  ? 5.165   -4.505  -13.839 1.00 41.02 ? 416 GLN A NE2 1 
ATOM   556  N N   . GLU A 1 69  ? 7.302   0.929   -11.062 1.00 19.49 ? 417 GLU A N   1 
ATOM   557  C CA  . GLU A 1 69  ? 7.796   1.663   -9.887  1.00 18.64 ? 417 GLU A CA  1 
ATOM   558  C C   . GLU A 1 69  ? 6.681   1.884   -8.858  1.00 20.11 ? 417 GLU A C   1 
ATOM   559  O O   . GLU A 1 69  ? 6.897   1.707   -7.658  1.00 20.50 ? 417 GLU A O   1 
ATOM   560  C CB  . GLU A 1 69  ? 8.468   2.971   -10.320 1.00 20.66 ? 417 GLU A CB  1 
ATOM   561  C CG  . GLU A 1 69  ? 9.777   2.685   -11.045 1.00 24.83 ? 417 GLU A CG  1 
ATOM   562  C CD  . GLU A 1 69  ? 10.589  3.918   -11.396 1.00 37.58 ? 417 GLU A CD  1 
ATOM   563  O OE1 . GLU A 1 69  ? 10.193  5.028   -10.977 1.00 24.64 ? 417 GLU A OE1 1 
ATOM   564  O OE2 . GLU A 1 69  ? 11.630  3.765   -12.077 1.00 32.22 ? 417 GLU A OE2 1 
ATOM   565  N N   . PHE A 1 70  ? 5.486   2.236   -9.336  1.00 16.14 ? 418 PHE A N   1 
ATOM   566  C CA  . PHE A 1 70  ? 4.287   2.383   -8.499  1.00 16.26 ? 418 PHE A CA  1 
ATOM   567  C C   . PHE A 1 70  ? 4.001   1.031   -7.820  1.00 18.28 ? 418 PHE A C   1 
ATOM   568  O O   . PHE A 1 70  ? 3.800   0.992   -6.600  1.00 17.80 ? 418 PHE A O   1 
ATOM   569  C CB  . PHE A 1 70  ? 3.095   2.783   -9.363  1.00 17.49 ? 418 PHE A CB  1 
ATOM   570  C CG  . PHE A 1 70  ? 1.730   2.526   -8.751  1.00 17.38 ? 418 PHE A CG  1 
ATOM   571  C CD1 . PHE A 1 70  ? 1.146   3.451   -7.882  1.00 18.60 ? 418 PHE A CD1 1 
ATOM   572  C CD2 . PHE A 1 70  ? 1.003   1.389   -9.085  1.00 16.91 ? 418 PHE A CD2 1 
ATOM   573  C CE1 . PHE A 1 70  ? -0.142  3.236   -7.359  1.00 18.57 ? 418 PHE A CE1 1 
ATOM   574  C CE2 . PHE A 1 70  ? -0.290  1.185   -8.575  1.00 18.03 ? 418 PHE A CE2 1 
ATOM   575  C CZ  . PHE A 1 70  ? -0.847  2.096   -7.705  1.00 17.49 ? 418 PHE A CZ  1 
ATOM   576  N N   . GLY A 1 71  ? 3.976   -0.050  -8.620  1.00 16.56 ? 419 GLY A N   1 
ATOM   577  C CA  . GLY A 1 71  ? 3.686   -1.378  -8.081  1.00 16.29 ? 419 GLY A CA  1 
ATOM   578  C C   . GLY A 1 71  ? 4.675   -1.797  -7.010  1.00 18.06 ? 419 GLY A C   1 
ATOM   579  O O   . GLY A 1 71  ? 4.287   -2.431  -6.018  1.00 15.31 ? 419 GLY A O   1 
ATOM   580  N N   . ALA A 1 72  ? 5.960   -1.403  -7.166  1.00 15.58 ? 420 ALA A N   1 
ATOM   581  C CA  . ALA A 1 72  ? 6.984   -1.713  -6.170  1.00 15.75 ? 420 ALA A CA  1 
ATOM   582  C C   . ALA A 1 72  ? 6.641   -1.050  -4.839  1.00 15.85 ? 420 ALA A C   1 
ATOM   583  O O   . ALA A 1 72  ? 6.845   -1.676  -3.811  1.00 17.85 ? 420 ALA A O   1 
ATOM   584  C CB  . ALA A 1 72  ? 8.372   -1.270  -6.655  1.00 18.24 ? 420 ALA A CB  1 
ATOM   585  N N   . ASP A 1 73  ? 6.112   0.183   -4.846  1.00 15.27 ? 421 ASP A N   1 
ATOM   586  C CA  . ASP A 1 73  ? 5.774   0.805   -3.562  1.00 14.62 ? 421 ASP A CA  1 
ATOM   587  C C   . ASP A 1 73  ? 4.527   0.178   -2.956  1.00 15.58 ? 421 ASP A C   1 
ATOM   588  O O   . ASP A 1 73  ? 4.482   0.012   -1.748  1.00 15.46 ? 421 ASP A O   1 
ATOM   589  C CB  . ASP A 1 73  ? 5.591   2.306   -3.679  1.00 16.86 ? 421 ASP A CB  1 
ATOM   590  C CG  . ASP A 1 73  ? 6.824   3.131   -3.371  1.00 21.14 ? 421 ASP A CG  1 
ATOM   591  O OD1 . ASP A 1 73  ? 7.857   2.548   -2.939  1.00 22.63 ? 421 ASP A OD1 1 
ATOM   592  O OD2 . ASP A 1 73  ? 6.759   4.345   -3.543  1.00 20.65 ? 421 ASP A OD2 1 
ATOM   593  N N   . VAL A 1 74  ? 3.552   -0.200  -3.781  1.00 14.17 ? 422 VAL A N   1 
ATOM   594  C CA  . VAL A 1 74  ? 2.357   -0.864  -3.206  1.00 11.34 ? 422 VAL A CA  1 
ATOM   595  C C   . VAL A 1 74  ? 2.800   -2.196  -2.577  1.00 15.46 ? 422 VAL A C   1 
ATOM   596  O O   . VAL A 1 74  ? 2.388   -2.508  -1.460  1.00 15.65 ? 422 VAL A O   1 
ATOM   597  C CB  . VAL A 1 74  ? 1.294   -1.112  -4.306  1.00 14.14 ? 422 VAL A CB  1 
ATOM   598  C CG1 . VAL A 1 74  ? 0.120   -1.913  -3.741  1.00 14.53 ? 422 VAL A CG1 1 
ATOM   599  C CG2 . VAL A 1 74  ? 0.792   0.205   -4.888  1.00 15.05 ? 422 VAL A CG2 1 
ATOM   600  N N   . ARG A 1 75  ? 3.626   -2.980  -3.296  1.00 15.77 ? 423 ARG A N   1 
ATOM   601  C CA  . ARG A 1 75  ? 4.080   -4.272  -2.750  1.00 15.27 ? 423 ARG A CA  1 
ATOM   602  C C   . ARG A 1 75  ? 4.998   -4.078  -1.535  1.00 16.13 ? 423 ARG A C   1 
ATOM   603  O O   . ARG A 1 75  ? 4.978   -4.909  -0.624  1.00 17.09 ? 423 ARG A O   1 
ATOM   604  C CB  . ARG A 1 75  ? 4.722   -5.113  -3.834  1.00 17.50 ? 423 ARG A CB  1 
ATOM   605  C CG  . ARG A 1 75  ? 3.648   -5.446  -4.866  1.00 17.86 ? 423 ARG A CG  1 
ATOM   606  C CD  . ARG A 1 75  ? 4.191   -6.440  -5.751  1.00 24.97 ? 423 ARG A CD  1 
ATOM   607  N NE  . ARG A 1 75  ? 3.224   -6.880  -6.753  1.00 19.85 ? 423 ARG A NE  1 
ATOM   608  C CZ  . ARG A 1 75  ? 3.471   -6.844  -8.051  1.00 23.74 ? 423 ARG A CZ  1 
ATOM   609  N NH1 . ARG A 1 75  ? 4.584   -6.276  -8.508  1.00 20.48 ? 423 ARG A NH1 1 
ATOM   610  N NH2 . ARG A 1 75  ? 2.611   -7.382  -8.908  1.00 19.10 ? 423 ARG A NH2 1 
ATOM   611  N N   . LEU A 1 76  ? 5.756   -2.964  -1.487  1.00 14.79 ? 424 LEU A N   1 
ATOM   612  C CA  . LEU A 1 76  ? 6.588   -2.672  -0.303  1.00 15.21 ? 424 LEU A CA  1 
ATOM   613  C C   . LEU A 1 76  ? 5.663   -2.461  0.915   1.00 17.43 ? 424 LEU A C   1 
ATOM   614  O O   . LEU A 1 76  ? 5.944   -2.967  2.000   1.00 16.55 ? 424 LEU A O   1 
ATOM   615  C CB  . LEU A 1 76  ? 7.389   -1.400  -0.569  1.00 15.79 ? 424 LEU A CB  1 
ATOM   616  C CG  . LEU A 1 76  ? 8.106   -0.790  0.655   1.00 19.08 ? 424 LEU A CG  1 
ATOM   617  C CD1 . LEU A 1 76  ? 9.129   -1.768  1.286   1.00 20.34 ? 424 LEU A CD1 1 
ATOM   618  C CD2 . LEU A 1 76  ? 8.750   0.539   0.271   1.00 19.82 ? 424 LEU A CD2 1 
ATOM   619  N N   . MET A 1 77  ? 4.573   -1.725  0.724   1.00 14.65 ? 425 MET A N   1 
ATOM   620  C CA  . MET A 1 77  ? 3.591   -1.506  1.794   1.00 13.80 ? 425 MET A CA  1 
ATOM   621  C C   . MET A 1 77  ? 3.072   -2.847  2.357   1.00 15.81 ? 425 MET A C   1 
ATOM   622  O O   . MET A 1 77  ? 3.066   -3.054  3.574   1.00 15.94 ? 425 MET A O   1 
ATOM   623  C CB  . MET A 1 77  ? 2.446   -0.638  1.248   1.00 15.54 ? 425 MET A CB  1 
ATOM   624  C CG  . MET A 1 77  ? 1.320   -0.459  2.225   1.00 16.47 ? 425 MET A CG  1 
ATOM   625  S SD  . MET A 1 77  ? 0.046   0.555   1.454   1.00 17.30 ? 425 MET A SD  1 
ATOM   626  C CE  . MET A 1 77  ? -0.807  -0.701  0.403   1.00 17.50 ? 425 MET A CE  1 
ATOM   627  N N   . PHE A 1 78  ? 2.712   -3.791  1.472   1.00 14.52 ? 426 PHE A N   1 
ATOM   628  C CA  . PHE A 1 78  ? 2.241   -5.086  1.964   1.00 12.75 ? 426 PHE A CA  1 
ATOM   629  C C   . PHE A 1 78  ? 3.373   -5.891  2.582   1.00 14.44 ? 426 PHE A C   1 
ATOM   630  O O   . PHE A 1 78  ? 3.179   -6.526  3.619   1.00 14.24 ? 426 PHE A O   1 
ATOM   631  C CB  . PHE A 1 78  ? 1.591   -5.889  0.807   1.00 14.17 ? 426 PHE A CB  1 
ATOM   632  C CG  . PHE A 1 78  ? 0.327   -5.230  0.313   1.00 14.58 ? 426 PHE A CG  1 
ATOM   633  C CD1 . PHE A 1 78  ? -0.669  -4.843  1.209   1.00 16.89 ? 426 PHE A CD1 1 
ATOM   634  C CD2 . PHE A 1 78  ? 0.125   -5.010  -1.050  1.00 17.16 ? 426 PHE A CD2 1 
ATOM   635  C CE1 . PHE A 1 78  ? -1.841  -4.247  0.763   1.00 18.50 ? 426 PHE A CE1 1 
ATOM   636  C CE2 . PHE A 1 78  ? -1.073  -4.412  -1.500  1.00 17.42 ? 426 PHE A CE2 1 
ATOM   637  C CZ  . PHE A 1 78  ? -2.016  -4.011  -0.583  1.00 18.15 ? 426 PHE A CZ  1 
ATOM   638  N N   . SER A 1 79  ? 4.547   -5.899  1.929   1.00 12.79 ? 427 SER A N   1 
ATOM   639  C CA  . SER A 1 79  ? 5.678   -6.653  2.474   1.00 13.58 ? 427 SER A CA  1 
ATOM   640  C C   . SER A 1 79  ? 6.066   -6.168  3.869   1.00 15.24 ? 427 SER A C   1 
ATOM   641  O O   . SER A 1 79  ? 6.379   -6.990  4.716   1.00 16.93 ? 427 SER A O   1 
ATOM   642  C CB  . SER A 1 79  ? 6.885   -6.585  1.549   1.00 16.60 ? 427 SER A CB  1 
ATOM   643  O OG  . SER A 1 79  ? 6.578   -7.279  0.347   1.00 17.69 ? 427 SER A OG  1 
ATOM   644  N N   . ASN A 1 80  ? 5.949   -4.855  4.126   1.00 14.09 ? 428 ASN A N   1 
ATOM   645  C CA  . ASN A 1 80  ? 6.262   -4.332  5.471   1.00 12.53 ? 428 ASN A CA  1 
ATOM   646  C C   . ASN A 1 80  ? 5.321   -4.940  6.501   1.00 15.50 ? 428 ASN A C   1 
ATOM   647  O O   . ASN A 1 80  ? 5.752   -5.314  7.594   1.00 16.44 ? 428 ASN A O   1 
ATOM   648  C CB  . ASN A 1 80  ? 6.096   -2.814  5.503   1.00 15.61 ? 428 ASN A CB  1 
ATOM   649  C CG  . ASN A 1 80  ? 7.221   -2.091  4.820   1.00 17.15 ? 428 ASN A CG  1 
ATOM   650  O OD1 . ASN A 1 80  ? 8.297   -2.655  4.588   1.00 18.40 ? 428 ASN A OD1 1 
ATOM   651  N ND2 . ASN A 1 80  ? 6.983   -0.827  4.512   1.00 15.76 ? 428 ASN A ND2 1 
ATOM   652  N N   . CYS A 1 81  ? 4.034   -5.039  6.140   1.00 14.75 ? 429 CYS A N   1 
ATOM   653  C CA  . CYS A 1 81  ? 3.018   -5.601  7.010   1.00 13.84 ? 429 CYS A CA  1 
ATOM   654  C C   . CYS A 1 81  ? 3.315   -7.091  7.291   1.00 16.69 ? 429 CYS A C   1 
ATOM   655  O O   . CYS A 1 81  ? 3.258   -7.543  8.444   1.00 17.80 ? 429 CYS A O   1 
ATOM   656  C CB  . CYS A 1 81  ? 1.644   -5.405  6.373   1.00 14.06 ? 429 CYS A CB  1 
ATOM   657  S SG  . CYS A 1 81  ? 0.283   -5.918  7.445   1.00 16.65 ? 429 CYS A SG  1 
ATOM   658  N N   . TYR A 1 82  ? 3.672   -7.857  6.232   1.00 13.47 ? 430 TYR A N   1 
ATOM   659  C CA  . TYR A 1 82  ? 3.980   -9.273  6.404   1.00 14.25 ? 430 TYR A CA  1 
ATOM   660  C C   . TYR A 1 82  ? 5.242   -9.467  7.210   1.00 18.43 ? 430 TYR A C   1 
ATOM   661  O O   . TYR A 1 82  ? 5.318   -10.456 7.928   1.00 18.31 ? 430 TYR A O   1 
ATOM   662  C CB  . TYR A 1 82  ? 4.111   -9.996  5.026   1.00 14.89 ? 430 TYR A CB  1 
ATOM   663  C CG  . TYR A 1 82  ? 2.889   -9.836  4.144   1.00 14.38 ? 430 TYR A CG  1 
ATOM   664  C CD1 . TYR A 1 82  ? 1.593   -9.848  4.691   1.00 15.30 ? 430 TYR A CD1 1 
ATOM   665  C CD2 . TYR A 1 82  ? 3.018   -9.684  2.764   1.00 14.70 ? 430 TYR A CD2 1 
ATOM   666  C CE1 . TYR A 1 82  ? 0.464   -9.668  3.881   1.00 15.32 ? 430 TYR A CE1 1 
ATOM   667  C CE2 . TYR A 1 82  ? 1.898   -9.506  1.950   1.00 14.05 ? 430 TYR A CE2 1 
ATOM   668  C CZ  . TYR A 1 82  ? 0.625   -9.517  2.508   1.00 17.49 ? 430 TYR A CZ  1 
ATOM   669  O OH  . TYR A 1 82  ? -0.465  -9.314  1.686   1.00 17.81 ? 430 TYR A OH  1 
ATOM   670  N N   . LYS A 1 83  ? 6.228   -8.558  7.079   1.00 15.13 ? 431 LYS A N   1 
ATOM   671  C CA  . LYS A 1 83  ? 7.497   -8.690  7.801   1.00 15.64 ? 431 LYS A CA  1 
ATOM   672  C C   . LYS A 1 83  ? 7.335   -8.359  9.279   1.00 19.13 ? 431 LYS A C   1 
ATOM   673  O O   . LYS A 1 83  ? 7.892   -9.049  10.144  1.00 19.92 ? 431 LYS A O   1 
ATOM   674  C CB  . LYS A 1 83  ? 8.561   -7.767  7.172   1.00 17.01 ? 431 LYS A CB  1 
ATOM   675  C CG  . LYS A 1 83  ? 9.919   -7.837  7.870   1.00 20.93 ? 431 LYS A CG  1 
ATOM   676  C CD  . LYS A 1 83  ? 10.874  -6.866  7.247   1.00 21.82 ? 431 LYS A CD  1 
ATOM   677  C CE  . LYS A 1 83  ? 12.205  -6.909  7.975   1.00 31.51 ? 431 LYS A CE  1 
ATOM   678  N NZ  . LYS A 1 83  ? 13.185  -5.997  7.337   1.00 42.99 ? 431 LYS A NZ  1 
ATOM   679  N N   . TYR A 1 84  ? 6.617   -7.283  9.560   1.00 16.31 ? 432 TYR A N   1 
ATOM   680  C CA  . TYR A 1 84  ? 6.527   -6.788  10.931  1.00 16.21 ? 432 TYR A CA  1 
ATOM   681  C C   . TYR A 1 84  ? 5.659   -7.600  11.868  1.00 20.60 ? 432 TYR A C   1 
ATOM   682  O O   . TYR A 1 84  ? 6.011   -7.773  13.034  1.00 21.48 ? 432 TYR A O   1 
ATOM   683  C CB  . TYR A 1 84  ? 6.063   -5.329  10.919  1.00 16.69 ? 432 TYR A CB  1 
ATOM   684  C CG  . TYR A 1 84  ? 5.864   -4.769  12.312  1.00 18.48 ? 432 TYR A CG  1 
ATOM   685  C CD1 . TYR A 1 84  ? 6.953   -4.479  13.129  1.00 20.25 ? 432 TYR A CD1 1 
ATOM   686  C CD2 . TYR A 1 84  ? 4.588   -4.563  12.824  1.00 18.99 ? 432 TYR A CD2 1 
ATOM   687  C CE1 . TYR A 1 84  ? 6.774   -4.014  14.435  1.00 17.17 ? 432 TYR A CE1 1 
ATOM   688  C CE2 . TYR A 1 84  ? 4.395   -4.092  14.125  1.00 19.75 ? 432 TYR A CE2 1 
ATOM   689  C CZ  . TYR A 1 84  ? 5.491   -3.814  14.922  1.00 22.57 ? 432 TYR A CZ  1 
ATOM   690  O OH  . TYR A 1 84  ? 5.303   -3.363  16.218  1.00 21.23 ? 432 TYR A OH  1 
ATOM   691  N N   . ASN A 1 85  ? 4.507   -8.033  11.405  1.00 17.28 ? 433 ASN A N   1 
ATOM   692  C CA  . ASN A 1 85  ? 3.512   -8.662  12.262  1.00 17.48 ? 433 ASN A CA  1 
ATOM   693  C C   . ASN A 1 85  ? 3.609   -10.165 12.343  1.00 23.05 ? 433 ASN A C   1 
ATOM   694  O O   . ASN A 1 85  ? 4.003   -10.791 11.357  1.00 21.44 ? 433 ASN A O   1 
ATOM   695  C CB  . ASN A 1 85  ? 2.131   -8.289  11.716  1.00 17.03 ? 433 ASN A CB  1 
ATOM   696  C CG  . ASN A 1 85  ? 1.907   -6.810  11.773  1.00 20.43 ? 433 ASN A CG  1 
ATOM   697  O OD1 . ASN A 1 85  ? 1.666   -6.242  12.841  1.00 19.18 ? 433 ASN A OD1 1 
ATOM   698  N ND2 . ASN A 1 85  ? 2.006   -6.135  10.621  1.00 15.12 ? 433 ASN A ND2 1 
ATOM   699  N N   . PRO A 1 86  ? 3.067   -10.772 13.423  1.00 22.66 ? 434 PRO A N   1 
ATOM   700  C CA  . PRO A 1 86  ? 2.958   -12.238 13.449  1.00 22.95 ? 434 PRO A CA  1 
ATOM   701  C C   . PRO A 1 86  ? 2.015   -12.678 12.321  1.00 25.22 ? 434 PRO A C   1 
ATOM   702  O O   . PRO A 1 86  ? 1.067   -11.958 11.971  1.00 23.69 ? 434 PRO A O   1 
ATOM   703  C CB  . PRO A 1 86  ? 2.340   -12.527 14.821  1.00 25.03 ? 434 PRO A CB  1 
ATOM   704  C CG  . PRO A 1 86  ? 2.620   -11.318 15.642  1.00 29.00 ? 434 PRO A CG  1 
ATOM   705  C CD  . PRO A 1 86  ? 2.532   -10.174 14.665  1.00 24.36 ? 434 PRO A CD  1 
ATOM   706  N N   . PRO A 1 87  ? 2.255   -13.851 11.722  1.00 23.34 ? 435 PRO A N   1 
ATOM   707  C CA  . PRO A 1 87  ? 1.418   -14.283 10.585  1.00 23.23 ? 435 PRO A CA  1 
ATOM   708  C C   . PRO A 1 87  ? -0.081  -14.410 10.840  1.00 26.43 ? 435 PRO A C   1 
ATOM   709  O O   . PRO A 1 87  ? -0.849  -14.346 9.869   1.00 25.46 ? 435 PRO A O   1 
ATOM   710  C CB  . PRO A 1 87  ? 2.023   -15.631 10.181  1.00 26.02 ? 435 PRO A CB  1 
ATOM   711  C CG  . PRO A 1 87  ? 2.863   -16.055 11.309  1.00 30.65 ? 435 PRO A CG  1 
ATOM   712  C CD  . PRO A 1 87  ? 3.346   -14.810 11.987  1.00 25.99 ? 435 PRO A CD  1 
ATOM   713  N N   . ASP A 1 88  ? -0.505  -14.622 12.118  1.00 23.27 ? 436 ASP A N   1 
ATOM   714  C CA  . ASP A 1 88  ? -1.926  -14.787 12.471  1.00 23.73 ? 436 ASP A CA  1 
ATOM   715  C C   . ASP A 1 88  ? -2.602  -13.483 12.841  1.00 24.89 ? 436 ASP A C   1 
ATOM   716  O O   . ASP A 1 88  ? -3.784  -13.470 13.190  1.00 26.46 ? 436 ASP A O   1 
ATOM   717  C CB  . ASP A 1 88  ? -2.085  -15.820 13.617  1.00 26.12 ? 436 ASP A CB  1 
ATOM   718  C CG  . ASP A 1 88  ? -1.372  -15.490 14.921  1.00 45.83 ? 436 ASP A CG  1 
ATOM   719  O OD1 . ASP A 1 88  ? -0.229  -14.963 14.864  1.00 48.04 ? 436 ASP A OD1 1 
ATOM   720  O OD2 . ASP A 1 88  ? -1.909  -15.849 16.000  1.00 54.29 ? 436 ASP A OD2 1 
ATOM   721  N N   . HIS A 1 89  ? -1.868  -12.363 12.746  1.00 22.32 ? 437 HIS A N   1 
ATOM   722  C CA  . HIS A 1 89  ? -2.419  -11.067 13.132  1.00 21.27 ? 437 HIS A CA  1 
ATOM   723  C C   . HIS A 1 89  ? -3.561  -10.640 12.206  1.00 22.91 ? 437 HIS A C   1 
ATOM   724  O O   . HIS A 1 89  ? -3.514  -10.881 10.987  1.00 22.09 ? 437 HIS A O   1 
ATOM   725  C CB  . HIS A 1 89  ? -1.305  -10.000 13.170  1.00 20.77 ? 437 HIS A CB  1 
ATOM   726  C CG  . HIS A 1 89  ? -1.668  -8.788  13.969  1.00 22.90 ? 437 HIS A CG  1 
ATOM   727  N ND1 . HIS A 1 89  ? -2.628  -7.898  13.526  1.00 24.77 ? 437 HIS A ND1 1 
ATOM   728  C CD2 . HIS A 1 89  ? -1.180  -8.357  15.158  1.00 24.18 ? 437 HIS A CD2 1 
ATOM   729  C CE1 . HIS A 1 89  ? -2.700  -6.954  14.452  1.00 24.40 ? 437 HIS A CE1 1 
ATOM   730  N NE2 . HIS A 1 89  ? -1.847  -7.193  15.460  1.00 24.26 ? 437 HIS A NE2 1 
ATOM   731  N N   . GLU A 1 90  ? -4.609  -10.035 12.784  1.00 19.60 ? 438 GLU A N   1 
ATOM   732  C CA  . GLU A 1 90  ? -5.762  -9.518  12.031  1.00 19.07 ? 438 GLU A CA  1 
ATOM   733  C C   . GLU A 1 90  ? -5.286  -8.584  10.884  1.00 18.71 ? 438 GLU A C   1 
ATOM   734  O O   . GLU A 1 90  ? -5.871  -8.618  9.813   1.00 18.60 ? 438 GLU A O   1 
ATOM   735  C CB  . GLU A 1 90  ? -6.633  -8.689  12.976  1.00 22.01 ? 438 GLU A CB  1 
ATOM   736  C CG  . GLU A 1 90  ? -7.981  -8.250  12.440  1.00 37.50 ? 438 GLU A CG  1 
ATOM   737  C CD  . GLU A 1 90  ? -8.788  -7.409  13.413  1.00 59.33 ? 438 GLU A CD  1 
ATOM   738  O OE1 . GLU A 1 90  ? -8.547  -7.512  14.639  1.00 47.60 ? 438 GLU A OE1 1 
ATOM   739  O OE2 . GLU A 1 90  ? -9.664  -6.646  12.946  1.00 59.71 ? 438 GLU A OE2 1 
ATOM   740  N N   . VAL A 1 91  ? -4.249  -7.754  11.121  1.00 16.74 ? 439 VAL A N   1 
ATOM   741  C CA  . VAL A 1 91  ? -3.783  -6.799  10.097  1.00 15.66 ? 439 VAL A CA  1 
ATOM   742  C C   . VAL A 1 91  ? -3.174  -7.505  8.860   1.00 17.97 ? 439 VAL A C   1 
ATOM   743  O O   . VAL A 1 91  ? -3.268  -6.980  7.747   1.00 17.07 ? 439 VAL A O   1 
ATOM   744  C CB  . VAL A 1 91  ? -2.836  -5.719  10.697  1.00 19.06 ? 439 VAL A CB  1 
ATOM   745  C CG1 . VAL A 1 91  ? -1.410  -6.231  10.841  1.00 18.99 ? 439 VAL A CG1 1 
ATOM   746  C CG2 . VAL A 1 91  ? -2.882  -4.429  9.861   1.00 19.30 ? 439 VAL A CG2 1 
ATOM   747  N N   . VAL A 1 92  ? -2.579  -8.687  9.042   1.00 14.74 ? 440 VAL A N   1 
ATOM   748  C CA  . VAL A 1 92  ? -2.025  -9.459  7.918   1.00 14.82 ? 440 VAL A CA  1 
ATOM   749  C C   . VAL A 1 92  ? -3.183  -9.968  7.039   1.00 16.70 ? 440 VAL A C   1 
ATOM   750  O O   . VAL A 1 92  ? -3.075  -9.921  5.808   1.00 17.23 ? 440 VAL A O   1 
ATOM   751  C CB  . VAL A 1 92  ? -1.123  -10.611 8.431   1.00 17.52 ? 440 VAL A CB  1 
ATOM   752  C CG1 . VAL A 1 92  ? -0.774  -11.602 7.308   1.00 17.28 ? 440 VAL A CG1 1 
ATOM   753  C CG2 . VAL A 1 92  ? 0.127   -10.060 9.121   1.00 17.64 ? 440 VAL A CG2 1 
ATOM   754  N N   . ALA A 1 93  ? -4.313  -10.416 7.653   1.00 15.52 ? 441 ALA A N   1 
ATOM   755  C CA  . ALA A 1 93  ? -5.443  -10.851 6.834   1.00 16.92 ? 441 ALA A CA  1 
ATOM   756  C C   . ALA A 1 93  ? -6.022  -9.661  6.060   1.00 18.80 ? 441 ALA A C   1 
ATOM   757  O O   . ALA A 1 93  ? -6.440  -9.819  4.903   1.00 18.92 ? 441 ALA A O   1 
ATOM   758  C CB  . ALA A 1 93  ? -6.527  -11.474 7.712   1.00 18.05 ? 441 ALA A CB  1 
ATOM   759  N N   . MET A 1 94  ? -6.018  -8.463  6.674   1.00 16.32 ? 442 MET A N   1 
ATOM   760  C CA  . MET A 1 94  ? -6.523  -7.263  5.995   1.00 14.33 ? 442 MET A CA  1 
ATOM   761  C C   . MET A 1 94  ? -5.581  -6.915  4.831   1.00 14.70 ? 442 MET A C   1 
ATOM   762  O O   . MET A 1 94  ? -6.054  -6.582  3.761   1.00 15.49 ? 442 MET A O   1 
ATOM   763  C CB  . MET A 1 94  ? -6.614  -6.095  6.976   1.00 16.08 ? 442 MET A CB  1 
ATOM   764  C CG  . MET A 1 94  ? -7.670  -6.348  8.039   1.00 18.76 ? 442 MET A CG  1 
ATOM   765  S SD  . MET A 1 94  ? -7.477  -5.206  9.428   1.00 23.72 ? 442 MET A SD  1 
ATOM   766  C CE  . MET A 1 94  ? -8.332  -3.999  8.915   1.00 21.31 ? 442 MET A CE  1 
ATOM   767  N N   . ALA A 1 95  ? -4.272  -7.020  5.040   1.00 13.69 ? 443 ALA A N   1 
ATOM   768  C CA  . ALA A 1 95  ? -3.284  -6.754  3.974   1.00 13.21 ? 443 ALA A CA  1 
ATOM   769  C C   . ALA A 1 95  ? -3.529  -7.700  2.792   1.00 16.00 ? 443 ALA A C   1 
ATOM   770  O O   . ALA A 1 95  ? -3.524  -7.271  1.648   1.00 16.22 ? 443 ALA A O   1 
ATOM   771  C CB  . ALA A 1 95  ? -1.863  -6.932  4.493   1.00 15.04 ? 443 ALA A CB  1 
ATOM   772  N N   . ARG A 1 96  ? -3.799  -8.988  3.080   1.00 14.42 ? 444 ARG A N   1 
ATOM   773  C CA  . ARG A 1 96  ? -4.052  -9.958  2.017   1.00 15.34 ? 444 ARG A CA  1 
ATOM   774  C C   . ARG A 1 96  ? -5.299  -9.629  1.249   1.00 17.34 ? 444 ARG A C   1 
ATOM   775  O O   . ARG A 1 96  ? -5.304  -9.786  0.029   1.00 18.07 ? 444 ARG A O   1 
ATOM   776  C CB  . ARG A 1 96  ? -4.112  -11.387 2.558   1.00 16.13 ? 444 ARG A CB  1 
ATOM   777  C CG  . ARG A 1 96  ? -2.767  -11.854 3.056   1.00 17.62 ? 444 ARG A CG  1 
ATOM   778  C CD  . ARG A 1 96  ? -2.872  -13.284 3.516   1.00 24.98 ? 444 ARG A CD  1 
ATOM   779  N NE  . ARG A 1 96  ? -1.559  -13.842 3.804   1.00 32.83 ? 444 ARG A NE  1 
ATOM   780  C CZ  . ARG A 1 96  ? -1.317  -14.664 4.814   1.00 49.05 ? 444 ARG A CZ  1 
ATOM   781  N NH1 . ARG A 1 96  ? -2.284  -14.987 5.662   1.00 40.69 ? 444 ARG A NH1 1 
ATOM   782  N NH2 . ARG A 1 96  ? -0.110  -15.169 4.985   1.00 42.59 ? 444 ARG A NH2 1 
ATOM   783  N N   . LYS A 1 97  ? -6.367  -9.175  1.939   1.00 14.89 ? 445 LYS A N   1 
ATOM   784  C CA  . LYS A 1 97  ? -7.593  -8.841  1.217   1.00 14.15 ? 445 LYS A CA  1 
ATOM   785  C C   . LYS A 1 97  ? -7.341  -7.647  0.300   1.00 17.53 ? 445 LYS A C   1 
ATOM   786  O O   . LYS A 1 97  ? -7.857  -7.591  -0.832  1.00 17.34 ? 445 LYS A O   1 
ATOM   787  C CB  . LYS A 1 97  ? -8.743  -8.524  2.190   1.00 16.48 ? 445 LYS A CB  1 
ATOM   788  C CG  . LYS A 1 97  ? -9.211  -9.736  2.972   1.00 17.81 ? 445 LYS A CG  1 
ATOM   789  C CD  . LYS A 1 97  ? -10.409 -9.407  3.809   1.00 20.18 ? 445 LYS A CD  1 
ATOM   790  C CE  . LYS A 1 97  ? -10.740 -10.577 4.701   1.00 29.18 ? 445 LYS A CE  1 
ATOM   791  N NZ  . LYS A 1 97  ? -11.829 -10.232 5.644   1.00 34.94 ? 445 LYS A NZ  1 
ATOM   792  N N   . LEU A 1 98  ? -6.580  -6.672  0.808   1.00 15.41 ? 446 LEU A N   1 
ATOM   793  C CA  . LEU A 1 98  ? -6.310  -5.487  -0.014  1.00 14.56 ? 446 LEU A CA  1 
ATOM   794  C C   . LEU A 1 98  ? -5.367  -5.841  -1.172  1.00 14.44 ? 446 LEU A C   1 
ATOM   795  O O   . LEU A 1 98  ? -5.529  -5.318  -2.293  1.00 14.18 ? 446 LEU A O   1 
ATOM   796  C CB  . LEU A 1 98  ? -5.739  -4.341  0.835   1.00 14.65 ? 446 LEU A CB  1 
ATOM   797  C CG  . LEU A 1 98  ? -5.667  -2.987  0.122   1.00 18.21 ? 446 LEU A CG  1 
ATOM   798  C CD1 . LEU A 1 98  ? -7.054  -2.542  -0.415  1.00 18.92 ? 446 LEU A CD1 1 
ATOM   799  C CD2 . LEU A 1 98  ? -4.991  -1.966  1.016   1.00 19.73 ? 446 LEU A CD2 1 
ATOM   800  N N   . GLN A 1 99  ? -4.360  -6.707  -0.892  1.00 12.61 ? 447 GLN A N   1 
ATOM   801  C CA  . GLN A 1 99  ? -3.422  -7.100  -1.930  1.00 11.99 ? 447 GLN A CA  1 
ATOM   802  C C   . GLN A 1 99  ? -4.185  -7.864  -3.036  1.00 15.69 ? 447 GLN A C   1 
ATOM   803  O O   . GLN A 1 99  ? -3.828  -7.730  -4.196  1.00 16.46 ? 447 GLN A O   1 
ATOM   804  C CB  . GLN A 1 99  ? -2.224  -7.877  -1.365  1.00 12.51 ? 447 GLN A CB  1 
ATOM   805  C CG  . GLN A 1 99  ? -1.210  -8.164  -2.463  1.00 15.91 ? 447 GLN A CG  1 
ATOM   806  C CD  . GLN A 1 99  ? 0.133   -8.589  -1.967  1.00 24.66 ? 447 GLN A CD  1 
ATOM   807  O OE1 . GLN A 1 99  ? 0.324   -8.994  -0.817  1.00 19.77 ? 447 GLN A OE1 1 
ATOM   808  N NE2 . GLN A 1 99  ? 1.117   -8.478  -2.831  1.00 20.00 ? 447 GLN A NE2 1 
ATOM   809  N N   . ASP A 1 100 ? -5.246  -8.630  -2.685  1.00 16.16 ? 448 ASP A N   1 
ATOM   810  C CA  . ASP A 1 100 ? -6.064  -9.298  -3.721  1.00 17.39 ? 448 ASP A CA  1 
ATOM   811  C C   . ASP A 1 100 ? -6.645  -8.271  -4.685  1.00 19.72 ? 448 ASP A C   1 
ATOM   812  O O   . ASP A 1 100 ? -6.596  -8.490  -5.897  1.00 22.06 ? 448 ASP A O   1 
ATOM   813  C CB  . ASP A 1 100 ? -7.250  -10.030 -3.079  1.00 20.09 ? 448 ASP A CB  1 
ATOM   814  C CG  . ASP A 1 100 ? -6.945  -11.286 -2.318  1.00 35.59 ? 448 ASP A CG  1 
ATOM   815  O OD1 . ASP A 1 100 ? -5.830  -11.831 -2.490  1.00 36.27 ? 448 ASP A OD1 1 
ATOM   816  O OD2 . ASP A 1 100 ? -7.854  -11.770 -1.591  1.00 46.35 ? 448 ASP A OD2 1 
ATOM   817  N N   . VAL A 1 101 ? -7.189  -7.151  -4.161  1.00 16.58 ? 449 VAL A N   1 
ATOM   818  C CA  . VAL A 1 101 ? -7.761  -6.076  -4.995  1.00 17.52 ? 449 VAL A CA  1 
ATOM   819  C C   . VAL A 1 101 ? -6.664  -5.552  -5.911  1.00 17.02 ? 449 VAL A C   1 
ATOM   820  O O   . VAL A 1 101 ? -6.846  -5.439  -7.124  1.00 18.13 ? 449 VAL A O   1 
ATOM   821  C CB  . VAL A 1 101 ? -8.317  -4.917  -4.113  1.00 22.41 ? 449 VAL A CB  1 
ATOM   822  C CG1 . VAL A 1 101 ? -8.773  -3.714  -4.956  1.00 23.15 ? 449 VAL A CG1 1 
ATOM   823  C CG2 . VAL A 1 101 ? -9.439  -5.414  -3.210  1.00 22.65 ? 449 VAL A CG2 1 
ATOM   824  N N   . PHE A 1 102 ? -5.518  -5.193  -5.311  1.00 13.85 ? 450 PHE A N   1 
ATOM   825  C CA  . PHE A 1 102 ? -4.416  -4.636  -6.078  1.00 13.06 ? 450 PHE A CA  1 
ATOM   826  C C   . PHE A 1 102 ? -3.918  -5.574  -7.164  1.00 15.38 ? 450 PHE A C   1 
ATOM   827  O O   . PHE A 1 102 ? -3.757  -5.155  -8.316  1.00 14.71 ? 450 PHE A O   1 
ATOM   828  C CB  . PHE A 1 102 ? -3.246  -4.262  -5.134  1.00 13.36 ? 450 PHE A CB  1 
ATOM   829  C CG  . PHE A 1 102 ? -1.989  -3.926  -5.906  1.00 13.18 ? 450 PHE A CG  1 
ATOM   830  C CD1 . PHE A 1 102 ? -1.879  -2.726  -6.615  1.00 15.35 ? 450 PHE A CD1 1 
ATOM   831  C CD2 . PHE A 1 102 ? -0.933  -4.830  -5.975  1.00 15.03 ? 450 PHE A CD2 1 
ATOM   832  C CE1 . PHE A 1 102 ? -0.721  -2.443  -7.351  1.00 15.07 ? 450 PHE A CE1 1 
ATOM   833  C CE2 . PHE A 1 102 ? 0.194   -4.557  -6.749  1.00 16.50 ? 450 PHE A CE2 1 
ATOM   834  C CZ  . PHE A 1 102 ? 0.283   -3.377  -7.446  1.00 14.48 ? 450 PHE A CZ  1 
ATOM   835  N N   . GLU A 1 103 ? -3.606  -6.822  -6.803  1.00 13.94 ? 451 GLU A N   1 
ATOM   836  C CA  . GLU A 1 103 ? -2.974  -7.712  -7.790  1.00 13.49 ? 451 GLU A CA  1 
ATOM   837  C C   . GLU A 1 103 ? -3.876  -7.989  -8.967  1.00 14.73 ? 451 GLU A C   1 
ATOM   838  O O   . GLU A 1 103 ? -3.380  -8.093  -10.095 1.00 15.66 ? 451 GLU A O   1 
ATOM   839  C CB  . GLU A 1 103 ? -2.521  -9.033  -7.142  1.00 14.78 ? 451 GLU A CB  1 
ATOM   840  C CG  . GLU A 1 103 ? -1.412  -8.875  -6.105  1.00 16.42 ? 451 GLU A CG  1 
ATOM   841  C CD  . GLU A 1 103 ? -0.042  -8.455  -6.606  1.00 25.95 ? 451 GLU A CD  1 
ATOM   842  O OE1 . GLU A 1 103 ? 0.250   -8.598  -7.817  1.00 21.00 ? 451 GLU A OE1 1 
ATOM   843  O OE2 . GLU A 1 103 ? 0.778   -8.041  -5.756  1.00 20.97 ? 451 GLU A OE2 1 
ATOM   844  N N   . MET A 1 104 ? -5.179  -8.133  -8.709  1.00 14.12 ? 452 MET A N   1 
ATOM   845  C CA  . MET A 1 104 ? -6.128  -8.399  -9.802  1.00 14.52 ? 452 MET A CA  1 
ATOM   846  C C   . MET A 1 104 ? -6.163  -7.204  -10.765 1.00 18.91 ? 452 MET A C   1 
ATOM   847  O O   . MET A 1 104 ? -6.113  -7.398  -11.986 1.00 19.87 ? 452 MET A O   1 
ATOM   848  C CB  . MET A 1 104 ? -7.536  -8.683  -9.261  1.00 16.88 ? 452 MET A CB  1 
ATOM   849  C CG  A MET A 1 104 ? -7.682  -10.016 -8.520  0.50 20.63 ? 452 MET A CG  1 
ATOM   850  C CG  B MET A 1 104 ? -8.420  -9.317  -10.286 0.50 20.62 ? 452 MET A CG  1 
ATOM   851  S SD  A MET A 1 104 ? -6.976  -11.549 -9.211  0.50 25.67 ? 452 MET A SD  1 
ATOM   852  S SD  B MET A 1 104 ? -7.987  -11.058 -10.481 0.50 23.59 ? 452 MET A SD  1 
ATOM   853  C CE  A MET A 1 104 ? -8.364  -12.321 -9.804  0.50 23.01 ? 452 MET A CE  1 
ATOM   854  C CE  B MET A 1 104 ? -9.180  -11.776 -9.456  0.50 22.24 ? 452 MET A CE  1 
ATOM   855  N N   . ARG A 1 105 ? -6.227  -5.967  -10.226 1.00 15.73 ? 453 ARG A N   1 
ATOM   856  C CA  . ARG A 1 105 ? -6.252  -4.808  -11.116 1.00 16.47 ? 453 ARG A CA  1 
ATOM   857  C C   . ARG A 1 105 ? -4.930  -4.584  -11.800 1.00 18.09 ? 453 ARG A C   1 
ATOM   858  O O   . ARG A 1 105 ? -4.909  -4.231  -12.985 1.00 20.58 ? 453 ARG A O   1 
ATOM   859  C CB  . ARG A 1 105 ? -6.616  -3.517  -10.378 1.00 17.15 ? 453 ARG A CB  1 
ATOM   860  C CG  . ARG A 1 105 ? -7.952  -3.519  -9.703  1.00 19.49 ? 453 ARG A CG  1 
ATOM   861  C CD  . ARG A 1 105 ? -9.049  -3.599  -10.752 1.00 22.30 ? 453 ARG A CD  1 
ATOM   862  N NE  . ARG A 1 105 ? -10.350 -3.301  -10.179 1.00 25.10 ? 453 ARG A NE  1 
ATOM   863  C CZ  . ARG A 1 105 ? -11.491 -3.425  -10.849 1.00 34.98 ? 453 ARG A CZ  1 
ATOM   864  N NH1 . ARG A 1 105 ? -11.488 -3.863  -12.102 1.00 29.46 ? 453 ARG A NH1 1 
ATOM   865  N NH2 . ARG A 1 105 ? -12.641 -3.130  -10.267 1.00 28.75 ? 453 ARG A NH2 1 
ATOM   866  N N   . PHE A 1 106 ? -3.818  -4.749  -11.071 1.00 14.22 ? 454 PHE A N   1 
ATOM   867  C CA  . PHE A 1 106 ? -2.500  -4.513  -11.633 1.00 14.29 ? 454 PHE A CA  1 
ATOM   868  C C   . PHE A 1 106 ? -2.186  -5.503  -12.769 1.00 19.46 ? 454 PHE A C   1 
ATOM   869  O O   . PHE A 1 106 ? -1.536  -5.128  -13.746 1.00 22.22 ? 454 PHE A O   1 
ATOM   870  C CB  . PHE A 1 106 ? -1.443  -4.580  -10.518 1.00 15.55 ? 454 PHE A CB  1 
ATOM   871  C CG  . PHE A 1 106 ? -0.090  -4.021  -10.879 1.00 16.33 ? 454 PHE A CG  1 
ATOM   872  C CD1 . PHE A 1 106 ? 0.084   -2.651  -11.094 1.00 17.29 ? 454 PHE A CD1 1 
ATOM   873  C CD2 . PHE A 1 106 ? 1.032   -4.843  -10.908 1.00 19.06 ? 454 PHE A CD2 1 
ATOM   874  C CE1 . PHE A 1 106 ? 1.353   -2.125  -11.365 1.00 17.84 ? 454 PHE A CE1 1 
ATOM   875  C CE2 . PHE A 1 106 ? 2.309   -4.309  -11.148 1.00 20.73 ? 454 PHE A CE2 1 
ATOM   876  C CZ  . PHE A 1 106 ? 2.452   -2.953  -11.394 1.00 18.61 ? 454 PHE A CZ  1 
ATOM   877  N N   . ALA A 1 107 ? -2.679  -6.753  -12.653 1.00 16.79 ? 455 ALA A N   1 
ATOM   878  C CA  . ALA A 1 107 ? -2.456  -7.771  -13.688 1.00 17.06 ? 455 ALA A CA  1 
ATOM   879  C C   . ALA A 1 107 ? -3.214  -7.476  -14.966 1.00 22.60 ? 455 ALA A C   1 
ATOM   880  O O   . ALA A 1 107 ? -2.762  -7.882  -16.038 1.00 23.18 ? 455 ALA A O   1 
ATOM   881  C CB  . ALA A 1 107 ? -2.905  -9.140  -13.168 1.00 17.20 ? 455 ALA A CB  1 
ATOM   882  N N   . LYS A 1 108 ? -4.375  -6.841  -14.845 1.00 22.64 ? 456 LYS A N   1 
ATOM   883  C CA  . LYS A 1 108 ? -5.320  -6.639  -15.965 1.00 24.85 ? 456 LYS A CA  1 
ATOM   884  C C   . LYS A 1 108 ? -5.239  -5.276  -16.621 1.00 34.86 ? 456 LYS A C   1 
ATOM   885  O O   . LYS A 1 108 ? -6.004  -5.019  -17.553 1.00 37.23 ? 456 LYS A O   1 
ATOM   886  C CB  . LYS A 1 108 ? -6.757  -6.925  -15.482 1.00 26.52 ? 456 LYS A CB  1 
ATOM   887  C CG  . LYS A 1 108 ? -7.006  -8.389  -15.152 1.00 31.25 ? 456 LYS A CG  1 
ATOM   888  C CD  . LYS A 1 108 ? -8.466  -8.642  -14.779 1.00 32.29 ? 456 LYS A CD  1 
ATOM   889  C CE  . LYS A 1 108 ? -8.604  -9.983  -14.121 1.00 38.91 ? 456 LYS A CE  1 
ATOM   890  N NZ  . LYS A 1 108 ? -9.945  -10.206 -13.515 1.00 43.79 ? 456 LYS A NZ  1 
ATOM   891  N N   . MET A 1 109 ? -4.325  -4.408  -16.171 1.00 32.65 ? 457 MET A N   1 
ATOM   892  C CA  . MET A 1 109 ? -4.200  -3.066  -16.740 1.00 49.04 ? 457 MET A CA  1 
ATOM   893  C C   . MET A 1 109 ? -3.556  -3.042  -18.132 1.00 92.03 ? 457 MET A C   1 
ATOM   894  O O   . MET A 1 109 ? -2.682  -3.849  -18.432 1.00 62.03 ? 457 MET A O   1 
ATOM   895  C CB  . MET A 1 109 ? -3.489  -2.115  -15.774 1.00 50.86 ? 457 MET A CB  1 
ATOM   896  C CG  . MET A 1 109 ? -2.052  -2.447  -15.470 1.00 53.73 ? 457 MET A CG  1 
ATOM   897  S SD  . MET A 1 109 ? -1.316  -1.127  -14.474 1.00 56.71 ? 457 MET A SD  1 
ATOM   898  C CE  . MET A 1 109 ? -0.792  -0.040  -15.765 1.00 52.79 ? 457 MET A CE  1 
HETATM 899  C C4  . 89G B 2 .   ? -5.131  -4.516  15.352  1.00 29.11 ? 501 89G A C4  1 
HETATM 900  C C5  . 89G B 2 .   ? -3.742  0.853   14.737  1.00 26.28 ? 501 89G A C5  1 
HETATM 901  C C6  . 89G B 2 .   ? -1.603  0.588   13.675  1.00 28.47 ? 501 89G A C6  1 
HETATM 902  C C7  . 89G B 2 .   ? -5.477  -3.795  12.708  1.00 25.36 ? 501 89G A C7  1 
HETATM 903  C C8  . 89G B 2 .   ? -4.299  -3.569  14.791  1.00 27.38 ? 501 89G A C8  1 
HETATM 904  C C10 . 89G B 2 .   ? -2.046  -0.611  13.154  1.00 23.65 ? 501 89G A C10 1 
HETATM 905  C C13 . 89G B 2 .   ? 0.495   -3.152  12.131  1.00 19.12 ? 501 89G A C13 1 
HETATM 906  C C15 . 89G B 2 .   ? -0.401  -2.496  12.904  1.00 20.32 ? 501 89G A C15 1 
HETATM 907  C C17 . 89G B 2 .   ? -0.124  -1.355  8.864   1.00 19.43 ? 501 89G A C17 1 
HETATM 908  C C1  . 89G B 2 .   ? -6.117  -5.110  14.589  1.00 27.97 ? 501 89G A C1  1 
HETATM 909  C C2  . 89G B 2 .   ? -2.462  1.312   14.486  1.00 30.20 ? 501 89G A C2  1 
HETATM 910  C C3  . 89G B 2 .   ? -6.287  -4.762  13.264  1.00 26.97 ? 501 89G A C3  1 
HETATM 911  C C9  . 89G B 2 .   ? -4.192  -0.337  14.200  1.00 26.39 ? 501 89G A C9  1 
HETATM 912  C C11 . 89G B 2 .   ? -4.494  -3.200  13.473  1.00 24.54 ? 501 89G A C11 1 
HETATM 913  C C12 . 89G B 2 .   ? -3.322  -1.077  13.412  1.00 24.59 ? 501 89G A C12 1 
HETATM 914  C C14 . 89G B 2 .   ? -1.135  -1.384  12.276  1.00 20.46 ? 501 89G A C14 1 
HETATM 915  C C16 . 89G B 2 .   ? 0.632   -2.767  10.693  1.00 16.53 ? 501 89G A C16 1 
HETATM 916  C C18 . 89G B 2 .   ? -0.108  -3.994  14.631  1.00 23.57 ? 501 89G A C18 1 
HETATM 917  N N19 . 89G B 2 .   ? -1.036  -1.038  11.035  1.00 19.17 ? 501 89G A N19 1 
HETATM 918  N N20 . 89G B 2 .   ? -0.189  -1.758  10.256  1.00 19.05 ? 501 89G A N20 1 
HETATM 919  O O21 . 89G B 2 .   ? 1.432   -3.360  9.965   1.00 16.79 ? 501 89G A O21 1 
HETATM 920  O O22 . 89G B 2 .   ? -3.690  -2.279  12.819  1.00 23.20 ? 501 89G A O22 1 
HETATM 921  O O23 . 89G B 2 .   ? -0.661  -2.733  14.253  1.00 21.93 ? 501 89G A O23 1 
HETATM 922  O O   . HOH C 3 .   ? 1.774   0.769   5.692   1.00 20.70 ? 601 HOH A O   1 
HETATM 923  O O   . HOH C 3 .   ? -10.712 1.585   1.145   1.00 19.51 ? 602 HOH A O   1 
HETATM 924  O O   . HOH C 3 .   ? 6.474   -9.919  0.241   1.00 19.15 ? 603 HOH A O   1 
HETATM 925  O O   . HOH C 3 .   ? -6.545  -13.823 -0.550  1.00 50.85 ? 604 HOH A O   1 
HETATM 926  O O   . HOH C 3 .   ? 7.880   -6.513  -1.830  1.00 27.72 ? 605 HOH A O   1 
HETATM 927  O O   . HOH C 3 .   ? 3.886   -12.367 9.229   1.00 28.24 ? 606 HOH A O   1 
HETATM 928  O O   . HOH C 3 .   ? 3.276   -2.534  8.160   1.00 16.68 ? 607 HOH A O   1 
HETATM 929  O O   . HOH C 3 .   ? -3.838  9.758   -7.907  1.00 41.02 ? 608 HOH A O   1 
HETATM 930  O O   . HOH C 3 .   ? 7.135   -3.632  -9.634  1.00 27.68 ? 609 HOH A O   1 
HETATM 931  O O   . HOH C 3 .   ? 4.655   5.218   5.337   1.00 22.42 ? 610 HOH A O   1 
HETATM 932  O O   . HOH C 3 .   ? 8.373   -3.797  -3.238  1.00 29.94 ? 611 HOH A O   1 
HETATM 933  O O   . HOH C 3 .   ? -12.561 -3.002  10.015  1.00 41.96 ? 612 HOH A O   1 
HETATM 934  O O   . HOH C 3 .   ? -12.210 0.750   -9.723  1.00 29.72 ? 613 HOH A O   1 
HETATM 935  O O   . HOH C 3 .   ? -1.860  11.145  -7.000  1.00 50.13 ? 614 HOH A O   1 
HETATM 936  O O   . HOH C 3 .   ? -2.348  -6.515  -18.369 1.00 48.72 ? 615 HOH A O   1 
HETATM 937  O O   . HOH C 3 .   ? 9.968   3.999   -2.117  1.00 33.67 ? 616 HOH A O   1 
HETATM 938  O O   . HOH C 3 .   ? 2.181   -1.837  5.810   1.00 20.18 ? 617 HOH A O   1 
HETATM 939  O O   . HOH C 3 .   ? -11.843 6.189   -3.590  1.00 29.97 ? 618 HOH A O   1 
HETATM 940  O O   . HOH C 3 .   ? 1.862   12.423  1.645   1.00 46.10 ? 619 HOH A O   1 
HETATM 941  O O   . HOH C 3 .   ? 4.754   0.822   6.276   1.00 18.89 ? 620 HOH A O   1 
HETATM 942  O O   . HOH C 3 .   ? 5.959   12.988  -2.429  1.00 52.87 ? 621 HOH A O   1 
HETATM 943  O O   . HOH C 3 .   ? 0.264   15.832  -3.381  1.00 46.95 ? 622 HOH A O   1 
HETATM 944  O O   . HOH C 3 .   ? 5.187   -4.841  19.906  1.00 38.03 ? 623 HOH A O   1 
HETATM 945  O O   . HOH C 3 .   ? 9.392   10.766  -1.656  1.00 54.85 ? 624 HOH A O   1 
HETATM 946  O O   . HOH C 3 .   ? 9.335   -4.720  3.172   1.00 38.38 ? 625 HOH A O   1 
HETATM 947  O O   . HOH C 3 .   ? -16.122 -5.313  0.816   1.00 38.75 ? 626 HOH A O   1 
HETATM 948  O O   . HOH C 3 .   ? 5.327   9.498   4.219   1.00 51.08 ? 627 HOH A O   1 
HETATM 949  O O   . HOH C 3 .   ? 0.055   9.995   -16.221 1.00 57.11 ? 628 HOH A O   1 
HETATM 950  O O   . HOH C 3 .   ? 9.549   0.719   -4.012  1.00 30.23 ? 629 HOH A O   1 
HETATM 951  O O   . HOH C 3 .   ? -10.844 3.551   -9.676  1.00 25.66 ? 630 HOH A O   1 
HETATM 952  O O   . HOH C 3 .   ? 9.221   2.267   -6.361  1.00 29.62 ? 631 HOH A O   1 
HETATM 953  O O   . HOH C 3 .   ? -2.468  13.882  -1.988  1.00 55.94 ? 632 HOH A O   1 
HETATM 954  O O   . HOH C 3 .   ? 2.800   15.380  -4.084  1.00 32.47 ? 633 HOH A O   1 
HETATM 955  O O   . HOH C 3 .   ? 5.182   3.308   20.052  1.00 36.12 ? 634 HOH A O   1 
HETATM 956  O O   . HOH C 3 .   ? 2.138   10.171  -11.879 1.00 30.27 ? 635 HOH A O   1 
HETATM 957  O O   . HOH C 3 .   ? 11.481  1.705   -14.183 1.00 50.29 ? 636 HOH A O   1 
HETATM 958  O O   . HOH C 3 .   ? 11.144  3.150   -16.933 1.00 51.20 ? 637 HOH A O   1 
HETATM 959  O O   . HOH C 3 .   ? 8.506   -8.165  14.065  1.00 42.19 ? 638 HOH A O   1 
HETATM 960  O O   . HOH C 3 .   ? -17.138 1.200   3.922   1.00 41.78 ? 639 HOH A O   1 
HETATM 961  O O   . HOH C 3 .   ? 11.064  9.192   -5.260  1.00 59.50 ? 640 HOH A O   1 
HETATM 962  O O   . HOH C 3 .   ? -14.637 -6.334  -1.236  1.00 40.03 ? 641 HOH A O   1 
HETATM 963  O O   . HOH C 3 .   ? -1.857  1.634   10.469  1.00 25.07 ? 642 HOH A O   1 
HETATM 964  O O   . HOH C 3 .   ? 9.756   13.671  -11.817 1.00 23.30 ? 643 HOH A O   1 
HETATM 965  O O   . HOH C 3 .   ? 10.157  4.343   2.532   1.00 37.56 ? 644 HOH A O   1 
HETATM 966  O O   . HOH C 3 .   ? 6.642   -11.518 11.348  1.00 46.27 ? 645 HOH A O   1 
HETATM 967  O O   . HOH C 3 .   ? 5.086   -7.338  15.577  1.00 28.21 ? 646 HOH A O   1 
HETATM 968  O O   . HOH C 3 .   ? 6.737   8.538   -17.129 1.00 46.83 ? 647 HOH A O   1 
HETATM 969  O O   . HOH C 3 .   ? 0.053   2.155   7.130   1.00 19.73 ? 648 HOH A O   1 
HETATM 970  O O   . HOH C 3 .   ? -10.538 -7.986  -1.304  1.00 22.31 ? 649 HOH A O   1 
HETATM 971  O O   . HOH C 3 .   ? 6.400   -6.423  18.028  1.00 39.61 ? 650 HOH A O   1 
HETATM 972  O O   . HOH C 3 .   ? -7.300  -12.388 4.342   1.00 27.89 ? 651 HOH A O   1 
HETATM 973  O O   . HOH C 3 .   ? -10.622 6.929   1.516   1.00 41.31 ? 652 HOH A O   1 
HETATM 974  O O   . HOH C 3 .   ? -7.261  -3.062  -13.862 1.00 32.87 ? 653 HOH A O   1 
HETATM 975  O O   . HOH C 3 .   ? 10.920  -1.781  4.773   1.00 22.03 ? 654 HOH A O   1 
HETATM 976  O O   . HOH C 3 .   ? -0.069  -8.555  -16.058 1.00 41.17 ? 655 HOH A O   1 
HETATM 977  O O   . HOH C 3 .   ? 2.190   -6.687  15.531  1.00 22.24 ? 656 HOH A O   1 
HETATM 978  O O   . HOH C 3 .   ? 0.060   8.544   10.678  1.00 41.71 ? 657 HOH A O   1 
HETATM 979  O O   . HOH C 3 .   ? 7.592   6.666   3.555   1.00 54.15 ? 658 HOH A O   1 
HETATM 980  O O   . HOH C 3 .   ? 6.747   10.008  -14.471 1.00 40.68 ? 659 HOH A O   1 
HETATM 981  O O   . HOH C 3 .   ? 10.109  -10.729 10.308  1.00 46.46 ? 660 HOH A O   1 
HETATM 982  O O   . HOH C 3 .   ? 10.337  5.482   -8.231  1.00 48.27 ? 661 HOH A O   1 
HETATM 983  O O   . HOH C 3 .   ? -5.373  7.862   -6.804  1.00 31.51 ? 662 HOH A O   1 
HETATM 984  O O   . HOH C 3 .   ? 9.857   9.897   -11.773 1.00 30.96 ? 663 HOH A O   1 
HETATM 985  O O   . HOH C 3 .   ? -3.545  -13.258 9.512   1.00 27.53 ? 664 HOH A O   1 
HETATM 986  O O   . HOH C 3 .   ? -1.734  -5.666  17.804  1.00 33.31 ? 665 HOH A O   1 
HETATM 987  O O   . HOH C 3 .   ? -12.761 4.969   3.821   1.00 40.45 ? 666 HOH A O   1 
HETATM 988  O O   . HOH C 3 .   ? 4.437   18.489  -14.080 1.00 43.70 ? 667 HOH A O   1 
HETATM 989  O O   . HOH C 3 .   ? -12.086 -12.346 7.469   1.00 58.21 ? 668 HOH A O   1 
HETATM 990  O O   . HOH C 3 .   ? -1.141  -16.301 7.876   1.00 55.58 ? 669 HOH A O   1 
HETATM 991  O O   . HOH C 3 .   ? 9.274   -5.307  22.463  1.00 34.12 ? 670 HOH A O   1 
HETATM 992  O O   . HOH C 3 .   ? -11.964 -5.099  -7.539  1.00 39.24 ? 671 HOH A O   1 
HETATM 993  O O   . HOH C 3 .   ? 9.873   6.996   -1.172  1.00 46.76 ? 672 HOH A O   1 
HETATM 994  O O   . HOH C 3 .   ? 4.617   9.306   -11.099 1.00 23.33 ? 673 HOH A O   1 
HETATM 995  O O   . HOH C 3 .   ? 3.803   17.406  -10.049 1.00 48.22 ? 674 HOH A O   1 
HETATM 996  O O   . HOH C 3 .   ? -7.238  7.589   -13.491 1.00 44.87 ? 675 HOH A O   1 
HETATM 997  O O   . HOH C 3 .   ? 12.668  -3.425  6.257   1.00 34.23 ? 676 HOH A O   1 
HETATM 998  O O   . HOH C 3 .   ? -1.579  4.130   21.589  1.00 43.16 ? 677 HOH A O   1 
HETATM 999  O O   . HOH C 3 .   ? -4.046  4.463   8.208   1.00 23.17 ? 678 HOH A O   1 
HETATM 1000 O O   . HOH C 3 .   ? 1.843   -10.876 -8.451  1.00 19.14 ? 679 HOH A O   1 
HETATM 1001 O O   . HOH C 3 .   ? 1.026   -5.935  -14.718 1.00 51.22 ? 680 HOH A O   1 
HETATM 1002 O O   . HOH C 3 .   ? -3.039  -11.371 -2.033  1.00 50.59 ? 681 HOH A O   1 
HETATM 1003 O O   . HOH C 3 .   ? -1.917  11.894  -0.224  1.00 35.89 ? 682 HOH A O   1 
HETATM 1004 O O   . HOH C 3 .   ? 14.884  -5.419  9.863   1.00 51.13 ? 683 HOH A O   1 
HETATM 1005 O O   . HOH C 3 .   ? -15.298 9.761   -7.691  1.00 54.64 ? 684 HOH A O   1 
HETATM 1006 O O   . HOH C 3 .   ? 12.381  3.277   9.833   1.00 54.44 ? 685 HOH A O   1 
HETATM 1007 O O   . HOH C 3 .   ? 6.952   -6.921  -10.660 1.00 37.48 ? 686 HOH A O   1 
HETATM 1008 O O   . HOH C 3 .   ? 11.527  7.663   -10.448 1.00 44.31 ? 687 HOH A O   1 
HETATM 1009 O O   . HOH C 3 .   ? 5.079   11.784  -15.623 1.00 61.38 ? 688 HOH A O   1 
HETATM 1010 O O   . HOH C 3 .   ? 4.057   3.554   7.342   1.00 21.90 ? 689 HOH A O   1 
HETATM 1011 O O   . HOH C 3 .   ? 10.037  4.807   -5.672  1.00 37.69 ? 690 HOH A O   1 
HETATM 1012 O O   . HOH C 3 .   ? -9.983  -8.877  7.454   1.00 46.45 ? 691 HOH A O   1 
HETATM 1013 O O   . HOH C 3 .   ? -8.658  -9.511  9.747   1.00 38.82 ? 692 HOH A O   1 
HETATM 1014 O O   . HOH C 3 .   ? -9.517  -6.032  -8.165  1.00 36.80 ? 693 HOH A O   1 
HETATM 1015 O O   . HOH C 3 .   ? -4.972  -9.810  15.682  1.00 31.09 ? 694 HOH A O   1 
HETATM 1016 O O   . HOH C 3 .   ? 8.668   2.727   16.032  1.00 38.64 ? 695 HOH A O   1 
HETATM 1017 O O   . HOH C 3 .   ? -2.280  5.391   10.242  1.00 31.85 ? 696 HOH A O   1 
HETATM 1018 O O   . HOH C 3 .   ? -6.453  -7.440  -19.184 1.00 41.84 ? 697 HOH A O   1 
HETATM 1019 O O   . HOH C 3 .   ? -16.848 2.067   -3.103  1.00 25.50 ? 698 HOH A O   1 
HETATM 1020 O O   . HOH C 3 .   ? -9.332  -4.836  -13.909 1.00 46.40 ? 699 HOH A O   1 
HETATM 1021 O O   . HOH C 3 .   ? 7.068   -5.062  -7.400  1.00 22.54 ? 700 HOH A O   1 
HETATM 1022 O O   . HOH C 3 .   ? 5.271   4.714   9.499   1.00 28.53 ? 701 HOH A O   1 
HETATM 1023 O O   . HOH C 3 .   ? 2.552   -4.312  17.039  1.00 28.47 ? 702 HOH A O   1 
HETATM 1024 O O   . HOH C 3 .   ? 1.643   10.545  3.576   1.00 33.95 ? 703 HOH A O   1 
HETATM 1025 O O   . HOH C 3 .   ? 0.974   -12.929 2.478   1.00 30.21 ? 704 HOH A O   1 
HETATM 1026 O O   . HOH C 3 .   ? 9.672   2.916   9.862   1.00 50.83 ? 705 HOH A O   1 
HETATM 1027 O O   . HOH C 3 .   ? -11.468 -9.283  -11.095 1.00 56.93 ? 706 HOH A O   1 
HETATM 1028 O O   . HOH C 3 .   ? 9.540   -5.297  -11.717 1.00 58.81 ? 707 HOH A O   1 
HETATM 1029 O O   . HOH C 3 .   ? -4.630  10.614  0.722   1.00 48.69 ? 708 HOH A O   1 
HETATM 1030 O O   . HOH C 3 .   ? 5.940   5.278   -22.894 1.00 57.89 ? 709 HOH A O   1 
HETATM 1031 O O   . HOH C 3 .   ? -0.503  9.518   -12.069 1.00 44.27 ? 710 HOH A O   1 
HETATM 1032 O O   . HOH C 3 .   ? 6.013   -0.452  -16.110 1.00 33.87 ? 711 HOH A O   1 
HETATM 1033 O O   . HOH C 3 .   ? -1.626  3.673   12.194  1.00 31.14 ? 712 HOH A O   1 
HETATM 1034 O O   . HOH C 3 .   ? -4.007  -13.391 16.306  1.00 66.77 ? 713 HOH A O   1 
HETATM 1035 O O   . HOH C 3 .   ? -11.564 -6.548  7.647   1.00 45.41 ? 714 HOH A O   1 
HETATM 1036 O O   . HOH C 3 .   ? -12.856 1.975   7.749   1.00 41.14 ? 715 HOH A O   1 
HETATM 1037 O O   . HOH C 3 .   ? -16.262 4.739   -2.953  1.00 32.01 ? 716 HOH A O   1 
HETATM 1038 O O   . HOH C 3 .   ? -5.433  -14.461 5.561   1.00 38.90 ? 717 HOH A O   1 
HETATM 1039 O O   . HOH C 3 .   ? 4.095   -2.696  -16.267 1.00 53.56 ? 718 HOH A O   1 
HETATM 1040 O O   . HOH C 3 .   ? -2.057  -0.072  18.177  1.00 51.44 ? 719 HOH A O   1 
HETATM 1041 O O   . HOH C 3 .   ? -7.432  10.021  -0.615  1.00 51.37 ? 720 HOH A O   1 
HETATM 1042 O O   . HOH C 3 .   ? -10.878 -3.716  12.021  1.00 66.00 ? 721 HOH A O   1 
HETATM 1043 O O   . HOH C 3 .   ? -0.118  -12.186 -0.041  1.00 39.98 ? 722 HOH A O   1 
HETATM 1044 O O   . HOH C 3 .   ? -13.286 -6.358  -5.509  1.00 42.71 ? 723 HOH A O   1 
HETATM 1045 O O   . HOH C 3 .   ? 9.524   15.899  -7.781  1.00 51.02 ? 724 HOH A O   1 
HETATM 1046 O O   . HOH C 3 .   ? -1.518  -12.227 16.314  1.00 45.47 ? 725 HOH A O   1 
HETATM 1047 O O   . HOH C 3 .   ? -10.282 -6.715  -10.694 1.00 50.35 ? 726 HOH A O   1 
HETATM 1048 O O   . HOH C 3 .   ? 10.437  -9.079  12.400  1.00 57.42 ? 727 HOH A O   1 
HETATM 1049 O O   . HOH C 3 .   ? 14.531  4.503   -18.810 1.00 69.75 ? 728 HOH A O   1 
HETATM 1050 O O   . HOH C 3 .   ? 10.359  -0.599  -10.245 1.00 58.42 ? 729 HOH A O   1 
HETATM 1051 O O   . HOH C 3 .   ? 12.352  5.379   3.747   1.00 53.14 ? 730 HOH A O   1 
HETATM 1052 O O   . HOH C 3 .   ? 17.515  2.937   -13.534 1.00 47.50 ? 731 HOH A O   1 
HETATM 1053 O O   . HOH C 3 .   ? 8.898   5.390   18.107  1.00 58.12 ? 732 HOH A O   1 
HETATM 1054 O O   . HOH C 3 .   ? -13.244 6.961   -11.686 1.00 64.90 ? 733 HOH A O   1 
HETATM 1055 O O   . HOH C 3 .   ? -7.426  8.511   -4.721  1.00 30.96 ? 734 HOH A O   1 
HETATM 1056 O O   . HOH C 3 .   ? -0.517  10.961  5.133   1.00 42.79 ? 735 HOH A O   1 
HETATM 1057 O O   . HOH C 3 .   ? 1.838   -18.131 4.494   1.00 42.18 ? 736 HOH A O   1 
HETATM 1058 O O   . HOH C 3 .   ? 3.100   17.340  -6.057  1.00 47.54 ? 737 HOH A O   1 
HETATM 1059 O O   . HOH C 3 .   ? 9.822   -3.229  -9.974  1.00 47.75 ? 738 HOH A O   1 
HETATM 1060 O O   . HOH C 3 .   ? 15.562  0.993   -16.524 1.00 58.39 ? 739 HOH A O   1 
HETATM 1061 O O   . HOH C 3 .   ? 6.876   -11.153 14.106  1.00 56.05 ? 740 HOH A O   1 
HETATM 1062 O O   . HOH C 3 .   ? 5.545   9.303   -19.458 1.00 94.13 ? 741 HOH A O   1 
HETATM 1063 O O   . HOH C 3 .   ? 4.565   -8.165  -13.886 1.00 59.41 ? 742 HOH A O   1 
HETATM 1064 O O   . HOH C 3 .   ? -8.374  -2.448  -16.253 1.00 39.92 ? 743 HOH A O   1 
HETATM 1065 O O   . HOH C 3 .   ? 1.270   9.745   -24.026 1.00 60.26 ? 744 HOH A O   1 
HETATM 1066 O O   . HOH C 3 .   ? -4.086  -18.350 5.756   1.00 55.37 ? 745 HOH A O   1 
HETATM 1067 O O   . HOH C 3 .   ? -0.214  -3.916  21.240  1.00 53.98 ? 746 HOH A O   1 
HETATM 1068 O O   . HOH C 3 .   ? 11.260  3.533   0.163   1.00 48.25 ? 747 HOH A O   1 
HETATM 1069 O O   . HOH C 3 .   ? -8.988  7.541   -11.429 1.00 42.49 ? 748 HOH A O   1 
HETATM 1070 O O   . HOH C 3 .   ? 1.565   -3.325  -15.299 1.00 67.54 ? 749 HOH A O   1 
HETATM 1071 O O   . HOH C 3 .   ? -7.218  -12.920 11.299  1.00 47.40 ? 750 HOH A O   1 
HETATM 1072 O O   . HOH C 3 .   ? 0.343   -3.806  18.569  1.00 38.12 ? 751 HOH A O   1 
HETATM 1073 O O   . HOH C 3 .   ? 1.382   -8.480  17.409  1.00 34.96 ? 752 HOH A O   1 
HETATM 1074 O O   . HOH C 3 .   ? 12.647  1.109   -0.767  1.00 55.39 ? 753 HOH A O   1 
HETATM 1075 O O   . HOH C 3 .   ? 11.666  5.533   -18.333 1.00 50.93 ? 754 HOH A O   1 
HETATM 1076 O O   . HOH C 3 .   ? 14.020  7.177   -19.001 1.00 37.60 ? 755 HOH A O   1 
HETATM 1077 O O   . HOH C 3 .   ? -6.137  6.504   8.600   1.00 37.78 ? 756 HOH A O   1 
HETATM 1078 O O   . HOH C 3 .   ? 5.042   15.559  -2.558  1.00 46.57 ? 757 HOH A O   1 
HETATM 1079 O O   . HOH C 3 .   ? -4.668  -8.675  18.149  1.00 65.15 ? 758 HOH A O   1 
HETATM 1080 O O   . HOH C 3 .   ? 6.177   7.397   5.933   1.00 33.78 ? 759 HOH A O   1 
HETATM 1081 O O   . HOH C 3 .   ? -2.875  -2.634  17.836  1.00 49.91 ? 760 HOH A O   1 
HETATM 1082 O O   . HOH C 3 .   ? -12.160 -10.103 12.626  1.00 58.69 ? 761 HOH A O   1 
HETATM 1083 O O   . HOH C 3 .   ? 1.964   -4.592  22.760  1.00 39.60 ? 762 HOH A O   1 
HETATM 1084 O O   . HOH C 3 .   ? 2.430   -17.937 7.157   1.00 60.04 ? 763 HOH A O   1 
HETATM 1085 O O   . HOH C 3 .   ? -12.165 4.512   7.130   1.00 52.61 ? 764 HOH A O   1 
HETATM 1086 O O   . HOH C 3 .   ? -7.120  8.604   4.206   1.00 42.62 ? 765 HOH A O   1 
HETATM 1087 O O   . HOH C 3 .   ? 5.603   -9.624  16.983  1.00 52.61 ? 766 HOH A O   1 
HETATM 1088 O O   . HOH C 3 .   ? -0.435  -10.445 18.033  1.00 48.03 ? 767 HOH A O   1 
HETATM 1089 O O   . HOH C 3 .   ? -11.364 2.589   11.653  1.00 57.40 ? 768 HOH A O   1 
HETATM 1090 O O   . HOH C 3 .   ? 5.255   -14.197 15.342  1.00 52.41 ? 769 HOH A O   1 
HETATM 1091 O O   . HOH C 3 .   ? 11.353  1.160   -7.889  1.00 36.94 ? 770 HOH A O   1 
HETATM 1092 O O   . HOH C 3 .   ? 12.447  -2.535  2.263   1.00 48.35 ? 771 HOH A O   1 
HETATM 1093 O O   . HOH C 3 .   ? -3.335  7.748   11.340  1.00 60.05 ? 772 HOH A O   1 
HETATM 1094 O O   . HOH C 3 .   ? 5.863   18.280  -6.830  1.00 67.58 ? 773 HOH A O   1 
HETATM 1095 O O   . HOH C 3 .   ? -9.972  4.740   9.108   1.00 61.73 ? 774 HOH A O   1 
HETATM 1096 O O   . HOH C 3 .   ? 8.572   7.960   0.988   1.00 59.29 ? 775 HOH A O   1 
HETATM 1097 O O   . HOH C 3 .   ? 11.071  -4.640  1.060   1.00 49.35 ? 776 HOH A O   1 
HETATM 1098 O O   . HOH C 3 .   ? -7.291  -0.703  15.833  1.00 45.78 ? 777 HOH A O   1 
HETATM 1099 O O   . HOH C 3 .   ? 0.309   11.904  7.516   1.00 56.11 ? 778 HOH A O   1 
HETATM 1100 O O   . HOH C 3 .   ? -9.872  8.213   3.783   1.00 56.80 ? 779 HOH A O   1 
HETATM 1101 O O   . HOH C 3 .   ? -7.212  8.364   6.922   1.00 44.93 ? 780 HOH A O   1 
HETATM 1102 O O   . HOH C 3 .   ? -5.522  -1.427  17.794  1.00 53.78 ? 781 HOH A O   1 
HETATM 1103 O O   . HOH C 3 .   ? -4.539  11.165  13.543  1.00 58.69 ? 782 HOH A O   1 
HETATM 1104 O O   . HOH C 3 .   ? -7.568  2.000   15.482  1.00 55.19 ? 783 HOH A O   1 
# 
